data_2GGJ
#
_entry.id   2GGJ
#
_cell.length_a   116.514
_cell.length_b   116.514
_cell.length_c   120.233
_cell.angle_alpha   90.00
_cell.angle_beta   90.00
_cell.angle_gamma   90.00
#
_symmetry.space_group_name_H-M   'P 4'
#
loop_
_entity.id
_entity.type
_entity.pdbx_description
1 polymer 'N-acylamino acid racemase'
2 water water
#
_entity_poly.entity_id   1
_entity_poly.type   'polypeptide(L)'
_entity_poly.pdbx_seq_one_letter_code
;MAHTGRMFKIEAAEIVVARLPLKFRFETSFGVQTHKVVPLLILHGEGVQGVAEGTMEARPMYREETIAGALDLLRGTFLP
AILGQTFANPEAVSDALGSYRGNRMARAMVEMAAWDLWARTLGVPLGTLLGGHKEQVEVGVSLGIQADEQATVDLVRRHV
EQGYRRIKLKIKPGWDVQPVRATREAFPDIRLTVDANSAYTLADAGRLRQLDEYDLTCIEQPLAWDDLVDHAELARRIRT
PLCLDESVASASDARKALALGAGGVINLKVARVGGHAESRRVHDVAQSFGAPVWCGGMLESGIGRAHNIHLSTLSNFRLP
GDTSSASRYWERDLIQEPLEAVDGLMPVPQGPGTGVTLDREFLATVTEAQEEHRA
;
_entity_poly.pdbx_strand_id   A,B,C,D
#
# COMPACT_ATOMS: atom_id res chain seq x y z
N ARG A 6 32.96 -15.41 -29.98
CA ARG A 6 34.25 -15.72 -29.29
C ARG A 6 33.99 -15.86 -27.79
N MET A 7 35.03 -16.20 -27.02
CA MET A 7 34.96 -16.40 -25.57
C MET A 7 34.89 -15.11 -24.80
N PHE A 8 34.39 -15.17 -23.57
CA PHE A 8 34.34 -13.98 -22.72
C PHE A 8 35.26 -14.08 -21.51
N LYS A 9 35.85 -12.94 -21.19
CA LYS A 9 36.77 -12.79 -20.09
C LYS A 9 36.04 -12.05 -18.99
N ILE A 10 36.06 -12.60 -17.77
CA ILE A 10 35.48 -11.85 -16.64
C ILE A 10 36.51 -10.96 -15.91
N GLU A 11 36.42 -9.64 -16.09
CA GLU A 11 37.42 -8.72 -15.54
C GLU A 11 37.18 -8.29 -14.09
N ALA A 12 35.93 -8.03 -13.75
CA ALA A 12 35.57 -7.44 -12.46
C ALA A 12 34.20 -7.90 -12.00
N ALA A 13 33.90 -7.65 -10.74
CA ALA A 13 32.65 -8.08 -10.18
C ALA A 13 32.34 -7.09 -9.10
N GLU A 14 31.08 -6.72 -8.98
CA GLU A 14 30.63 -5.94 -7.84
C GLU A 14 29.58 -6.71 -7.09
N ILE A 15 29.64 -6.63 -5.77
CA ILE A 15 28.57 -7.13 -4.97
C ILE A 15 27.93 -5.90 -4.41
N VAL A 16 26.64 -5.72 -4.70
CA VAL A 16 25.90 -4.59 -4.13
C VAL A 16 24.73 -5.12 -3.34
N VAL A 17 24.63 -4.69 -2.10
CA VAL A 17 23.53 -5.11 -1.27
C VAL A 17 22.65 -3.88 -1.02
N ALA A 18 21.40 -3.98 -1.44
CA ALA A 18 20.47 -2.87 -1.38
C ALA A 18 19.31 -3.21 -0.46
N ARG A 19 18.74 -2.18 0.18
CA ARG A 19 17.58 -2.35 1.04
C ARG A 19 16.44 -1.60 0.40
N LEU A 20 15.62 -2.34 -0.32
CA LEU A 20 14.56 -1.78 -1.13
C LEU A 20 13.26 -1.67 -0.33
N PRO A 21 12.63 -0.48 -0.33
CA PRO A 21 11.37 -0.26 0.42
C PRO A 21 10.23 -1.07 -0.16
N LEU A 22 9.56 -1.87 0.69
CA LEU A 22 8.35 -2.59 0.26
C LEU A 22 7.20 -1.61 0.11
N LYS A 23 5.97 -2.12 0.10
CA LYS A 23 4.85 -1.28 -0.31
C LYS A 23 3.58 -1.75 0.39
N THR A 34 8.90 -4.15 6.01
CA THR A 34 9.33 -2.79 5.70
C THR A 34 10.23 -2.72 4.46
N HIS A 35 11.28 -3.54 4.46
CA HIS A 35 12.27 -3.53 3.38
C HIS A 35 12.65 -4.97 3.01
N LYS A 36 13.15 -5.14 1.78
CA LYS A 36 13.75 -6.40 1.39
C LYS A 36 15.21 -6.10 1.13
N VAL A 37 16.09 -6.94 1.66
CA VAL A 37 17.49 -6.86 1.36
C VAL A 37 17.70 -7.50 0.01
N VAL A 38 18.20 -6.73 -0.96
CA VAL A 38 18.45 -7.26 -2.31
C VAL A 38 19.94 -7.39 -2.61
N PRO A 39 20.49 -8.64 -2.63
CA PRO A 39 21.91 -8.84 -2.92
C PRO A 39 22.13 -8.94 -4.41
N LEU A 40 22.98 -8.09 -4.95
CA LEU A 40 23.25 -8.15 -6.39
C LEU A 40 24.71 -8.42 -6.68
N LEU A 41 24.92 -9.28 -7.68
CA LEU A 41 26.21 -9.50 -8.29
C LEU A 41 26.19 -8.95 -9.75
N ILE A 42 27.20 -8.14 -10.06
CA ILE A 42 27.41 -7.58 -11.38
C ILE A 42 28.74 -8.05 -11.90
N LEU A 43 28.74 -8.77 -13.02
CA LEU A 43 29.98 -9.24 -13.63
C LEU A 43 30.26 -8.38 -14.86
N HIS A 44 31.51 -7.99 -15.04
CA HIS A 44 31.95 -7.10 -16.13
C HIS A 44 32.90 -7.81 -17.04
N GLY A 45 32.77 -7.64 -18.35
CA GLY A 45 33.78 -8.12 -19.30
C GLY A 45 33.36 -7.85 -20.73
N GLU A 46 34.32 -7.84 -21.65
CA GLU A 46 34.04 -7.54 -23.07
C GLU A 46 33.24 -6.24 -23.27
N GLY A 47 33.42 -5.30 -22.33
CA GLY A 47 32.72 -4.00 -22.40
C GLY A 47 31.22 -4.07 -22.11
N VAL A 48 30.74 -5.22 -21.68
CA VAL A 48 29.37 -5.32 -21.17
C VAL A 48 29.37 -5.87 -19.76
N GLN A 49 28.18 -6.07 -19.22
CA GLN A 49 28.06 -6.47 -17.84
C GLN A 49 26.80 -7.29 -17.67
N GLY A 50 26.88 -8.31 -16.84
CA GLY A 50 25.72 -9.15 -16.55
C GLY A 50 25.41 -8.96 -15.08
N VAL A 51 24.13 -9.03 -14.74
CA VAL A 51 23.65 -8.74 -13.40
C VAL A 51 22.71 -9.83 -12.93
N ALA A 52 22.70 -10.08 -11.62
CA ALA A 52 21.86 -11.12 -11.04
C ALA A 52 21.60 -10.84 -9.55
N GLU A 53 20.57 -11.49 -9.01
CA GLU A 53 20.00 -11.14 -7.70
C GLU A 53 19.99 -12.36 -6.76
N GLY A 54 20.59 -12.26 -5.58
CA GLY A 54 20.52 -13.38 -4.64
C GLY A 54 19.10 -13.60 -4.15
N THR A 55 18.65 -14.85 -4.06
CA THR A 55 17.35 -15.04 -3.39
C THR A 55 17.44 -15.59 -1.96
N MET A 56 18.65 -15.67 -1.42
CA MET A 56 18.81 -16.09 -0.03
C MET A 56 18.44 -14.94 0.90
N GLU A 57 17.97 -15.28 2.10
CA GLU A 57 17.52 -14.30 3.10
C GLU A 57 18.54 -14.17 4.24
N ALA A 58 18.48 -13.08 5.01
CA ALA A 58 19.37 -12.93 6.19
C ALA A 58 19.40 -14.17 7.11
N ARG A 59 18.22 -14.75 7.36
CA ARG A 59 18.08 -15.98 8.12
C ARG A 59 17.53 -17.06 7.18
N PRO A 60 17.72 -18.34 7.53
CA PRO A 60 17.32 -19.46 6.69
C PRO A 60 15.89 -19.90 6.91
N MET A 61 14.95 -19.20 6.28
CA MET A 61 13.52 -19.42 6.51
C MET A 61 12.85 -20.21 5.39
N TYR A 62 12.98 -19.75 4.14
CA TYR A 62 12.45 -20.50 2.99
C TYR A 62 13.30 -21.71 2.67
N ARG A 63 14.60 -21.56 2.76
CA ARG A 63 15.48 -22.69 2.60
C ARG A 63 16.73 -22.46 3.43
N GLU A 64 17.82 -23.13 3.08
CA GLU A 64 18.93 -23.28 4.02
C GLU A 64 20.01 -22.19 3.97
N GLU A 65 20.17 -21.57 2.80
CA GLU A 65 21.26 -20.61 2.62
C GLU A 65 20.97 -19.31 3.34
N THR A 66 22.03 -18.56 3.63
CA THR A 66 21.92 -17.20 4.14
C THR A 66 22.84 -16.20 3.40
N ILE A 67 22.47 -14.93 3.46
CA ILE A 67 23.24 -13.84 2.87
C ILE A 67 24.71 -13.80 3.36
N ALA A 68 24.92 -13.80 4.67
CA ALA A 68 26.30 -13.80 5.20
C ALA A 68 27.09 -14.96 4.63
N GLY A 69 26.46 -16.13 4.62
CA GLY A 69 27.04 -17.35 4.08
C GLY A 69 27.32 -17.25 2.58
N ALA A 70 26.30 -16.85 1.81
CA ALA A 70 26.42 -16.77 0.35
C ALA A 70 27.44 -15.71 -0.08
N LEU A 71 27.38 -14.53 0.53
CA LEU A 71 28.35 -13.47 0.20
C LEU A 71 29.80 -13.82 0.52
N ASP A 72 30.02 -14.47 1.66
CA ASP A 72 31.37 -14.93 2.00
C ASP A 72 31.87 -15.96 0.96
N LEU A 73 30.99 -16.88 0.58
CA LEU A 73 31.30 -17.83 -0.48
C LEU A 73 31.61 -17.13 -1.80
N LEU A 74 30.85 -16.07 -2.14
CA LEU A 74 31.07 -15.36 -3.40
C LEU A 74 32.45 -14.68 -3.42
N ARG A 75 32.69 -13.85 -2.43
CA ARG A 75 33.88 -13.04 -2.41
C ARG A 75 35.11 -13.85 -2.01
N GLY A 76 34.94 -14.90 -1.22
CA GLY A 76 36.09 -15.71 -0.82
C GLY A 76 36.38 -16.92 -1.69
N THR A 77 35.41 -17.38 -2.47
CA THR A 77 35.61 -18.62 -3.22
C THR A 77 35.20 -18.53 -4.70
N PHE A 78 34.02 -17.99 -5.00
CA PHE A 78 33.55 -18.06 -6.39
C PHE A 78 34.18 -17.02 -7.29
N LEU A 79 34.21 -15.77 -6.82
CA LEU A 79 34.76 -14.72 -7.65
C LEU A 79 36.26 -14.92 -7.98
N PRO A 80 37.11 -15.20 -6.98
CA PRO A 80 38.52 -15.56 -7.29
C PRO A 80 38.67 -16.77 -8.21
N ALA A 81 37.68 -17.65 -8.28
CA ALA A 81 37.79 -18.79 -9.17
C ALA A 81 37.61 -18.33 -10.63
N ILE A 82 36.84 -17.26 -10.83
CA ILE A 82 36.41 -16.88 -12.16
C ILE A 82 36.98 -15.55 -12.60
N LEU A 83 37.38 -14.70 -11.66
CA LEU A 83 37.96 -13.43 -12.03
C LEU A 83 39.23 -13.63 -12.85
N GLY A 84 39.27 -13.06 -14.05
CA GLY A 84 40.46 -13.10 -14.87
C GLY A 84 40.46 -14.24 -15.87
N GLN A 85 39.60 -15.23 -15.65
CA GLN A 85 39.55 -16.41 -16.51
C GLN A 85 38.66 -16.12 -17.72
N THR A 86 38.90 -16.83 -18.81
CA THR A 86 38.20 -16.67 -20.08
C THR A 86 37.29 -17.92 -20.23
N PHE A 87 36.06 -17.74 -20.69
CA PHE A 87 35.14 -18.88 -20.75
C PHE A 87 34.39 -18.97 -22.10
N ALA A 88 33.96 -20.16 -22.48
CA ALA A 88 33.24 -20.33 -23.74
C ALA A 88 31.79 -19.98 -23.57
N ASN A 89 31.24 -20.29 -22.38
CA ASN A 89 29.82 -20.14 -22.12
C ASN A 89 29.53 -20.14 -20.63
N PRO A 90 28.26 -19.83 -20.25
CA PRO A 90 27.88 -19.90 -18.84
C PRO A 90 28.13 -21.26 -18.19
N GLU A 91 27.96 -22.34 -18.97
CA GLU A 91 28.16 -23.67 -18.41
C GLU A 91 29.61 -23.86 -17.97
N ALA A 92 30.54 -23.30 -18.73
CA ALA A 92 31.96 -23.35 -18.34
C ALA A 92 32.25 -22.55 -17.05
N VAL A 93 31.46 -21.51 -16.81
CA VAL A 93 31.58 -20.78 -15.56
C VAL A 93 31.12 -21.64 -14.39
N SER A 94 29.91 -22.20 -14.46
CA SER A 94 29.50 -23.16 -13.44
C SER A 94 30.60 -24.17 -13.19
N ASP A 95 30.99 -24.87 -14.24
CA ASP A 95 31.94 -25.97 -14.06
C ASP A 95 33.23 -25.53 -13.34
N ALA A 96 33.63 -24.26 -13.52
CA ALA A 96 34.84 -23.76 -12.84
C ALA A 96 34.66 -23.53 -11.35
N LEU A 97 33.44 -23.65 -10.83
CA LEU A 97 33.21 -23.63 -9.40
C LEU A 97 33.23 -25.10 -8.96
N GLY A 98 32.05 -25.72 -8.99
CA GLY A 98 31.92 -27.14 -9.30
C GLY A 98 32.19 -28.11 -8.18
N SER A 99 33.29 -27.93 -7.46
CA SER A 99 33.63 -28.86 -6.41
C SER A 99 32.75 -28.67 -5.17
N TYR A 100 32.30 -27.45 -4.93
CA TYR A 100 31.67 -27.12 -3.65
C TYR A 100 30.26 -27.70 -3.56
N ARG A 101 29.77 -27.89 -2.34
CA ARG A 101 28.55 -28.64 -2.13
C ARG A 101 27.42 -27.71 -1.75
N GLY A 102 26.21 -28.05 -2.19
CA GLY A 102 25.06 -27.20 -1.89
C GLY A 102 25.24 -25.75 -2.35
N ASN A 103 24.62 -24.82 -1.62
CA ASN A 103 24.78 -23.39 -1.89
C ASN A 103 24.36 -22.97 -3.31
N ARG A 104 23.19 -23.43 -3.74
CA ARG A 104 22.81 -23.31 -5.12
C ARG A 104 22.40 -21.89 -5.47
N MET A 105 21.74 -21.20 -4.54
CA MET A 105 21.39 -19.80 -4.75
C MET A 105 22.65 -18.92 -4.94
N ALA A 106 23.66 -19.17 -4.13
CA ALA A 106 24.92 -18.47 -4.23
C ALA A 106 25.51 -18.73 -5.59
N ARG A 107 25.62 -20.01 -5.98
CA ARG A 107 26.12 -20.31 -7.34
C ARG A 107 25.23 -19.70 -8.39
N ALA A 108 23.94 -19.63 -8.14
CA ALA A 108 23.06 -19.11 -9.19
C ALA A 108 23.40 -17.65 -9.49
N MET A 109 23.85 -16.91 -8.47
CA MET A 109 24.16 -15.48 -8.65
C MET A 109 25.25 -15.32 -9.71
N VAL A 110 26.26 -16.17 -9.62
CA VAL A 110 27.35 -16.20 -10.60
C VAL A 110 26.86 -16.77 -11.95
N GLU A 111 26.26 -17.94 -11.93
CA GLU A 111 25.76 -18.57 -13.15
C GLU A 111 24.79 -17.67 -13.93
N MET A 112 23.88 -17.00 -13.22
CA MET A 112 22.84 -16.21 -13.90
C MET A 112 23.35 -14.89 -14.46
N ALA A 113 24.28 -14.27 -13.75
CA ALA A 113 24.96 -13.08 -14.24
C ALA A 113 25.84 -13.44 -15.41
N ALA A 114 26.43 -14.63 -15.37
CA ALA A 114 27.21 -15.09 -16.53
C ALA A 114 26.31 -15.22 -17.78
N TRP A 115 25.11 -15.76 -17.58
CA TRP A 115 24.17 -15.85 -18.68
C TRP A 115 23.84 -14.48 -19.24
N ASP A 116 23.75 -13.48 -18.37
CA ASP A 116 23.27 -12.19 -18.80
C ASP A 116 24.42 -11.59 -19.61
N LEU A 117 25.62 -11.73 -19.06
CA LEU A 117 26.84 -11.27 -19.72
C LEU A 117 26.99 -11.90 -21.08
N TRP A 118 27.12 -13.22 -21.09
CA TRP A 118 27.22 -14.02 -22.32
C TRP A 118 26.28 -13.48 -23.37
N ALA A 119 24.98 -13.58 -23.10
CA ALA A 119 23.94 -13.08 -24.01
C ALA A 119 24.19 -11.65 -24.47
N ARG A 120 24.69 -10.80 -23.55
CA ARG A 120 24.94 -9.41 -23.95
C ARG A 120 26.12 -9.27 -24.91
N THR A 121 27.14 -10.13 -24.78
CA THR A 121 28.27 -10.09 -25.71
C THR A 121 27.81 -10.54 -27.07
N LEU A 122 26.68 -11.26 -27.14
CA LEU A 122 26.16 -11.75 -28.42
C LEU A 122 25.06 -10.88 -28.98
N GLY A 123 24.48 -10.03 -28.13
CA GLY A 123 23.36 -9.19 -28.54
C GLY A 123 22.01 -9.92 -28.52
N VAL A 124 21.95 -11.04 -27.81
CA VAL A 124 20.77 -11.88 -27.88
C VAL A 124 20.00 -11.88 -26.56
N PRO A 125 18.66 -11.73 -26.63
CA PRO A 125 17.79 -11.90 -25.44
C PRO A 125 18.09 -13.23 -24.77
N LEU A 126 18.00 -13.25 -23.44
CA LEU A 126 18.38 -14.43 -22.66
C LEU A 126 17.50 -15.62 -22.98
N GLY A 127 16.20 -15.38 -23.05
CA GLY A 127 15.23 -16.47 -23.25
C GLY A 127 15.52 -17.23 -24.53
N THR A 128 15.81 -16.46 -25.57
CA THR A 128 16.21 -16.95 -26.86
C THR A 128 17.39 -17.91 -26.78
N LEU A 129 18.47 -17.49 -26.13
CA LEU A 129 19.63 -18.38 -25.94
C LEU A 129 19.28 -19.65 -25.18
N LEU A 130 18.23 -19.61 -24.36
CA LEU A 130 17.87 -20.79 -23.58
C LEU A 130 16.83 -21.60 -24.35
N GLY A 131 16.40 -21.05 -25.48
CA GLY A 131 15.64 -21.82 -26.44
C GLY A 131 14.17 -21.51 -26.43
N GLY A 132 13.77 -20.52 -25.64
CA GLY A 132 12.35 -20.15 -25.57
C GLY A 132 11.97 -19.23 -26.71
N HIS A 133 10.69 -19.18 -27.03
CA HIS A 133 10.27 -18.23 -28.06
C HIS A 133 8.86 -17.67 -27.87
N LYS A 134 8.42 -17.56 -26.61
CA LYS A 134 7.18 -16.86 -26.30
C LYS A 134 7.53 -15.38 -26.21
N GLU A 135 6.56 -14.52 -26.51
CA GLU A 135 6.77 -13.08 -26.43
C GLU A 135 6.13 -12.53 -25.16
N GLN A 136 5.14 -13.28 -24.66
CA GLN A 136 4.39 -12.94 -23.45
C GLN A 136 4.39 -14.20 -22.64
N VAL A 137 4.38 -14.07 -21.32
CA VAL A 137 4.21 -15.27 -20.49
C VAL A 137 3.00 -15.05 -19.58
N GLU A 138 2.25 -16.11 -19.28
CA GLU A 138 1.04 -15.97 -18.46
C GLU A 138 1.41 -15.94 -16.99
N VAL A 139 0.62 -15.21 -16.20
CA VAL A 139 0.92 -15.04 -14.77
C VAL A 139 -0.29 -15.22 -13.85
N GLY A 140 -0.01 -15.61 -12.62
CA GLY A 140 -1.04 -15.89 -11.63
C GLY A 140 -0.70 -15.13 -10.37
N VAL A 141 -1.55 -15.23 -9.37
CA VAL A 141 -1.40 -14.44 -8.16
C VAL A 141 -1.50 -15.36 -6.93
N SER A 142 -0.72 -15.05 -5.88
CA SER A 142 -0.76 -15.81 -4.63
C SER A 142 -1.48 -15.04 -3.54
N LEU A 143 -2.49 -15.66 -2.96
CA LEU A 143 -3.26 -15.02 -1.89
C LEU A 143 -2.91 -15.61 -0.54
N GLY A 144 -2.59 -14.73 0.41
CA GLY A 144 -2.32 -15.11 1.79
C GLY A 144 -3.61 -15.55 2.45
N ILE A 145 -3.51 -15.96 3.71
CA ILE A 145 -4.70 -16.38 4.43
C ILE A 145 -5.55 -15.18 4.77
N GLN A 146 -6.83 -15.23 4.43
CA GLN A 146 -7.77 -14.17 4.75
C GLN A 146 -8.61 -14.56 5.96
N ALA A 147 -9.34 -13.61 6.53
CA ALA A 147 -10.02 -13.85 7.81
C ALA A 147 -11.25 -14.75 7.77
N ASP A 148 -11.86 -14.90 6.59
CA ASP A 148 -13.03 -15.79 6.43
C ASP A 148 -13.28 -16.15 4.97
N GLU A 149 -14.35 -16.89 4.69
CA GLU A 149 -14.69 -17.30 3.31
C GLU A 149 -14.94 -16.14 2.31
N GLN A 150 -15.78 -15.18 2.67
CA GLN A 150 -16.16 -14.11 1.73
C GLN A 150 -15.01 -13.12 1.48
N ALA A 151 -14.19 -12.88 2.49
CA ALA A 151 -13.00 -12.08 2.30
C ALA A 151 -12.09 -12.79 1.31
N THR A 152 -12.03 -14.11 1.42
CA THR A 152 -11.28 -14.90 0.45
C THR A 152 -11.86 -14.75 -0.96
N VAL A 153 -13.18 -14.84 -1.07
CA VAL A 153 -13.86 -14.87 -2.38
C VAL A 153 -13.83 -13.48 -3.05
N ASP A 154 -13.89 -12.46 -2.20
CA ASP A 154 -13.90 -11.11 -2.70
C ASP A 154 -12.52 -10.72 -3.26
N LEU A 155 -11.48 -11.29 -2.68
CA LEU A 155 -10.13 -11.02 -3.15
C LEU A 155 -9.82 -11.83 -4.43
N VAL A 156 -10.34 -13.05 -4.51
CA VAL A 156 -10.20 -13.80 -5.74
C VAL A 156 -10.93 -13.06 -6.87
N ARG A 157 -12.18 -12.69 -6.59
CA ARG A 157 -13.00 -11.96 -7.54
C ARG A 157 -12.22 -10.80 -8.15
N ARG A 158 -11.61 -9.97 -7.31
CA ARG A 158 -10.75 -8.91 -7.82
C ARG A 158 -9.69 -9.44 -8.79
N HIS A 159 -8.93 -10.44 -8.35
CA HIS A 159 -7.85 -10.91 -9.19
C HIS A 159 -8.30 -11.59 -10.48
N VAL A 160 -9.35 -12.39 -10.39
CA VAL A 160 -9.96 -12.95 -11.60
C VAL A 160 -10.33 -11.84 -12.60
N GLU A 161 -10.71 -10.68 -12.06
CA GLU A 161 -11.19 -9.53 -12.84
C GLU A 161 -10.04 -8.77 -13.51
N GLN A 162 -8.88 -8.78 -12.86
CA GLN A 162 -7.71 -8.16 -13.42
C GLN A 162 -7.17 -9.14 -14.41
N GLY A 163 -7.84 -10.29 -14.54
CA GLY A 163 -7.45 -11.34 -15.50
C GLY A 163 -6.21 -12.17 -15.24
N TYR A 164 -5.80 -12.28 -13.98
CA TYR A 164 -4.83 -13.32 -13.61
C TYR A 164 -5.32 -14.69 -14.05
N ARG A 165 -4.41 -15.55 -14.49
CA ARG A 165 -4.81 -16.81 -15.12
C ARG A 165 -4.69 -18.05 -14.24
N ARG A 166 -4.16 -17.87 -13.03
CA ARG A 166 -4.28 -18.89 -12.00
C ARG A 166 -4.37 -18.21 -10.65
N ILE A 167 -5.16 -18.81 -9.76
CA ILE A 167 -5.29 -18.32 -8.39
C ILE A 167 -4.72 -19.31 -7.43
N LYS A 168 -3.82 -18.83 -6.58
CA LYS A 168 -3.21 -19.68 -5.57
C LYS A 168 -3.56 -19.22 -4.16
N LEU A 169 -4.13 -20.14 -3.38
CA LEU A 169 -4.48 -19.79 -2.00
C LEU A 169 -3.53 -20.43 -1.00
N LYS A 170 -2.99 -19.60 -0.13
CA LYS A 170 -2.35 -20.13 1.06
C LYS A 170 -3.41 -20.86 1.91
N ILE A 171 -3.06 -22.05 2.40
CA ILE A 171 -3.93 -22.78 3.30
C ILE A 171 -3.12 -23.27 4.46
N LYS A 172 -3.78 -23.64 5.55
CA LYS A 172 -3.11 -24.29 6.68
C LYS A 172 -4.11 -25.22 7.36
N PRO A 173 -3.64 -26.07 8.29
CA PRO A 173 -4.60 -26.93 8.96
C PRO A 173 -5.60 -26.03 9.66
N GLY A 174 -6.88 -26.42 9.63
CA GLY A 174 -7.95 -25.58 10.14
C GLY A 174 -8.55 -24.62 9.12
N TRP A 175 -7.80 -24.34 8.06
CA TRP A 175 -8.24 -23.38 7.04
C TRP A 175 -7.80 -23.84 5.64
N ASP A 176 -8.59 -24.73 5.04
CA ASP A 176 -8.26 -25.24 3.72
C ASP A 176 -9.49 -25.57 2.94
N VAL A 177 -10.24 -26.54 3.41
CA VAL A 177 -11.46 -26.91 2.72
C VAL A 177 -12.36 -25.69 2.58
N GLN A 178 -12.42 -24.86 3.62
CA GLN A 178 -13.36 -23.73 3.64
C GLN A 178 -13.06 -22.68 2.55
N PRO A 179 -11.84 -22.09 2.55
CA PRO A 179 -11.57 -21.11 1.49
C PRO A 179 -11.65 -21.73 0.10
N VAL A 180 -11.33 -23.02 -0.02
CA VAL A 180 -11.35 -23.67 -1.33
C VAL A 180 -12.78 -23.91 -1.80
N ARG A 181 -13.62 -24.47 -0.91
CA ARG A 181 -15.02 -24.64 -1.23
C ARG A 181 -15.59 -23.29 -1.63
N ALA A 182 -15.56 -22.33 -0.72
CA ALA A 182 -16.13 -21.02 -1.00
C ALA A 182 -15.61 -20.46 -2.35
N THR A 183 -14.32 -20.61 -2.63
CA THR A 183 -13.78 -20.13 -3.93
C THR A 183 -14.30 -20.89 -5.19
N ARG A 184 -14.33 -22.21 -5.12
CA ARG A 184 -14.72 -23.01 -6.28
C ARG A 184 -16.22 -22.84 -6.59
N GLU A 185 -16.98 -22.50 -5.56
CA GLU A 185 -18.43 -22.29 -5.64
C GLU A 185 -18.67 -21.05 -6.48
N ALA A 186 -17.86 -20.03 -6.19
CA ALA A 186 -18.04 -18.73 -6.81
C ALA A 186 -17.41 -18.76 -8.18
N PHE A 187 -16.43 -19.65 -8.36
CA PHE A 187 -15.62 -19.67 -9.58
C PHE A 187 -15.40 -21.10 -10.07
N PRO A 188 -16.42 -21.69 -10.69
CA PRO A 188 -16.36 -23.12 -10.95
C PRO A 188 -15.28 -23.48 -11.97
N ASP A 189 -14.88 -22.52 -12.78
CA ASP A 189 -14.00 -22.84 -13.90
C ASP A 189 -12.55 -22.39 -13.79
N ILE A 190 -12.22 -21.49 -12.86
CA ILE A 190 -10.87 -20.96 -12.82
C ILE A 190 -9.82 -22.01 -12.47
N ARG A 191 -8.60 -21.76 -12.95
CA ARG A 191 -7.43 -22.51 -12.57
C ARG A 191 -7.02 -22.16 -11.14
N LEU A 192 -7.23 -23.10 -10.23
CA LEU A 192 -7.04 -22.83 -8.80
C LEU A 192 -6.04 -23.80 -8.20
N THR A 193 -5.09 -23.28 -7.44
CA THR A 193 -4.15 -24.12 -6.71
C THR A 193 -4.11 -23.67 -5.28
N VAL A 194 -3.51 -24.49 -4.41
CA VAL A 194 -3.21 -24.09 -3.04
C VAL A 194 -1.75 -24.28 -2.63
N ASP A 195 -1.30 -23.42 -1.73
CA ASP A 195 0.04 -23.50 -1.13
C ASP A 195 -0.13 -24.08 0.26
N ALA A 196 0.23 -25.35 0.44
CA ALA A 196 0.10 -25.98 1.74
C ALA A 196 1.32 -25.66 2.63
N ASN A 197 2.37 -25.09 2.04
CA ASN A 197 3.40 -24.45 2.86
C ASN A 197 3.99 -25.36 3.98
N SER A 198 4.21 -26.63 3.64
CA SER A 198 4.87 -27.57 4.57
C SER A 198 4.25 -27.67 5.96
N ALA A 199 2.96 -27.42 6.07
CA ALA A 199 2.31 -27.29 7.35
C ALA A 199 1.50 -28.54 7.75
N TYR A 200 1.43 -29.53 6.88
CA TYR A 200 0.66 -30.75 7.17
C TYR A 200 1.52 -31.97 7.47
N THR A 201 0.88 -33.05 7.90
CA THR A 201 1.56 -34.33 8.05
C THR A 201 0.71 -35.42 7.42
N LEU A 202 1.22 -36.66 7.40
CA LEU A 202 0.47 -37.74 6.76
C LEU A 202 -0.87 -37.95 7.47
N ALA A 203 -0.90 -37.66 8.76
CA ALA A 203 -2.15 -37.73 9.51
C ALA A 203 -3.26 -36.81 8.93
N ASP A 204 -2.89 -35.84 8.09
CA ASP A 204 -3.87 -34.93 7.50
C ASP A 204 -4.41 -35.42 6.15
N ALA A 205 -4.04 -36.64 5.79
CA ALA A 205 -4.40 -37.20 4.48
C ALA A 205 -5.90 -37.17 4.19
N GLY A 206 -6.71 -37.56 5.17
CA GLY A 206 -8.17 -37.54 5.01
C GLY A 206 -8.73 -36.14 4.92
N ARG A 207 -8.05 -35.20 5.54
CA ARG A 207 -8.47 -33.83 5.45
C ARG A 207 -8.14 -33.20 4.08
N LEU A 208 -6.92 -33.43 3.59
CA LEU A 208 -6.54 -32.91 2.27
C LEU A 208 -7.33 -33.63 1.18
N ARG A 209 -7.66 -34.90 1.42
CA ARG A 209 -8.47 -35.64 0.46
C ARG A 209 -9.81 -34.91 0.20
N GLN A 210 -10.29 -34.16 1.19
CA GLN A 210 -11.55 -33.43 1.02
C GLN A 210 -11.44 -32.32 0.00
N LEU A 211 -10.23 -32.02 -0.43
CA LEU A 211 -10.02 -31.00 -1.45
C LEU A 211 -10.25 -31.56 -2.82
N ASP A 212 -10.21 -32.89 -2.95
CA ASP A 212 -10.28 -33.55 -4.25
C ASP A 212 -11.50 -33.13 -5.04
N GLU A 213 -12.63 -33.01 -4.37
CA GLU A 213 -13.84 -32.73 -5.11
C GLU A 213 -13.85 -31.33 -5.73
N TYR A 214 -12.92 -30.48 -5.33
CA TYR A 214 -12.86 -29.10 -5.84
C TYR A 214 -11.91 -28.88 -7.03
N ASP A 215 -11.38 -29.97 -7.58
CA ASP A 215 -10.62 -29.91 -8.82
C ASP A 215 -9.48 -28.90 -8.82
N LEU A 216 -8.62 -29.03 -7.83
CA LEU A 216 -7.45 -28.18 -7.74
C LEU A 216 -6.44 -28.66 -8.78
N THR A 217 -5.82 -27.71 -9.47
CA THR A 217 -4.71 -28.03 -10.32
C THR A 217 -3.62 -28.74 -9.53
N CYS A 218 -3.38 -28.33 -8.28
CA CYS A 218 -2.44 -29.05 -7.41
C CYS A 218 -2.41 -28.49 -6.00
N ILE A 219 -1.86 -29.28 -5.07
CA ILE A 219 -1.52 -28.82 -3.73
C ILE A 219 -0.01 -28.77 -3.58
N GLU A 220 0.52 -27.61 -3.18
CA GLU A 220 1.94 -27.37 -3.24
C GLU A 220 2.67 -27.68 -1.93
N GLN A 221 3.70 -28.52 -2.02
CA GLN A 221 4.59 -28.85 -0.92
C GLN A 221 3.86 -28.89 0.43
N PRO A 222 2.89 -29.84 0.60
CA PRO A 222 2.15 -30.09 1.86
C PRO A 222 3.00 -30.60 3.03
N LEU A 223 4.01 -31.41 2.73
CA LEU A 223 4.81 -31.97 3.81
C LEU A 223 6.21 -31.34 3.83
N ALA A 224 7.17 -31.99 4.47
CA ALA A 224 8.48 -31.40 4.74
C ALA A 224 9.18 -30.80 3.51
N TRP A 225 9.84 -29.67 3.71
CA TRP A 225 10.51 -28.93 2.64
C TRP A 225 11.59 -29.72 1.90
N ASP A 226 12.17 -30.72 2.55
CA ASP A 226 13.23 -31.48 1.91
C ASP A 226 12.84 -32.93 1.60
N ASP A 227 11.54 -33.21 1.58
CA ASP A 227 11.08 -34.59 1.40
C ASP A 227 10.48 -34.90 0.05
N LEU A 228 10.66 -36.15 -0.39
CA LEU A 228 9.98 -36.71 -1.58
C LEU A 228 9.25 -38.01 -1.20
N VAL A 229 9.90 -38.82 -0.38
CA VAL A 229 9.37 -40.15 -0.09
C VAL A 229 7.95 -40.05 0.50
N ASP A 230 7.75 -39.17 1.47
CA ASP A 230 6.43 -39.03 2.14
C ASP A 230 5.35 -38.41 1.26
N HIS A 231 5.75 -37.38 0.52
CA HIS A 231 4.95 -36.81 -0.54
C HIS A 231 4.46 -37.92 -1.48
N ALA A 232 5.33 -38.83 -1.85
CA ALA A 232 4.90 -39.95 -2.68
C ALA A 232 3.78 -40.78 -1.99
N GLU A 233 3.91 -40.96 -0.69
CA GLU A 233 2.95 -41.77 0.00
C GLU A 233 1.66 -40.97 0.06
N LEU A 234 1.77 -39.69 0.35
CA LEU A 234 0.59 -38.85 0.37
C LEU A 234 -0.16 -38.88 -0.98
N ALA A 235 0.61 -38.77 -2.07
CA ALA A 235 0.02 -38.75 -3.42
C ALA A 235 -0.79 -40.00 -3.73
N ARG A 236 -0.50 -41.11 -3.05
CA ARG A 236 -1.30 -42.32 -3.22
C ARG A 236 -2.60 -42.25 -2.46
N ARG A 237 -2.68 -41.34 -1.50
CA ARG A 237 -3.81 -41.32 -0.58
C ARG A 237 -4.86 -40.27 -0.93
N ILE A 238 -4.53 -39.37 -1.84
CA ILE A 238 -5.48 -38.36 -2.29
C ILE A 238 -5.34 -38.24 -3.80
N ARG A 239 -6.38 -37.75 -4.45
CA ARG A 239 -6.42 -37.67 -5.93
C ARG A 239 -5.94 -36.34 -6.49
N THR A 240 -5.99 -35.28 -5.68
CA THR A 240 -5.51 -33.97 -6.10
C THR A 240 -4.00 -34.10 -6.30
N PRO A 241 -3.49 -33.63 -7.45
CA PRO A 241 -2.05 -33.71 -7.68
C PRO A 241 -1.22 -32.90 -6.68
N LEU A 242 0.01 -33.36 -6.41
CA LEU A 242 0.97 -32.62 -5.61
C LEU A 242 1.97 -31.85 -6.48
N CYS A 243 2.29 -30.64 -6.04
CA CYS A 243 3.30 -29.82 -6.64
C CYS A 243 4.47 -29.70 -5.68
N LEU A 244 5.69 -29.92 -6.19
CA LEU A 244 6.91 -29.79 -5.38
C LEU A 244 7.55 -28.42 -5.57
N ASP A 245 7.95 -27.82 -4.45
CA ASP A 245 8.63 -26.54 -4.45
C ASP A 245 10.04 -26.71 -3.84
N GLU A 246 10.13 -26.58 -2.52
CA GLU A 246 11.43 -26.56 -1.87
C GLU A 246 12.24 -27.80 -2.11
N SER A 247 11.57 -28.93 -2.37
CA SER A 247 12.24 -30.25 -2.34
C SER A 247 12.84 -30.71 -3.69
N VAL A 248 12.69 -29.85 -4.70
CA VAL A 248 13.33 -30.05 -5.98
C VAL A 248 14.37 -28.93 -6.19
N ALA A 249 15.63 -29.27 -5.90
CA ALA A 249 16.71 -28.30 -6.04
C ALA A 249 17.72 -28.68 -7.13
N SER A 250 17.34 -29.60 -8.00
CA SER A 250 18.22 -30.02 -9.10
C SER A 250 17.40 -30.80 -10.12
N ALA A 251 18.00 -31.06 -11.28
CA ALA A 251 17.40 -31.93 -12.28
C ALA A 251 17.27 -33.35 -11.77
N SER A 252 18.17 -33.80 -10.91
CA SER A 252 18.06 -35.20 -10.47
C SER A 252 16.97 -35.33 -9.40
N ASP A 253 16.77 -34.27 -8.64
CA ASP A 253 15.66 -34.20 -7.72
C ASP A 253 14.36 -34.32 -8.52
N ALA A 254 14.29 -33.67 -9.67
CA ALA A 254 13.04 -33.65 -10.40
C ALA A 254 12.80 -35.02 -10.96
N ARG A 255 13.85 -35.61 -11.54
CA ARG A 255 13.79 -36.99 -11.97
C ARG A 255 13.33 -37.91 -10.83
N LYS A 256 13.92 -37.77 -9.64
CA LYS A 256 13.56 -38.67 -8.54
C LYS A 256 12.12 -38.42 -8.06
N ALA A 257 11.76 -37.15 -7.94
CA ALA A 257 10.40 -36.79 -7.59
C ALA A 257 9.35 -37.44 -8.51
N LEU A 258 9.47 -37.20 -9.83
CA LEU A 258 8.45 -37.68 -10.78
C LEU A 258 8.38 -39.20 -10.88
N ALA A 259 9.54 -39.84 -10.87
CA ALA A 259 9.61 -41.31 -10.88
C ALA A 259 9.08 -41.94 -9.59
N LEU A 260 9.22 -41.24 -8.47
CA LEU A 260 8.62 -41.73 -7.23
C LEU A 260 7.09 -41.45 -7.11
N GLY A 261 6.54 -40.58 -7.95
CA GLY A 261 5.16 -40.15 -7.78
C GLY A 261 5.03 -39.15 -6.64
N ALA A 262 6.13 -38.47 -6.32
CA ALA A 262 6.06 -37.49 -5.25
C ALA A 262 5.17 -36.31 -5.66
N GLY A 263 5.02 -36.10 -6.95
CA GLY A 263 4.22 -35.01 -7.46
C GLY A 263 4.04 -35.12 -8.95
N GLY A 264 3.20 -34.27 -9.53
CA GLY A 264 3.04 -34.24 -10.98
C GLY A 264 3.29 -32.85 -11.50
N VAL A 265 3.67 -31.96 -10.59
CA VAL A 265 3.86 -30.57 -10.98
C VAL A 265 5.05 -30.03 -10.22
N ILE A 266 5.86 -29.20 -10.87
CA ILE A 266 6.94 -28.55 -10.15
C ILE A 266 6.92 -27.05 -10.17
N ASN A 267 6.98 -26.47 -8.98
CA ASN A 267 7.24 -25.05 -8.85
C ASN A 267 8.73 -24.80 -8.96
N LEU A 268 9.11 -24.28 -10.12
CA LEU A 268 10.52 -24.17 -10.48
C LEU A 268 11.01 -22.75 -10.23
N LYS A 269 11.96 -22.64 -9.31
CA LYS A 269 12.57 -21.36 -9.01
C LYS A 269 14.03 -21.43 -9.42
N VAL A 270 14.40 -20.57 -10.39
CA VAL A 270 15.67 -20.63 -11.09
C VAL A 270 16.88 -20.62 -10.16
N ALA A 271 16.85 -19.74 -9.15
CA ALA A 271 17.97 -19.62 -8.24
C ALA A 271 18.09 -20.82 -7.28
N ARG A 272 16.95 -21.35 -6.84
CA ARG A 272 16.92 -22.46 -5.87
C ARG A 272 17.58 -23.71 -6.44
N VAL A 273 17.51 -23.85 -7.76
CA VAL A 273 18.05 -25.02 -8.45
C VAL A 273 19.45 -24.79 -8.99
N GLY A 274 19.97 -23.56 -8.91
CA GLY A 274 21.35 -23.36 -9.33
C GLY A 274 21.53 -22.43 -10.51
N GLY A 275 20.43 -21.97 -11.11
CA GLY A 275 20.51 -21.06 -12.26
C GLY A 275 19.86 -21.60 -13.53
N HIS A 276 20.10 -20.91 -14.65
CA HIS A 276 19.35 -21.15 -15.87
C HIS A 276 19.61 -22.52 -16.52
N ALA A 277 20.88 -22.91 -16.65
CA ALA A 277 21.18 -24.24 -17.22
C ALA A 277 20.42 -25.32 -16.48
N GLU A 278 20.64 -25.39 -15.17
CA GLU A 278 20.03 -26.46 -14.40
C GLU A 278 18.50 -26.33 -14.43
N SER A 279 18.01 -25.09 -14.42
CA SER A 279 16.55 -24.88 -14.57
C SER A 279 16.01 -25.49 -15.88
N ARG A 280 16.76 -25.30 -16.96
CA ARG A 280 16.30 -25.78 -18.26
C ARG A 280 16.30 -27.29 -18.19
N ARG A 281 17.30 -27.82 -17.48
CA ARG A 281 17.38 -29.27 -17.21
C ARG A 281 16.17 -29.78 -16.44
N VAL A 282 15.79 -29.09 -15.37
CA VAL A 282 14.61 -29.49 -14.60
C VAL A 282 13.41 -29.40 -15.50
N HIS A 283 13.28 -28.26 -16.18
CA HIS A 283 12.26 -28.07 -17.19
C HIS A 283 12.19 -29.27 -18.16
N ASP A 284 13.34 -29.67 -18.72
CA ASP A 284 13.33 -30.73 -19.71
C ASP A 284 13.05 -32.10 -19.10
N VAL A 285 13.49 -32.32 -17.86
CA VAL A 285 13.24 -33.60 -17.23
C VAL A 285 11.74 -33.76 -17.02
N ALA A 286 11.13 -32.73 -16.46
CA ALA A 286 9.70 -32.67 -16.28
C ALA A 286 8.97 -32.93 -17.60
N GLN A 287 9.28 -32.16 -18.65
CA GLN A 287 8.63 -32.35 -19.96
C GLN A 287 8.71 -33.83 -20.40
N SER A 288 9.85 -34.46 -20.13
CA SER A 288 10.04 -35.87 -20.52
C SER A 288 9.17 -36.85 -19.73
N PHE A 289 8.66 -36.41 -18.59
CA PHE A 289 7.58 -37.14 -17.90
C PHE A 289 6.22 -36.55 -18.31
N GLY A 290 6.19 -35.60 -19.22
CA GLY A 290 4.91 -34.92 -19.48
C GLY A 290 4.35 -34.22 -18.22
N ALA A 291 5.22 -33.79 -17.32
CA ALA A 291 4.76 -33.01 -16.19
C ALA A 291 5.09 -31.54 -16.49
N PRO A 292 4.13 -30.63 -16.23
CA PRO A 292 4.42 -29.21 -16.48
C PRO A 292 5.24 -28.61 -15.35
N VAL A 293 5.92 -27.51 -15.62
CA VAL A 293 6.46 -26.73 -14.55
C VAL A 293 5.79 -25.35 -14.62
N TRP A 294 5.90 -24.61 -13.53
CA TRP A 294 5.78 -23.16 -13.59
C TRP A 294 6.89 -22.44 -12.87
N CYS A 295 7.05 -21.17 -13.23
CA CYS A 295 8.09 -20.34 -12.71
C CYS A 295 7.65 -19.68 -11.42
N GLY A 296 8.35 -19.98 -10.33
CA GLY A 296 7.95 -19.44 -9.02
C GLY A 296 8.55 -18.08 -8.70
N GLY A 297 8.06 -17.45 -7.65
CA GLY A 297 8.53 -16.13 -7.24
C GLY A 297 9.23 -16.08 -5.89
N MET A 298 10.01 -15.03 -5.67
CA MET A 298 10.79 -14.81 -4.44
C MET A 298 10.88 -13.30 -4.10
N LEU A 299 9.81 -12.55 -4.46
CA LEU A 299 9.76 -11.13 -4.20
C LEU A 299 10.99 -10.45 -4.79
N GLU A 300 11.32 -10.84 -6.02
CA GLU A 300 12.53 -10.33 -6.62
C GLU A 300 12.39 -8.89 -7.07
N SER A 301 13.53 -8.23 -7.19
CA SER A 301 13.56 -6.94 -7.78
C SER A 301 13.50 -7.15 -9.29
N GLY A 302 13.39 -6.04 -10.02
CA GLY A 302 13.34 -6.13 -11.46
C GLY A 302 14.43 -7.00 -12.01
N ILE A 303 15.60 -7.03 -11.37
CA ILE A 303 16.67 -7.92 -11.87
C ILE A 303 16.21 -9.39 -11.90
N GLY A 304 15.83 -9.93 -10.74
CA GLY A 304 15.35 -11.31 -10.64
C GLY A 304 14.09 -11.56 -11.47
N ARG A 305 13.12 -10.66 -11.35
CA ARG A 305 11.85 -10.77 -12.07
C ARG A 305 12.07 -10.95 -13.57
N ALA A 306 13.05 -10.20 -14.09
CA ALA A 306 13.37 -10.26 -15.51
C ALA A 306 14.05 -11.57 -15.89
N HIS A 307 14.95 -12.08 -15.05
CA HIS A 307 15.53 -13.40 -15.33
C HIS A 307 14.40 -14.42 -15.42
N ASN A 308 13.40 -14.26 -14.53
CA ASN A 308 12.33 -15.25 -14.41
C ASN A 308 11.50 -15.27 -15.69
N ILE A 309 11.23 -14.08 -16.20
CA ILE A 309 10.36 -13.93 -17.34
C ILE A 309 11.07 -14.54 -18.53
N HIS A 310 12.37 -14.29 -18.63
CA HIS A 310 13.14 -14.88 -19.70
C HIS A 310 13.17 -16.41 -19.63
N LEU A 311 13.46 -16.97 -18.45
CA LEU A 311 13.36 -18.42 -18.27
C LEU A 311 11.97 -18.98 -18.66
N SER A 312 10.91 -18.31 -18.19
CA SER A 312 9.51 -18.74 -18.40
C SER A 312 9.03 -18.83 -19.85
N THR A 313 9.84 -18.37 -20.79
CA THR A 313 9.43 -18.43 -22.19
C THR A 313 9.61 -19.83 -22.74
N LEU A 314 10.22 -20.71 -21.96
CA LEU A 314 10.39 -22.12 -22.36
C LEU A 314 9.03 -22.83 -22.37
N SER A 315 8.88 -23.82 -23.26
CA SER A 315 7.54 -24.34 -23.56
C SER A 315 6.89 -25.18 -22.47
N ASN A 316 7.66 -25.82 -21.60
CA ASN A 316 7.02 -26.63 -20.56
C ASN A 316 6.59 -25.80 -19.37
N PHE A 317 6.75 -24.48 -19.45
CA PHE A 317 6.15 -23.62 -18.46
C PHE A 317 4.71 -23.41 -18.88
N ARG A 318 3.88 -24.43 -18.62
CA ARG A 318 2.53 -24.56 -19.18
C ARG A 318 1.48 -24.18 -18.18
N LEU A 319 1.91 -23.61 -17.07
CA LEU A 319 1.04 -23.17 -16.00
C LEU A 319 1.50 -21.76 -15.61
N PRO A 320 0.56 -20.88 -15.30
CA PRO A 320 0.98 -19.49 -15.09
C PRO A 320 1.99 -19.33 -13.96
N GLY A 321 2.96 -18.44 -14.15
CA GLY A 321 4.05 -18.33 -13.20
C GLY A 321 3.78 -17.24 -12.19
N ASP A 322 4.60 -17.17 -11.14
CA ASP A 322 4.44 -16.16 -10.08
C ASP A 322 5.30 -14.94 -10.33
N THR A 323 5.30 -14.45 -11.58
CA THR A 323 6.02 -13.23 -11.91
C THR A 323 5.03 -12.10 -12.24
N SER A 324 4.30 -11.68 -11.21
CA SER A 324 3.30 -10.63 -11.36
C SER A 324 3.99 -9.27 -11.42
N SER A 325 3.18 -8.23 -11.54
CA SER A 325 3.65 -6.87 -11.72
C SER A 325 4.55 -6.35 -10.60
N ALA A 326 5.70 -5.81 -10.97
CA ALA A 326 6.60 -5.20 -9.99
C ALA A 326 5.93 -4.09 -9.19
N SER A 327 5.04 -3.32 -9.80
CA SER A 327 4.33 -2.27 -9.04
C SER A 327 3.64 -2.86 -7.82
N ARG A 328 3.35 -4.16 -7.88
CA ARG A 328 2.73 -4.81 -6.75
C ARG A 328 3.63 -4.92 -5.51
N TYR A 329 4.93 -4.68 -5.66
CA TYR A 329 5.85 -5.00 -4.54
C TYR A 329 6.66 -3.81 -4.07
N TRP A 330 6.96 -2.94 -5.02
CA TRP A 330 7.87 -1.84 -4.81
C TRP A 330 7.22 -0.56 -5.30
N GLU A 331 7.33 0.50 -4.52
CA GLU A 331 6.93 1.82 -5.00
C GLU A 331 7.85 2.20 -6.16
N ARG A 332 9.12 1.81 -6.07
CA ARG A 332 10.08 2.07 -7.15
C ARG A 332 11.16 0.99 -7.29
N ASP A 333 11.40 0.54 -8.51
CA ASP A 333 12.16 -0.66 -8.71
C ASP A 333 13.63 -0.32 -8.98
N LEU A 334 14.50 -1.32 -8.92
CA LEU A 334 15.94 -1.10 -9.13
C LEU A 334 16.33 -0.89 -10.61
N ILE A 335 15.41 -1.16 -11.53
CA ILE A 335 15.72 -1.19 -12.97
C ILE A 335 15.01 -0.02 -13.67
N GLN A 336 15.48 0.36 -14.85
CA GLN A 336 14.87 1.49 -15.49
C GLN A 336 13.52 1.15 -16.11
N GLU A 337 13.25 -0.14 -16.32
CA GLU A 337 12.07 -0.58 -17.08
C GLU A 337 10.96 -1.10 -16.18
N PRO A 338 9.72 -0.78 -16.51
CA PRO A 338 8.63 -1.31 -15.72
C PRO A 338 8.21 -2.70 -16.20
N LEU A 339 8.13 -3.64 -15.28
CA LEU A 339 7.72 -4.98 -15.58
C LEU A 339 6.28 -5.13 -15.14
N GLU A 340 5.34 -4.75 -15.99
CA GLU A 340 3.92 -4.77 -15.59
C GLU A 340 3.09 -5.74 -16.42
N ALA A 341 2.36 -6.60 -15.72
CA ALA A 341 1.45 -7.51 -16.37
C ALA A 341 0.13 -6.79 -16.61
N VAL A 342 -0.48 -7.10 -17.74
CA VAL A 342 -1.73 -6.56 -18.17
C VAL A 342 -2.57 -7.79 -18.57
N ASP A 343 -3.78 -7.91 -18.02
CA ASP A 343 -4.63 -9.06 -18.28
C ASP A 343 -3.90 -10.40 -18.08
N GLY A 344 -3.00 -10.46 -17.09
CA GLY A 344 -2.35 -11.73 -16.79
C GLY A 344 -1.36 -12.21 -17.83
N LEU A 345 -0.88 -11.29 -18.65
CA LEU A 345 0.21 -11.57 -19.56
C LEU A 345 1.33 -10.60 -19.26
N MET A 346 2.53 -11.13 -19.09
CA MET A 346 3.70 -10.32 -18.80
C MET A 346 4.58 -10.40 -20.00
N PRO A 347 4.86 -9.24 -20.62
CA PRO A 347 5.68 -9.27 -21.85
C PRO A 347 7.13 -9.49 -21.48
N VAL A 348 7.86 -10.19 -22.35
CA VAL A 348 9.29 -10.38 -22.20
C VAL A 348 9.98 -9.05 -22.50
N PRO A 349 10.73 -8.48 -21.53
CA PRO A 349 11.40 -7.18 -21.78
C PRO A 349 12.31 -7.25 -22.98
N GLN A 350 12.12 -6.35 -23.95
CA GLN A 350 12.94 -6.44 -25.15
C GLN A 350 14.38 -6.08 -24.78
N GLY A 351 15.34 -6.50 -25.61
CA GLY A 351 16.75 -6.19 -25.36
C GLY A 351 17.60 -7.44 -25.21
N PRO A 352 18.93 -7.25 -25.21
CA PRO A 352 19.89 -8.32 -25.07
C PRO A 352 19.91 -8.77 -23.63
N GLY A 353 20.25 -10.04 -23.40
CA GLY A 353 20.35 -10.56 -22.05
C GLY A 353 18.99 -10.44 -21.41
N THR A 354 18.94 -9.96 -20.17
CA THR A 354 17.67 -9.83 -19.46
C THR A 354 16.76 -8.73 -20.05
N GLY A 355 17.31 -7.85 -20.87
CA GLY A 355 16.51 -6.75 -21.46
C GLY A 355 16.11 -5.71 -20.43
N VAL A 356 16.74 -5.71 -19.25
CA VAL A 356 16.49 -4.69 -18.25
C VAL A 356 17.81 -4.12 -17.79
N THR A 357 17.78 -2.95 -17.15
CA THR A 357 18.96 -2.13 -16.95
C THR A 357 18.88 -1.50 -15.57
N LEU A 358 19.94 -1.63 -14.76
CA LEU A 358 19.93 -1.01 -13.42
C LEU A 358 19.79 0.48 -13.53
N ASP A 359 19.09 1.08 -12.56
CA ASP A 359 19.08 2.52 -12.38
C ASP A 359 20.13 2.80 -11.33
N ARG A 360 21.34 3.13 -11.76
CA ARG A 360 22.47 3.18 -10.84
C ARG A 360 22.28 4.29 -9.79
N GLU A 361 21.65 5.40 -10.17
CA GLU A 361 21.53 6.45 -9.19
C GLU A 361 20.47 6.12 -8.13
N PHE A 362 19.34 5.59 -8.56
CA PHE A 362 18.35 5.21 -7.60
C PHE A 362 18.95 4.13 -6.69
N LEU A 363 19.55 3.12 -7.29
CA LEU A 363 20.27 2.09 -6.54
C LEU A 363 21.16 2.72 -5.47
N ALA A 364 21.96 3.72 -5.82
CA ALA A 364 22.88 4.29 -4.86
C ALA A 364 22.16 4.81 -3.62
N THR A 365 20.96 5.35 -3.82
CA THR A 365 20.19 5.83 -2.69
C THR A 365 19.78 4.73 -1.73
N VAL A 366 19.82 3.46 -2.15
CA VAL A 366 19.34 2.38 -1.27
C VAL A 366 20.35 1.27 -1.05
N THR A 367 21.62 1.58 -1.29
CA THR A 367 22.70 0.62 -1.11
C THR A 367 23.18 0.61 0.35
N GLU A 368 23.03 -0.53 1.05
CA GLU A 368 23.65 -0.71 2.36
C GLU A 368 25.14 -0.88 2.18
N ALA A 369 25.58 -1.58 1.13
CA ALA A 369 27.01 -1.90 0.95
C ALA A 369 27.38 -2.29 -0.48
N GLN A 370 28.58 -1.91 -0.91
CA GLN A 370 29.11 -2.34 -2.21
C GLN A 370 30.61 -2.65 -2.14
N GLU A 371 31.08 -3.47 -3.06
CA GLU A 371 32.52 -3.81 -3.15
C GLU A 371 32.89 -4.16 -4.58
N GLU A 372 34.14 -3.94 -4.95
CA GLU A 372 34.55 -4.36 -6.26
C GLU A 372 35.65 -5.38 -6.13
N HIS A 373 35.58 -6.44 -6.92
CA HIS A 373 36.67 -7.39 -6.96
C HIS A 373 37.29 -7.50 -8.34
N ARG A 374 38.62 -7.62 -8.38
CA ARG A 374 39.38 -7.88 -9.62
C ARG A 374 40.28 -9.10 -9.46
N ALA A 375 41.02 -9.45 -10.51
CA ALA A 375 41.88 -10.66 -10.48
C ALA A 375 43.05 -10.54 -9.50
N ARG B 6 -44.71 2.67 -15.36
CA ARG B 6 -45.49 3.45 -14.35
C ARG B 6 -44.61 4.20 -13.35
N MET B 7 -45.23 5.09 -12.58
CA MET B 7 -44.53 5.96 -11.65
C MET B 7 -44.05 5.22 -10.42
N PHE B 8 -42.95 5.69 -9.83
CA PHE B 8 -42.39 5.11 -8.59
C PHE B 8 -42.66 5.92 -7.30
N LYS B 9 -42.70 5.21 -6.18
CA LYS B 9 -43.10 5.71 -4.88
C LYS B 9 -41.91 5.53 -3.98
N ILE B 10 -41.38 6.61 -3.43
CA ILE B 10 -40.30 6.45 -2.47
C ILE B 10 -40.83 6.16 -1.05
N GLU B 11 -40.70 4.91 -0.60
CA GLU B 11 -41.21 4.51 0.71
C GLU B 11 -40.27 4.79 1.88
N ALA B 12 -38.97 4.63 1.66
CA ALA B 12 -38.02 4.73 2.76
C ALA B 12 -36.63 5.15 2.30
N ALA B 13 -35.85 5.71 3.21
CA ALA B 13 -34.48 6.06 2.89
C ALA B 13 -33.63 5.72 4.09
N GLU B 14 -32.39 5.35 3.83
CA GLU B 14 -31.43 5.18 4.90
C GLU B 14 -30.21 6.01 4.61
N ILE B 15 -29.66 6.62 5.65
CA ILE B 15 -28.35 7.18 5.56
C ILE B 15 -27.41 6.30 6.35
N VAL B 16 -26.34 5.91 5.67
CA VAL B 16 -25.30 5.12 6.28
C VAL B 16 -23.97 5.79 6.03
N VAL B 17 -23.23 6.02 7.10
CA VAL B 17 -21.96 6.67 6.98
C VAL B 17 -20.91 5.68 7.37
N ALA B 18 -20.01 5.37 6.44
CA ALA B 18 -18.99 4.35 6.63
C ALA B 18 -17.61 4.94 6.70
N ARG B 19 -16.74 4.31 7.47
CA ARG B 19 -15.34 4.67 7.49
C ARG B 19 -14.60 3.53 6.82
N LEU B 20 -14.29 3.73 5.54
CA LEU B 20 -13.66 2.72 4.72
C LEU B 20 -12.16 2.96 4.75
N PRO B 21 -11.37 1.91 5.06
CA PRO B 21 -9.90 1.95 5.20
C PRO B 21 -9.16 2.12 3.87
N LEU B 22 -8.46 3.24 3.73
CA LEU B 22 -7.61 3.49 2.54
C LEU B 22 -6.49 2.46 2.40
N LYS B 23 -6.19 2.07 1.17
CA LYS B 23 -5.19 1.02 0.91
C LYS B 23 -3.78 1.56 1.20
N THR B 34 -5.71 7.89 6.16
CA THR B 34 -5.89 6.58 6.78
C THR B 34 -7.24 5.90 6.48
N HIS B 35 -8.32 6.68 6.62
CA HIS B 35 -9.68 6.19 6.37
C HIS B 35 -10.42 7.23 5.51
N LYS B 36 -11.45 6.81 4.77
CA LYS B 36 -12.32 7.79 4.12
C LYS B 36 -13.76 7.61 4.56
N VAL B 37 -14.38 8.72 4.95
CA VAL B 37 -15.76 8.72 5.37
C VAL B 37 -16.62 8.66 4.12
N VAL B 38 -17.45 7.63 4.04
CA VAL B 38 -18.35 7.50 2.90
C VAL B 38 -19.83 7.68 3.30
N PRO B 39 -20.46 8.80 2.90
CA PRO B 39 -21.88 9.03 3.16
C PRO B 39 -22.75 8.34 2.12
N LEU B 40 -23.62 7.42 2.52
CA LEU B 40 -24.51 6.80 1.53
C LEU B 40 -25.98 7.06 1.78
N LEU B 41 -26.70 7.28 0.68
CA LEU B 41 -28.14 7.34 0.72
C LEU B 41 -28.73 6.18 -0.10
N ILE B 42 -29.63 5.43 0.56
CA ILE B 42 -30.31 4.28 0.00
C ILE B 42 -31.80 4.58 -0.01
N LEU B 43 -32.41 4.62 -1.19
CA LEU B 43 -33.82 4.93 -1.35
C LEU B 43 -34.53 3.66 -1.74
N HIS B 44 -35.69 3.43 -1.15
CA HIS B 44 -36.44 2.19 -1.31
C HIS B 44 -37.78 2.49 -1.93
N GLY B 45 -38.11 1.77 -2.99
CA GLY B 45 -39.43 1.84 -3.58
C GLY B 45 -39.64 0.70 -4.55
N GLU B 46 -40.90 0.32 -4.73
CA GLU B 46 -41.32 -0.74 -5.66
C GLU B 46 -40.50 -2.02 -5.54
N GLY B 47 -40.09 -2.38 -4.32
CA GLY B 47 -39.30 -3.57 -4.08
C GLY B 47 -37.86 -3.50 -4.61
N VAL B 48 -37.44 -2.33 -5.09
CA VAL B 48 -36.04 -2.18 -5.45
C VAL B 48 -35.44 -1.06 -4.60
N GLN B 49 -34.20 -0.73 -4.89
CA GLN B 49 -33.49 0.26 -4.07
C GLN B 49 -32.40 0.94 -4.86
N GLY B 50 -32.23 2.24 -4.63
CA GLY B 50 -31.28 3.02 -5.35
C GLY B 50 -30.30 3.51 -4.31
N VAL B 51 -29.01 3.30 -4.58
CA VAL B 51 -27.93 3.76 -3.72
C VAL B 51 -27.07 4.83 -4.38
N ALA B 52 -26.59 5.76 -3.57
CA ALA B 52 -25.65 6.79 -4.06
C ALA B 52 -24.76 7.31 -2.93
N GLU B 53 -23.66 7.96 -3.32
CA GLU B 53 -22.54 8.22 -2.41
C GLU B 53 -22.25 9.72 -2.38
N GLY B 54 -22.15 10.30 -1.20
CA GLY B 54 -21.93 11.76 -1.18
C GLY B 54 -20.47 12.04 -1.39
N THR B 55 -20.14 13.14 -2.09
CA THR B 55 -18.72 13.48 -2.31
C THR B 55 -18.23 14.66 -1.47
N MET B 56 -19.05 15.10 -0.53
CA MET B 56 -18.66 16.21 0.34
C MET B 56 -17.78 15.65 1.45
N GLU B 57 -16.95 16.49 2.02
CA GLU B 57 -15.97 16.07 3.01
C GLU B 57 -16.38 16.61 4.39
N ALA B 58 -15.76 16.10 5.45
CA ALA B 58 -15.98 16.62 6.79
C ALA B 58 -15.77 18.15 6.87
N ARG B 59 -14.68 18.63 6.25
CA ARG B 59 -14.43 20.06 6.09
C ARG B 59 -14.45 20.46 4.62
N PRO B 60 -14.72 21.74 4.33
CA PRO B 60 -14.81 22.22 2.97
C PRO B 60 -13.45 22.48 2.34
N MET B 61 -12.86 21.46 1.73
CA MET B 61 -11.54 21.65 1.16
C MET B 61 -11.56 21.68 -0.35
N TYR B 62 -12.19 20.68 -0.98
CA TYR B 62 -12.33 20.66 -2.43
C TYR B 62 -13.33 21.70 -2.85
N ARG B 63 -14.48 21.70 -2.21
CA ARG B 63 -15.48 22.72 -2.45
C ARG B 63 -16.16 23.07 -1.13
N GLU B 64 -17.36 23.65 -1.19
CA GLU B 64 -17.91 24.41 -0.07
C GLU B 64 -18.83 23.62 0.87
N GLU B 65 -19.29 22.44 0.44
CA GLU B 65 -20.22 21.68 1.26
C GLU B 65 -19.51 20.88 2.33
N THR B 66 -20.24 20.50 3.37
CA THR B 66 -19.71 19.61 4.39
C THR B 66 -20.69 18.51 4.73
N ILE B 67 -20.19 17.38 5.23
CA ILE B 67 -21.02 16.25 5.67
C ILE B 67 -22.09 16.61 6.72
N ALA B 68 -21.72 17.37 7.75
CA ALA B 68 -22.73 17.80 8.75
C ALA B 68 -23.87 18.62 8.11
N GLY B 69 -23.49 19.49 7.17
CA GLY B 69 -24.42 20.36 6.48
C GLY B 69 -25.30 19.56 5.55
N ALA B 70 -24.64 18.75 4.71
CA ALA B 70 -25.33 17.93 3.73
C ALA B 70 -26.32 16.98 4.38
N LEU B 71 -25.89 16.24 5.41
CA LEU B 71 -26.78 15.24 6.04
C LEU B 71 -27.98 15.87 6.75
N ASP B 72 -27.77 16.99 7.40
CA ASP B 72 -28.84 17.68 8.08
C ASP B 72 -29.88 18.16 7.04
N LEU B 73 -29.38 18.65 5.91
CA LEU B 73 -30.24 18.99 4.78
C LEU B 73 -31.05 17.80 4.27
N LEU B 74 -30.39 16.64 4.08
CA LEU B 74 -31.08 15.44 3.60
C LEU B 74 -32.20 15.05 4.57
N ARG B 75 -31.84 14.89 5.83
CA ARG B 75 -32.77 14.38 6.81
C ARG B 75 -33.81 15.42 7.27
N GLY B 76 -33.45 16.70 7.35
CA GLY B 76 -34.44 17.71 7.72
C GLY B 76 -35.24 18.36 6.59
N THR B 77 -34.83 18.15 5.33
CA THR B 77 -35.47 18.85 4.20
C THR B 77 -35.77 18.00 2.94
N PHE B 78 -34.79 17.28 2.43
CA PHE B 78 -34.99 16.62 1.14
C PHE B 78 -35.76 15.33 1.28
N LEU B 79 -35.38 14.52 2.25
CA LEU B 79 -36.11 13.31 2.52
C LEU B 79 -37.57 13.56 2.89
N PRO B 80 -37.84 14.45 3.88
CA PRO B 80 -39.27 14.72 4.14
C PRO B 80 -40.03 15.18 2.92
N ALA B 81 -39.34 15.81 1.98
CA ALA B 81 -39.98 16.29 0.76
C ALA B 81 -40.32 15.14 -0.20
N ILE B 82 -39.55 14.06 -0.14
CA ILE B 82 -39.78 12.98 -1.10
C ILE B 82 -40.30 11.66 -0.52
N LEU B 83 -40.31 11.53 0.80
CA LEU B 83 -40.76 10.28 1.37
C LEU B 83 -42.26 10.18 1.20
N GLY B 84 -42.71 9.13 0.52
CA GLY B 84 -44.12 8.86 0.36
C GLY B 84 -44.71 9.48 -0.89
N GLN B 85 -43.89 10.19 -1.65
CA GLN B 85 -44.34 10.83 -2.85
C GLN B 85 -44.08 9.92 -4.01
N THR B 86 -44.92 10.06 -5.03
CA THR B 86 -44.85 9.26 -6.22
C THR B 86 -44.30 10.16 -7.31
N PHE B 87 -43.46 9.59 -8.17
CA PHE B 87 -42.73 10.37 -9.15
C PHE B 87 -42.66 9.65 -10.50
N ALA B 88 -42.64 10.46 -11.56
CA ALA B 88 -42.63 9.91 -12.91
C ALA B 88 -41.20 9.55 -13.30
N ASN B 89 -40.24 10.35 -12.83
CA ASN B 89 -38.85 10.17 -13.21
C ASN B 89 -37.88 10.88 -12.27
N PRO B 90 -36.57 10.56 -12.38
CA PRO B 90 -35.61 11.24 -11.50
C PRO B 90 -35.69 12.76 -11.60
N GLU B 91 -36.11 13.29 -12.76
CA GLU B 91 -36.12 14.74 -12.94
C GLU B 91 -37.19 15.32 -12.01
N ALA B 92 -38.33 14.64 -11.95
CA ALA B 92 -39.41 15.04 -11.09
C ALA B 92 -38.99 15.04 -9.62
N VAL B 93 -38.15 14.08 -9.26
CA VAL B 93 -37.70 13.96 -7.90
C VAL B 93 -36.92 15.22 -7.58
N SER B 94 -35.89 15.52 -8.36
CA SER B 94 -35.05 16.64 -7.94
C SER B 94 -35.81 17.94 -8.09
N ASP B 95 -36.76 17.99 -9.01
CA ASP B 95 -37.63 19.15 -9.08
C ASP B 95 -38.49 19.33 -7.80
N ALA B 96 -38.84 18.23 -7.13
CA ALA B 96 -39.61 18.30 -5.88
C ALA B 96 -38.82 18.86 -4.70
N LEU B 97 -37.51 19.12 -4.87
CA LEU B 97 -36.73 19.76 -3.82
C LEU B 97 -36.80 21.23 -4.20
N GLY B 98 -36.07 21.55 -5.27
CA GLY B 98 -36.42 22.67 -6.12
C GLY B 98 -35.85 24.02 -5.72
N SER B 99 -36.44 24.65 -4.72
CA SER B 99 -36.17 26.06 -4.52
C SER B 99 -34.94 26.34 -3.64
N TYR B 100 -34.40 25.32 -2.98
CA TYR B 100 -33.24 25.54 -2.13
C TYR B 100 -31.98 25.89 -2.92
N ARG B 101 -31.04 26.63 -2.32
CA ARG B 101 -29.94 27.16 -3.09
C ARG B 101 -28.61 26.48 -2.82
N GLY B 102 -27.81 26.33 -3.88
CA GLY B 102 -26.50 25.65 -3.78
C GLY B 102 -26.66 24.21 -3.30
N ASN B 103 -25.69 23.75 -2.51
CA ASN B 103 -25.74 22.41 -1.92
C ASN B 103 -25.94 21.29 -2.95
N ARG B 104 -25.20 21.38 -4.04
CA ARG B 104 -25.42 20.52 -5.18
C ARG B 104 -25.00 19.05 -4.96
N MET B 105 -23.97 18.83 -4.14
CA MET B 105 -23.59 17.48 -3.75
C MET B 105 -24.61 16.79 -2.81
N ALA B 106 -25.18 17.57 -1.89
CA ALA B 106 -26.28 17.05 -1.08
C ALA B 106 -27.41 16.63 -2.01
N ARG B 107 -27.82 17.52 -2.92
CA ARG B 107 -28.90 17.18 -3.89
C ARG B 107 -28.54 16.02 -4.76
N ALA B 108 -27.25 15.86 -5.00
CA ALA B 108 -26.80 14.86 -5.96
C ALA B 108 -27.12 13.49 -5.41
N MET B 109 -27.04 13.36 -4.09
CA MET B 109 -27.26 12.08 -3.45
C MET B 109 -28.69 11.60 -3.64
N VAL B 110 -29.64 12.52 -3.60
CA VAL B 110 -31.04 12.15 -3.75
C VAL B 110 -31.32 11.85 -5.21
N GLU B 111 -30.89 12.75 -6.08
CA GLU B 111 -31.10 12.64 -7.52
C GLU B 111 -30.46 11.36 -8.08
N MET B 112 -29.26 11.03 -7.60
CA MET B 112 -28.48 9.92 -8.18
C MET B 112 -29.01 8.57 -7.70
N ALA B 113 -29.36 8.51 -6.42
CA ALA B 113 -30.10 7.37 -5.89
C ALA B 113 -31.44 7.18 -6.60
N ALA B 114 -32.13 8.28 -6.88
CA ALA B 114 -33.36 8.21 -7.67
C ALA B 114 -33.12 7.61 -9.05
N TRP B 115 -32.04 8.01 -9.69
CA TRP B 115 -31.69 7.45 -10.99
C TRP B 115 -31.46 5.96 -10.90
N ASP B 116 -30.76 5.54 -9.86
CA ASP B 116 -30.46 4.14 -9.69
C ASP B 116 -31.77 3.39 -9.45
N LEU B 117 -32.62 3.96 -8.62
CA LEU B 117 -33.93 3.36 -8.36
C LEU B 117 -34.82 3.28 -9.60
N TRP B 118 -35.00 4.41 -10.27
CA TRP B 118 -35.79 4.50 -11.51
C TRP B 118 -35.38 3.36 -12.41
N ALA B 119 -34.12 3.42 -12.83
CA ALA B 119 -33.49 2.44 -13.72
C ALA B 119 -33.81 1.00 -13.31
N ARG B 120 -33.68 0.74 -12.01
CA ARG B 120 -33.97 -0.58 -11.50
C ARG B 120 -35.46 -0.95 -11.56
N THR B 121 -36.38 0.01 -11.40
CA THR B 121 -37.79 -0.35 -11.60
C THR B 121 -38.04 -0.83 -13.03
N LEU B 122 -37.17 -0.43 -13.97
CA LEU B 122 -37.35 -0.70 -15.40
C LEU B 122 -36.51 -1.87 -15.86
N GLY B 123 -35.51 -2.26 -15.06
CA GLY B 123 -34.58 -3.32 -15.45
C GLY B 123 -33.50 -2.86 -16.43
N VAL B 124 -33.34 -1.54 -16.57
CA VAL B 124 -32.37 -1.00 -17.54
C VAL B 124 -31.12 -0.42 -16.87
N PRO B 125 -29.94 -0.79 -17.37
CA PRO B 125 -28.68 -0.17 -16.92
C PRO B 125 -28.80 1.35 -16.95
N LEU B 126 -28.19 2.01 -15.97
CA LEU B 126 -28.29 3.44 -15.83
C LEU B 126 -27.81 4.19 -17.06
N GLY B 127 -26.59 3.90 -17.51
CA GLY B 127 -25.99 4.65 -18.64
C GLY B 127 -26.88 4.63 -19.87
N THR B 128 -27.46 3.45 -20.10
CA THR B 128 -28.46 3.23 -21.13
C THR B 128 -29.62 4.24 -21.05
N LEU B 129 -30.19 4.42 -19.86
CA LEU B 129 -31.24 5.43 -19.68
C LEU B 129 -30.73 6.84 -19.90
N LEU B 130 -29.43 7.05 -19.68
CA LEU B 130 -28.86 8.38 -19.87
C LEU B 130 -28.44 8.60 -21.31
N GLY B 131 -28.45 7.52 -22.11
CA GLY B 131 -28.25 7.64 -23.56
C GLY B 131 -26.91 7.17 -24.07
N GLY B 132 -26.07 6.64 -23.19
CA GLY B 132 -24.75 6.16 -23.60
C GLY B 132 -24.85 4.74 -24.11
N HIS B 133 -24.00 4.36 -25.06
CA HIS B 133 -23.92 2.99 -25.52
C HIS B 133 -22.48 2.50 -25.70
N LYS B 134 -21.59 2.90 -24.77
CA LYS B 134 -20.25 2.35 -24.70
C LYS B 134 -20.28 1.17 -23.75
N GLU B 135 -19.56 0.12 -24.11
CA GLU B 135 -19.50 -1.05 -23.24
C GLU B 135 -18.30 -0.95 -22.30
N GLN B 136 -17.38 -0.04 -22.63
CA GLN B 136 -16.35 0.40 -21.68
C GLN B 136 -15.84 1.79 -21.97
N VAL B 137 -15.06 2.29 -21.01
CA VAL B 137 -14.69 3.69 -20.99
C VAL B 137 -13.20 3.82 -20.68
N GLU B 138 -12.53 4.77 -21.32
CA GLU B 138 -11.09 4.91 -21.18
C GLU B 138 -10.78 5.63 -19.88
N VAL B 139 -9.70 5.24 -19.23
CA VAL B 139 -9.36 5.75 -17.94
C VAL B 139 -7.89 6.19 -17.91
N GLY B 140 -7.59 7.18 -17.08
CA GLY B 140 -6.25 7.74 -16.98
C GLY B 140 -5.88 7.77 -15.51
N VAL B 141 -4.67 8.21 -15.21
CA VAL B 141 -4.19 8.19 -13.85
C VAL B 141 -3.77 9.61 -13.49
N SER B 142 -3.96 9.98 -12.22
CA SER B 142 -3.47 11.25 -11.69
C SER B 142 -2.31 11.03 -10.75
N LEU B 143 -1.15 11.57 -11.11
CA LEU B 143 0.02 11.50 -10.26
C LEU B 143 0.17 12.73 -9.34
N GLY B 144 0.53 12.47 -8.08
CA GLY B 144 0.91 13.53 -7.16
C GLY B 144 2.29 14.07 -7.50
N ILE B 145 2.75 15.04 -6.71
CA ILE B 145 4.06 15.65 -6.96
C ILE B 145 5.17 14.70 -6.55
N GLN B 146 6.07 14.34 -7.46
CA GLN B 146 7.20 13.52 -7.05
C GLN B 146 8.41 14.37 -6.66
N ALA B 147 9.46 13.71 -6.20
CA ALA B 147 10.63 14.40 -5.66
C ALA B 147 11.48 15.09 -6.71
N ASP B 148 11.61 14.49 -7.89
CA ASP B 148 12.50 15.05 -8.91
C ASP B 148 12.03 14.64 -10.31
N GLU B 149 12.78 15.05 -11.32
CA GLU B 149 12.39 14.73 -12.69
C GLU B 149 12.32 13.22 -12.99
N GLN B 150 13.28 12.45 -12.50
CA GLN B 150 13.35 11.01 -12.82
C GLN B 150 12.27 10.21 -12.10
N ALA B 151 12.01 10.60 -10.85
CA ALA B 151 10.96 9.96 -10.07
C ALA B 151 9.63 10.17 -10.76
N THR B 152 9.45 11.35 -11.33
CA THR B 152 8.21 11.62 -12.03
C THR B 152 8.10 10.70 -13.25
N VAL B 153 9.20 10.59 -13.99
CA VAL B 153 9.24 9.85 -15.24
C VAL B 153 9.14 8.35 -15.02
N ASP B 154 9.80 7.86 -13.97
CA ASP B 154 9.69 6.44 -13.65
C ASP B 154 8.25 6.04 -13.30
N LEU B 155 7.52 6.93 -12.64
CA LEU B 155 6.13 6.62 -12.29
C LEU B 155 5.20 6.73 -13.52
N VAL B 156 5.53 7.61 -14.45
CA VAL B 156 4.77 7.71 -15.67
C VAL B 156 5.03 6.44 -16.49
N ARG B 157 6.31 6.09 -16.61
CA ARG B 157 6.71 4.92 -17.37
C ARG B 157 5.91 3.70 -16.92
N ARG B 158 5.73 3.55 -15.62
CA ARG B 158 4.94 2.46 -15.09
C ARG B 158 3.49 2.55 -15.58
N HIS B 159 2.88 3.72 -15.40
CA HIS B 159 1.47 3.82 -15.72
C HIS B 159 1.20 3.67 -17.22
N VAL B 160 2.07 4.23 -18.03
CA VAL B 160 1.96 4.03 -19.47
C VAL B 160 1.99 2.53 -19.80
N GLU B 161 2.84 1.81 -19.09
CA GLU B 161 3.03 0.38 -19.33
C GLU B 161 1.79 -0.43 -18.94
N GLN B 162 1.06 0.04 -17.93
CA GLN B 162 -0.17 -0.62 -17.55
C GLN B 162 -1.28 -0.21 -18.50
N GLY B 163 -0.94 0.65 -19.46
CA GLY B 163 -1.88 1.10 -20.50
C GLY B 163 -2.91 2.18 -20.17
N TYR B 164 -2.67 3.01 -19.17
CA TYR B 164 -3.53 4.19 -18.95
C TYR B 164 -3.51 5.08 -20.15
N ARG B 165 -4.66 5.56 -20.60
CA ARG B 165 -4.79 6.31 -21.85
C ARG B 165 -4.47 7.80 -21.68
N ARG B 166 -4.33 8.26 -20.45
CA ARG B 166 -3.90 9.64 -20.19
C ARG B 166 -3.16 9.74 -18.87
N ILE B 167 -2.16 10.61 -18.83
CA ILE B 167 -1.38 10.83 -17.62
C ILE B 167 -1.57 12.27 -17.14
N LYS B 168 -2.04 12.43 -15.92
CA LYS B 168 -2.18 13.75 -15.32
C LYS B 168 -1.13 13.99 -14.26
N LEU B 169 -0.36 15.08 -14.39
CA LEU B 169 0.62 15.44 -13.37
C LEU B 169 0.17 16.61 -12.52
N LYS B 170 0.26 16.46 -11.21
CA LYS B 170 0.06 17.59 -10.32
C LYS B 170 1.27 18.50 -10.47
N ILE B 171 1.02 19.81 -10.54
CA ILE B 171 2.12 20.76 -10.57
C ILE B 171 1.89 21.89 -9.57
N LYS B 172 2.93 22.64 -9.28
CA LYS B 172 2.79 23.79 -8.40
C LYS B 172 3.82 24.84 -8.75
N PRO B 173 3.61 26.09 -8.32
CA PRO B 173 4.62 27.09 -8.61
C PRO B 173 5.96 26.52 -8.15
N GLY B 174 6.99 26.68 -8.99
CA GLY B 174 8.31 26.11 -8.74
C GLY B 174 8.47 24.66 -9.18
N TRP B 175 7.38 24.02 -9.58
CA TRP B 175 7.45 22.60 -9.97
C TRP B 175 6.39 22.30 -11.01
N ASP B 176 6.68 22.68 -12.24
CA ASP B 176 5.70 22.54 -13.30
C ASP B 176 6.40 22.24 -14.59
N VAL B 177 7.12 23.21 -15.09
CA VAL B 177 7.86 23.05 -16.33
C VAL B 177 8.79 21.84 -16.24
N GLN B 178 9.43 21.61 -15.09
CA GLN B 178 10.40 20.53 -14.97
C GLN B 178 9.76 19.14 -15.09
N PRO B 179 8.73 18.86 -14.28
CA PRO B 179 8.14 17.52 -14.44
C PRO B 179 7.56 17.28 -15.84
N VAL B 180 7.07 18.33 -16.47
CA VAL B 180 6.45 18.23 -17.79
C VAL B 180 7.51 18.08 -18.89
N ARG B 181 8.56 18.88 -18.80
CA ARG B 181 9.68 18.69 -19.71
C ARG B 181 10.17 17.24 -19.65
N ALA B 182 10.57 16.79 -18.48
CA ALA B 182 11.15 15.45 -18.38
C ALA B 182 10.20 14.37 -18.91
N THR B 183 8.91 14.47 -18.57
CA THR B 183 7.89 13.49 -19.01
C THR B 183 7.70 13.48 -20.54
N ARG B 184 7.64 14.67 -21.13
CA ARG B 184 7.39 14.76 -22.57
C ARG B 184 8.63 14.33 -23.34
N GLU B 185 9.80 14.52 -22.74
CA GLU B 185 11.03 14.03 -23.34
C GLU B 185 11.05 12.51 -23.43
N ALA B 186 10.70 11.86 -22.32
CA ALA B 186 10.62 10.42 -22.27
C ALA B 186 9.42 9.89 -23.07
N PHE B 187 8.34 10.68 -23.13
CA PHE B 187 7.10 10.23 -23.76
C PHE B 187 6.51 11.22 -24.76
N PRO B 188 7.04 11.21 -26.00
CA PRO B 188 6.72 12.33 -26.90
C PRO B 188 5.29 12.33 -27.35
N ASP B 189 4.62 11.19 -27.27
CA ASP B 189 3.30 11.08 -27.85
C ASP B 189 2.14 10.80 -26.89
N ILE B 190 2.40 10.62 -25.61
CA ILE B 190 1.30 10.31 -24.72
C ILE B 190 0.37 11.52 -24.53
N ARG B 191 -0.90 11.25 -24.24
CA ARG B 191 -1.80 12.30 -23.87
C ARG B 191 -1.46 12.73 -22.45
N LEU B 192 -0.95 13.96 -22.31
CA LEU B 192 -0.47 14.46 -21.02
C LEU B 192 -1.26 15.69 -20.60
N THR B 193 -1.70 15.72 -19.35
CA THR B 193 -2.36 16.90 -18.79
C THR B 193 -1.74 17.26 -17.46
N VAL B 194 -2.13 18.43 -16.93
CA VAL B 194 -1.69 18.78 -15.59
C VAL B 194 -2.76 19.38 -14.72
N ASP B 195 -2.58 19.20 -13.42
CA ASP B 195 -3.50 19.71 -12.40
C ASP B 195 -2.77 20.82 -11.66
N ALA B 196 -3.00 22.06 -12.10
CA ALA B 196 -2.44 23.23 -11.45
C ALA B 196 -3.18 23.54 -10.12
N ASN B 197 -4.22 22.79 -9.82
CA ASN B 197 -4.77 22.78 -8.47
C ASN B 197 -4.99 24.17 -7.84
N SER B 198 -5.51 25.11 -8.63
CA SER B 198 -5.78 26.47 -8.19
C SER B 198 -4.64 27.17 -7.46
N ALA B 199 -3.40 26.83 -7.79
CA ALA B 199 -2.28 27.32 -7.03
C ALA B 199 -1.59 28.52 -7.68
N TYR B 200 -2.07 28.97 -8.82
CA TYR B 200 -1.38 30.08 -9.53
C TYR B 200 -2.16 31.38 -9.52
N THR B 201 -1.52 32.44 -9.98
CA THR B 201 -2.17 33.73 -10.21
C THR B 201 -1.84 34.22 -11.62
N LEU B 202 -2.40 35.36 -12.05
CA LEU B 202 -2.16 35.84 -13.43
C LEU B 202 -0.70 36.22 -13.63
N ALA B 203 -0.05 36.65 -12.54
CA ALA B 203 1.40 36.89 -12.57
C ALA B 203 2.18 35.68 -13.09
N ASP B 204 1.56 34.51 -13.05
CA ASP B 204 2.26 33.32 -13.48
C ASP B 204 2.04 33.00 -14.95
N ALA B 205 1.34 33.89 -15.65
CA ALA B 205 1.06 33.66 -17.07
C ALA B 205 2.33 33.22 -17.87
N GLY B 206 3.45 33.94 -17.68
CA GLY B 206 4.72 33.66 -18.37
C GLY B 206 5.34 32.30 -18.04
N ARG B 207 5.26 31.90 -16.79
CA ARG B 207 5.73 30.61 -16.39
C ARG B 207 4.86 29.51 -17.02
N LEU B 208 3.54 29.73 -17.03
CA LEU B 208 2.63 28.72 -17.56
C LEU B 208 2.79 28.67 -19.10
N ARG B 209 3.04 29.83 -19.70
CA ARG B 209 3.31 29.88 -21.13
C ARG B 209 4.44 28.90 -21.52
N GLN B 210 5.39 28.70 -20.60
CA GLN B 210 6.52 27.83 -20.87
C GLN B 210 6.09 26.40 -21.06
N LEU B 211 4.83 26.11 -20.71
CA LEU B 211 4.30 24.77 -20.86
C LEU B 211 3.85 24.50 -22.29
N ASP B 212 3.67 25.56 -23.08
CA ASP B 212 3.05 25.45 -24.42
C ASP B 212 3.79 24.50 -25.33
N GLU B 213 5.11 24.58 -25.31
CA GLU B 213 5.88 23.81 -26.25
C GLU B 213 5.76 22.29 -25.98
N TYR B 214 5.18 21.91 -24.84
CA TYR B 214 5.08 20.49 -24.49
C TYR B 214 3.73 19.84 -24.86
N ASP B 215 2.88 20.58 -25.56
CA ASP B 215 1.65 20.02 -26.11
C ASP B 215 0.82 19.22 -25.10
N LEU B 216 0.49 19.86 -23.99
CA LEU B 216 -0.39 19.28 -22.98
C LEU B 216 -1.80 19.34 -23.54
N THR B 217 -2.60 18.31 -23.27
CA THR B 217 -3.98 18.38 -23.67
C THR B 217 -4.65 19.56 -22.97
N CYS B 218 -4.33 19.81 -21.70
CA CYS B 218 -4.82 21.00 -21.03
C CYS B 218 -4.12 21.22 -19.68
N ILE B 219 -4.23 22.42 -19.12
CA ILE B 219 -3.87 22.71 -17.74
C ILE B 219 -5.16 22.90 -16.93
N GLU B 220 -5.32 22.14 -15.85
CA GLU B 220 -6.58 22.09 -15.11
C GLU B 220 -6.68 23.13 -13.97
N GLN B 221 -7.79 23.85 -13.94
CA GLN B 221 -8.11 24.86 -12.94
C GLN B 221 -6.90 25.53 -12.26
N PRO B 222 -6.08 26.29 -13.03
CA PRO B 222 -4.88 27.00 -12.50
C PRO B 222 -5.16 28.14 -11.50
N LEU B 223 -6.30 28.82 -11.64
CA LEU B 223 -6.59 29.99 -10.82
C LEU B 223 -7.75 29.69 -9.88
N ALA B 224 -8.41 30.72 -9.36
CA ALA B 224 -9.37 30.50 -8.28
C ALA B 224 -10.40 29.40 -8.62
N TRP B 225 -10.76 28.60 -7.60
CA TRP B 225 -11.77 27.53 -7.73
C TRP B 225 -13.16 27.98 -8.16
N ASP B 226 -13.50 29.23 -7.89
CA ASP B 226 -14.80 29.72 -8.28
C ASP B 226 -14.75 30.65 -9.48
N ASP B 227 -13.57 30.85 -10.04
CA ASP B 227 -13.44 31.87 -11.10
C ASP B 227 -13.70 31.38 -12.52
N LEU B 228 -14.31 32.25 -13.35
CA LEU B 228 -14.27 32.06 -14.82
C LEU B 228 -13.54 33.20 -15.51
N VAL B 229 -13.81 34.42 -15.06
CA VAL B 229 -13.38 35.60 -15.76
C VAL B 229 -11.84 35.70 -15.86
N ASP B 230 -11.13 35.38 -14.80
CA ASP B 230 -9.68 35.47 -14.80
C ASP B 230 -9.05 34.37 -15.67
N HIS B 231 -9.66 33.17 -15.66
CA HIS B 231 -9.24 32.04 -16.48
C HIS B 231 -9.28 32.40 -17.95
N ALA B 232 -10.38 33.01 -18.35
CA ALA B 232 -10.52 33.53 -19.70
C ALA B 232 -9.35 34.45 -20.02
N GLU B 233 -8.98 35.28 -19.05
CA GLU B 233 -7.92 36.22 -19.29
C GLU B 233 -6.62 35.42 -19.53
N LEU B 234 -6.40 34.44 -18.67
CA LEU B 234 -5.24 33.58 -18.80
C LEU B 234 -5.25 32.82 -20.13
N ALA B 235 -6.42 32.30 -20.53
CA ALA B 235 -6.48 31.58 -21.80
C ALA B 235 -5.99 32.45 -22.95
N ARG B 236 -6.11 33.78 -22.83
CA ARG B 236 -5.60 34.70 -23.87
C ARG B 236 -4.09 34.85 -23.87
N ARG B 237 -3.45 34.52 -22.77
CA ARG B 237 -2.04 34.78 -22.69
C ARG B 237 -1.21 33.52 -22.90
N ILE B 238 -1.83 32.36 -22.94
CA ILE B 238 -1.12 31.11 -23.20
C ILE B 238 -1.87 30.20 -24.18
N ARG B 239 -1.13 29.38 -24.93
CA ARG B 239 -1.77 28.59 -25.99
C ARG B 239 -2.27 27.20 -25.55
N THR B 240 -1.79 26.74 -24.41
CA THR B 240 -2.24 25.48 -23.83
C THR B 240 -3.70 25.64 -23.38
N PRO B 241 -4.58 24.75 -23.82
CA PRO B 241 -5.96 24.78 -23.34
C PRO B 241 -6.09 24.78 -21.80
N LEU B 242 -7.11 25.46 -21.28
CA LEU B 242 -7.45 25.38 -19.86
C LEU B 242 -8.64 24.45 -19.66
N CYS B 243 -8.60 23.70 -18.57
CA CYS B 243 -9.68 22.80 -18.23
C CYS B 243 -10.31 23.28 -16.91
N LEU B 244 -11.62 23.40 -16.86
CA LEU B 244 -12.29 23.86 -15.64
C LEU B 244 -12.73 22.65 -14.80
N ASP B 245 -12.56 22.74 -13.49
CA ASP B 245 -12.96 21.67 -12.56
C ASP B 245 -13.94 22.31 -11.61
N GLU B 246 -13.44 22.91 -10.53
CA GLU B 246 -14.34 23.48 -9.53
C GLU B 246 -15.26 24.55 -10.09
N SER B 247 -14.82 25.29 -11.10
CA SER B 247 -15.58 26.46 -11.56
C SER B 247 -16.91 26.13 -12.25
N VAL B 248 -17.10 24.86 -12.64
CA VAL B 248 -18.28 24.47 -13.40
C VAL B 248 -19.20 23.59 -12.57
N ALA B 249 -20.23 24.21 -11.97
CA ALA B 249 -21.15 23.43 -11.15
C ALA B 249 -22.53 23.27 -11.78
N SER B 250 -22.67 23.66 -13.04
CA SER B 250 -23.99 23.58 -13.69
C SER B 250 -23.84 23.70 -15.18
N ALA B 251 -24.87 23.29 -15.91
CA ALA B 251 -24.96 23.56 -17.32
C ALA B 251 -24.67 25.03 -17.66
N SER B 252 -25.29 25.97 -16.97
CA SER B 252 -25.11 27.39 -17.29
C SER B 252 -23.73 27.89 -16.93
N ASP B 253 -23.10 27.26 -15.94
CA ASP B 253 -21.70 27.52 -15.66
C ASP B 253 -20.93 27.12 -16.91
N ALA B 254 -21.22 25.93 -17.41
CA ALA B 254 -20.50 25.43 -18.56
C ALA B 254 -20.70 26.37 -19.74
N ARG B 255 -21.95 26.69 -20.07
CA ARG B 255 -22.22 27.64 -21.15
C ARG B 255 -21.39 28.90 -20.95
N LYS B 256 -21.49 29.50 -19.78
CA LYS B 256 -20.70 30.71 -19.49
C LYS B 256 -19.18 30.52 -19.65
N ALA B 257 -18.65 29.46 -19.07
CA ALA B 257 -17.24 29.11 -19.23
C ALA B 257 -16.76 29.00 -20.70
N LEU B 258 -17.47 28.20 -21.50
CA LEU B 258 -17.07 27.98 -22.89
C LEU B 258 -17.22 29.22 -23.77
N ALA B 259 -18.24 30.03 -23.50
CA ALA B 259 -18.45 31.28 -24.24
C ALA B 259 -17.56 32.44 -23.79
N LEU B 260 -17.14 32.46 -22.53
CA LEU B 260 -16.16 33.46 -22.11
C LEU B 260 -14.75 33.08 -22.58
N GLY B 261 -14.60 31.86 -23.10
CA GLY B 261 -13.26 31.30 -23.35
C GLY B 261 -12.50 31.04 -22.05
N ALA B 262 -13.22 30.77 -20.96
CA ALA B 262 -12.51 30.46 -19.72
C ALA B 262 -11.76 29.13 -19.82
N GLY B 263 -12.18 28.28 -20.75
CA GLY B 263 -11.51 27.00 -20.99
C GLY B 263 -12.04 26.29 -22.22
N GLY B 264 -11.33 25.25 -22.66
CA GLY B 264 -11.78 24.49 -23.83
C GLY B 264 -12.07 23.04 -23.48
N VAL B 265 -12.00 22.73 -22.19
CA VAL B 265 -12.17 21.37 -21.68
C VAL B 265 -12.82 21.48 -20.30
N ILE B 266 -13.69 20.54 -19.97
CA ILE B 266 -14.31 20.51 -18.65
C ILE B 266 -14.10 19.19 -17.91
N ASN B 267 -13.50 19.25 -16.75
CA ASN B 267 -13.48 18.08 -15.90
C ASN B 267 -14.83 17.97 -15.16
N LEU B 268 -15.64 17.00 -15.60
CA LEU B 268 -17.03 16.88 -15.18
C LEU B 268 -17.16 15.89 -14.01
N LYS B 269 -17.59 16.40 -12.87
CA LYS B 269 -17.86 15.56 -11.72
C LYS B 269 -19.35 15.62 -11.39
N VAL B 270 -20.02 14.49 -11.55
CA VAL B 270 -21.48 14.34 -11.46
C VAL B 270 -22.14 14.89 -10.19
N ALA B 271 -21.55 14.61 -9.04
CA ALA B 271 -22.06 15.12 -7.78
C ALA B 271 -21.90 16.64 -7.68
N ARG B 272 -20.74 17.13 -8.11
CA ARG B 272 -20.44 18.57 -8.06
C ARG B 272 -21.50 19.43 -8.80
N VAL B 273 -22.04 18.89 -9.90
CA VAL B 273 -22.98 19.64 -10.72
C VAL B 273 -24.40 19.34 -10.34
N GLY B 274 -24.60 18.40 -9.41
CA GLY B 274 -25.94 18.10 -8.93
C GLY B 274 -26.58 16.80 -9.39
N GLY B 275 -25.81 15.89 -9.95
CA GLY B 275 -26.35 14.59 -10.39
C GLY B 275 -26.33 14.35 -11.90
N HIS B 276 -26.88 13.21 -12.33
CA HIS B 276 -26.78 12.76 -13.71
C HIS B 276 -27.46 13.65 -14.78
N ALA B 277 -28.69 14.06 -14.52
CA ALA B 277 -29.44 14.90 -15.45
C ALA B 277 -28.67 16.18 -15.73
N GLU B 278 -28.26 16.85 -14.66
CA GLU B 278 -27.52 18.08 -14.84
C GLU B 278 -26.19 17.77 -15.50
N SER B 279 -25.60 16.60 -15.20
CA SER B 279 -24.32 16.22 -15.82
C SER B 279 -24.48 16.03 -17.32
N ARG B 280 -25.54 15.32 -17.70
CA ARG B 280 -25.79 15.13 -19.10
C ARG B 280 -25.96 16.49 -19.76
N ARG B 281 -26.64 17.41 -19.06
CA ARG B 281 -26.77 18.79 -19.58
C ARG B 281 -25.41 19.41 -19.78
N VAL B 282 -24.54 19.28 -18.78
CA VAL B 282 -23.21 19.83 -18.94
C VAL B 282 -22.57 19.22 -20.17
N HIS B 283 -22.59 17.90 -20.23
CA HIS B 283 -22.06 17.13 -21.35
C HIS B 283 -22.61 17.61 -22.71
N ASP B 284 -23.91 17.93 -22.77
CA ASP B 284 -24.48 18.40 -24.00
C ASP B 284 -24.08 19.84 -24.35
N VAL B 285 -24.08 20.72 -23.36
CA VAL B 285 -23.67 22.08 -23.64
C VAL B 285 -22.25 22.08 -24.20
N ALA B 286 -21.37 21.34 -23.55
CA ALA B 286 -19.99 21.25 -24.00
C ALA B 286 -19.92 20.75 -25.45
N GLN B 287 -20.58 19.61 -25.74
CA GLN B 287 -20.63 19.05 -27.10
C GLN B 287 -21.09 20.12 -28.10
N SER B 288 -22.08 20.89 -27.70
CA SER B 288 -22.65 21.89 -28.59
C SER B 288 -21.62 22.98 -28.93
N PHE B 289 -20.62 23.18 -28.07
CA PHE B 289 -19.45 24.07 -28.34
C PHE B 289 -18.30 23.26 -28.93
N GLY B 290 -18.48 21.98 -29.20
CA GLY B 290 -17.37 21.14 -29.65
C GLY B 290 -16.26 21.01 -28.62
N ALA B 291 -16.59 21.19 -27.33
CA ALA B 291 -15.57 21.05 -26.32
C ALA B 291 -15.73 19.67 -25.69
N PRO B 292 -14.62 18.93 -25.47
CA PRO B 292 -14.76 17.64 -24.81
C PRO B 292 -14.95 17.78 -23.31
N VAL B 293 -15.52 16.75 -22.69
CA VAL B 293 -15.49 16.64 -21.23
C VAL B 293 -14.76 15.34 -20.88
N TRP B 294 -14.32 15.22 -19.63
CA TRP B 294 -14.06 13.88 -19.07
C TRP B 294 -14.62 13.70 -17.68
N CYS B 295 -14.75 12.46 -17.27
CA CYS B 295 -15.32 12.16 -15.98
C CYS B 295 -14.27 12.23 -14.87
N GLY B 296 -14.46 13.15 -13.94
CA GLY B 296 -13.51 13.31 -12.82
C GLY B 296 -13.84 12.35 -11.70
N GLY B 297 -12.92 12.23 -10.74
CA GLY B 297 -13.10 11.31 -9.64
C GLY B 297 -12.91 11.96 -8.28
N MET B 298 -13.36 11.27 -7.23
CA MET B 298 -13.35 11.80 -5.87
C MET B 298 -13.09 10.71 -4.81
N LEU B 299 -12.21 9.75 -5.14
CA LEU B 299 -11.89 8.64 -4.25
C LEU B 299 -13.17 7.97 -3.84
N GLU B 300 -14.03 7.70 -4.81
CA GLU B 300 -15.31 7.13 -4.50
C GLU B 300 -15.19 5.64 -4.18
N SER B 301 -16.14 5.17 -3.36
CA SER B 301 -16.30 3.76 -3.16
C SER B 301 -16.96 3.21 -4.42
N GLY B 302 -17.04 1.88 -4.51
CA GLY B 302 -17.71 1.24 -5.64
C GLY B 302 -19.05 1.84 -6.01
N ILE B 303 -19.81 2.33 -5.03
CA ILE B 303 -21.08 2.98 -5.37
C ILE B 303 -20.85 4.17 -6.31
N GLY B 304 -20.15 5.20 -5.83
CA GLY B 304 -19.83 6.36 -6.66
C GLY B 304 -19.05 6.08 -7.97
N ARG B 305 -18.06 5.19 -7.89
CA ARG B 305 -17.24 4.79 -9.05
C ARG B 305 -18.10 4.23 -10.19
N ALA B 306 -19.12 3.47 -9.80
CA ALA B 306 -20.04 2.88 -10.75
C ALA B 306 -21.00 3.90 -11.36
N HIS B 307 -21.41 4.90 -10.58
CA HIS B 307 -22.25 5.96 -11.15
C HIS B 307 -21.42 6.63 -12.23
N ASN B 308 -20.16 6.92 -11.91
CA ASN B 308 -19.26 7.63 -12.82
C ASN B 308 -19.10 6.85 -14.14
N ILE B 309 -18.86 5.54 -14.03
CA ILE B 309 -18.64 4.71 -15.22
C ILE B 309 -19.90 4.73 -16.09
N HIS B 310 -21.06 4.68 -15.48
CA HIS B 310 -22.31 4.81 -16.26
C HIS B 310 -22.50 6.15 -16.96
N LEU B 311 -22.28 7.24 -16.22
CA LEU B 311 -22.26 8.56 -16.85
C LEU B 311 -21.21 8.67 -17.99
N SER B 312 -20.02 8.12 -17.77
CA SER B 312 -18.92 8.18 -18.75
C SER B 312 -19.19 7.46 -20.06
N THR B 313 -20.28 6.70 -20.14
CA THR B 313 -20.56 5.98 -21.37
C THR B 313 -21.09 6.95 -22.41
N LEU B 314 -21.40 8.18 -22.01
CA LEU B 314 -21.89 9.17 -22.98
C LEU B 314 -20.78 9.58 -23.96
N SER B 315 -21.15 10.07 -25.14
CA SER B 315 -20.21 10.19 -26.27
C SER B 315 -19.29 11.41 -26.27
N ASN B 316 -19.68 12.50 -25.62
CA ASN B 316 -18.73 13.59 -25.45
C ASN B 316 -17.79 13.38 -24.24
N PHE B 317 -17.71 12.19 -23.70
CA PHE B 317 -16.64 11.91 -22.74
C PHE B 317 -15.51 11.33 -23.57
N ARG B 318 -14.77 12.21 -24.26
CA ARG B 318 -13.80 11.77 -25.28
C ARG B 318 -12.40 11.86 -24.78
N LEU B 319 -12.24 12.10 -23.49
CA LEU B 319 -10.92 12.11 -22.90
C LEU B 319 -11.03 11.15 -21.73
N PRO B 320 -9.97 10.41 -21.46
CA PRO B 320 -10.09 9.38 -20.42
C PRO B 320 -10.48 9.99 -19.07
N GLY B 321 -11.32 9.30 -18.31
CA GLY B 321 -11.81 9.82 -17.04
C GLY B 321 -10.96 9.34 -15.89
N ASP B 322 -11.20 9.85 -14.69
CA ASP B 322 -10.51 9.37 -13.47
C ASP B 322 -11.38 8.32 -12.78
N THR B 323 -11.52 7.20 -13.46
CA THR B 323 -12.33 6.11 -12.96
C THR B 323 -11.48 4.85 -13.02
N SER B 324 -10.31 4.92 -12.36
CA SER B 324 -9.37 3.82 -12.36
C SER B 324 -9.79 2.75 -11.38
N SER B 325 -9.02 1.67 -11.33
CA SER B 325 -9.35 0.51 -10.51
C SER B 325 -9.60 0.74 -9.02
N ALA B 326 -10.65 0.12 -8.49
CA ALA B 326 -10.94 0.25 -7.07
C ALA B 326 -9.85 -0.35 -6.21
N SER B 327 -9.16 -1.37 -6.73
CA SER B 327 -8.08 -1.99 -5.98
C SER B 327 -7.00 -0.97 -5.69
N ARG B 328 -6.98 0.10 -6.48
CA ARG B 328 -5.98 1.14 -6.23
C ARG B 328 -6.26 1.98 -4.97
N TYR B 329 -7.46 1.88 -4.42
CA TYR B 329 -7.84 2.76 -3.32
C TYR B 329 -8.22 2.02 -2.06
N TRP B 330 -8.80 0.85 -2.22
CA TRP B 330 -9.41 0.16 -1.10
C TRP B 330 -8.85 -1.23 -0.99
N GLU B 331 -8.48 -1.62 0.24
CA GLU B 331 -8.16 -3.01 0.50
C GLU B 331 -9.39 -3.84 0.12
N ARG B 332 -10.57 -3.38 0.54
CA ARG B 332 -11.81 -4.06 0.23
C ARG B 332 -12.97 -3.08 0.02
N ASP B 333 -13.72 -3.27 -1.06
CA ASP B 333 -14.71 -2.25 -1.45
C ASP B 333 -16.08 -2.44 -0.76
N LEU B 334 -16.98 -1.47 -0.88
CA LEU B 334 -18.32 -1.59 -0.27
C LEU B 334 -19.28 -2.41 -1.11
N ILE B 335 -18.88 -2.74 -2.33
CA ILE B 335 -19.74 -3.44 -3.30
C ILE B 335 -19.19 -4.83 -3.58
N GLN B 336 -20.04 -5.69 -4.14
CA GLN B 336 -19.68 -7.09 -4.33
C GLN B 336 -18.91 -7.27 -5.61
N GLU B 337 -19.10 -6.36 -6.55
CA GLU B 337 -18.45 -6.50 -7.84
C GLU B 337 -17.14 -5.73 -7.86
N PRO B 338 -16.08 -6.32 -8.43
CA PRO B 338 -14.82 -5.59 -8.53
C PRO B 338 -14.82 -4.73 -9.79
N LEU B 339 -14.50 -3.45 -9.63
CA LEU B 339 -14.41 -2.53 -10.75
C LEU B 339 -12.95 -2.37 -11.14
N GLU B 340 -12.46 -3.24 -12.02
CA GLU B 340 -11.03 -3.20 -12.31
C GLU B 340 -10.81 -2.85 -13.77
N ALA B 341 -9.95 -1.86 -14.01
CA ALA B 341 -9.63 -1.46 -15.35
C ALA B 341 -8.48 -2.31 -15.85
N VAL B 342 -8.51 -2.65 -17.13
CA VAL B 342 -7.45 -3.43 -17.72
C VAL B 342 -6.97 -2.71 -18.97
N ASP B 343 -5.67 -2.46 -19.08
CA ASP B 343 -5.16 -1.76 -20.23
C ASP B 343 -5.87 -0.42 -20.45
N GLY B 344 -6.29 0.25 -19.38
CA GLY B 344 -6.91 1.57 -19.52
C GLY B 344 -8.35 1.55 -20.00
N LEU B 345 -8.93 0.38 -20.12
CA LEU B 345 -10.36 0.27 -20.38
C LEU B 345 -11.06 -0.25 -19.14
N MET B 346 -12.09 0.47 -18.69
CA MET B 346 -12.90 0.05 -17.54
C MET B 346 -14.22 -0.46 -18.05
N PRO B 347 -14.53 -1.75 -17.80
CA PRO B 347 -15.82 -2.29 -18.31
C PRO B 347 -17.02 -1.69 -17.58
N VAL B 348 -18.14 -1.53 -18.27
CA VAL B 348 -19.34 -1.06 -17.62
C VAL B 348 -19.91 -2.21 -16.83
N PRO B 349 -20.14 -2.02 -15.52
CA PRO B 349 -20.67 -3.16 -14.76
C PRO B 349 -22.10 -3.53 -15.16
N GLN B 350 -22.30 -4.81 -15.46
CA GLN B 350 -23.59 -5.33 -15.92
C GLN B 350 -24.67 -5.28 -14.82
N GLY B 351 -25.92 -5.25 -15.26
CA GLY B 351 -27.05 -5.21 -14.36
C GLY B 351 -27.91 -3.98 -14.60
N PRO B 352 -29.04 -3.90 -13.91
CA PRO B 352 -29.92 -2.74 -13.89
C PRO B 352 -29.32 -1.61 -13.05
N GLY B 353 -29.67 -0.37 -13.39
CA GLY B 353 -29.13 0.76 -12.66
C GLY B 353 -27.62 0.82 -12.73
N THR B 354 -26.98 1.06 -11.59
CA THR B 354 -25.53 1.17 -11.53
C THR B 354 -24.86 -0.17 -11.87
N GLY B 355 -25.58 -1.27 -11.71
CA GLY B 355 -25.06 -2.62 -11.99
C GLY B 355 -24.13 -3.12 -10.89
N VAL B 356 -24.21 -2.52 -9.70
CA VAL B 356 -23.42 -2.98 -8.58
C VAL B 356 -24.28 -3.06 -7.34
N THR B 357 -23.85 -3.84 -6.36
CA THR B 357 -24.69 -4.21 -5.22
C THR B 357 -23.93 -4.05 -3.94
N LEU B 358 -24.51 -3.36 -2.96
CA LEU B 358 -23.83 -3.17 -1.67
C LEU B 358 -23.58 -4.54 -1.05
N ASP B 359 -22.44 -4.68 -0.38
CA ASP B 359 -22.17 -5.84 0.47
C ASP B 359 -22.61 -5.44 1.87
N ARG B 360 -23.85 -5.73 2.24
CA ARG B 360 -24.39 -5.20 3.51
C ARG B 360 -23.57 -5.71 4.67
N GLU B 361 -23.17 -6.97 4.61
CA GLU B 361 -22.38 -7.60 5.68
C GLU B 361 -21.10 -6.84 5.96
N PHE B 362 -20.28 -6.66 4.92
CA PHE B 362 -19.05 -5.92 5.09
C PHE B 362 -19.33 -4.46 5.49
N LEU B 363 -20.27 -3.82 4.79
CA LEU B 363 -20.68 -2.45 5.11
C LEU B 363 -20.93 -2.33 6.60
N ALA B 364 -21.69 -3.26 7.17
CA ALA B 364 -21.97 -3.21 8.61
C ALA B 364 -20.72 -3.12 9.49
N THR B 365 -19.61 -3.70 9.04
CA THR B 365 -18.39 -3.69 9.85
C THR B 365 -17.66 -2.35 9.82
N VAL B 366 -18.00 -1.47 8.88
CA VAL B 366 -17.33 -0.15 8.77
C VAL B 366 -18.31 1.03 8.84
N THR B 367 -19.43 0.80 9.51
CA THR B 367 -20.51 1.77 9.59
C THR B 367 -20.33 2.60 10.86
N GLU B 368 -20.14 3.91 10.71
CA GLU B 368 -20.02 4.78 11.88
C GLU B 368 -21.40 5.08 12.42
N ALA B 369 -22.36 5.27 11.52
CA ALA B 369 -23.74 5.58 11.93
C ALA B 369 -24.69 5.26 10.79
N GLN B 370 -25.90 4.85 11.15
CA GLN B 370 -26.95 4.64 10.17
C GLN B 370 -28.33 5.05 10.73
N GLU B 371 -29.26 5.34 9.83
CA GLU B 371 -30.59 5.77 10.22
C GLU B 371 -31.59 5.44 9.11
N GLU B 372 -32.84 5.22 9.48
CA GLU B 372 -33.85 4.97 8.47
C GLU B 372 -34.90 6.04 8.60
N HIS B 373 -35.38 6.55 7.48
CA HIS B 373 -36.48 7.48 7.49
C HIS B 373 -37.66 6.95 6.68
N ARG B 374 -38.86 7.28 7.15
CA ARG B 374 -40.14 7.02 6.48
C ARG B 374 -41.02 8.28 6.48
N ALA B 375 -42.17 8.26 5.80
CA ALA B 375 -42.96 9.49 5.57
C ALA B 375 -43.59 10.10 6.82
N ARG C 6 18.12 -29.87 38.65
CA ARG C 6 17.04 -28.88 38.29
C ARG C 6 17.33 -27.93 37.07
N MET C 7 16.50 -26.89 36.89
CA MET C 7 16.53 -26.06 35.67
C MET C 7 17.78 -25.20 35.58
N PHE C 8 18.18 -24.85 34.36
CA PHE C 8 19.41 -24.06 34.15
C PHE C 8 19.26 -22.81 33.27
N LYS C 9 19.94 -21.74 33.67
CA LYS C 9 19.85 -20.45 32.99
C LYS C 9 21.13 -20.15 32.25
N ILE C 10 21.03 -19.99 30.95
CA ILE C 10 22.20 -19.62 30.17
C ILE C 10 22.48 -18.11 30.22
N GLU C 11 23.57 -17.71 30.87
CA GLU C 11 23.89 -16.28 31.07
C GLU C 11 24.78 -15.66 29.99
N ALA C 12 25.76 -16.41 29.51
CA ALA C 12 26.72 -15.87 28.55
C ALA C 12 27.17 -16.90 27.51
N ALA C 13 27.70 -16.43 26.40
CA ALA C 13 28.22 -17.34 25.42
C ALA C 13 29.46 -16.77 24.76
N GLU C 14 30.43 -17.62 24.54
CA GLU C 14 31.63 -17.20 23.88
C GLU C 14 31.75 -18.01 22.63
N ILE C 15 32.05 -17.32 21.54
CA ILE C 15 32.51 -17.94 20.32
C ILE C 15 33.99 -17.67 20.22
N VAL C 16 34.76 -18.74 20.16
CA VAL C 16 36.21 -18.67 20.17
C VAL C 16 36.70 -19.51 19.00
N VAL C 17 37.30 -18.87 18.00
CA VAL C 17 37.80 -19.57 16.83
C VAL C 17 39.31 -19.73 16.97
N ALA C 18 39.76 -20.97 16.92
CA ALA C 18 41.17 -21.31 17.03
C ALA C 18 41.71 -21.77 15.69
N ARG C 19 43.00 -21.55 15.48
CA ARG C 19 43.65 -22.12 14.33
C ARG C 19 44.73 -23.07 14.85
N LEU C 20 44.52 -24.35 14.61
CA LEU C 20 45.30 -25.38 15.24
C LEU C 20 46.13 -26.02 14.16
N PRO C 21 47.46 -25.98 14.33
CA PRO C 21 48.35 -26.58 13.33
C PRO C 21 48.24 -28.11 13.27
N LEU C 22 48.14 -28.63 12.06
CA LEU C 22 48.20 -30.08 11.84
C LEU C 22 49.63 -30.59 12.10
N LYS C 23 49.75 -31.82 12.58
CA LYS C 23 51.05 -32.48 12.81
C LYS C 23 51.92 -32.61 11.55
N THR C 34 48.38 -27.33 6.40
CA THR C 34 49.08 -26.67 7.50
C THR C 34 48.20 -26.62 8.72
N HIS C 35 46.92 -26.29 8.52
CA HIS C 35 46.02 -25.92 9.62
C HIS C 35 44.58 -26.35 9.48
N LYS C 36 43.89 -26.36 10.62
CA LYS C 36 42.47 -26.67 10.70
C LYS C 36 41.86 -25.66 11.68
N VAL C 37 40.77 -25.03 11.26
CA VAL C 37 40.07 -24.03 12.06
C VAL C 37 39.14 -24.74 12.98
N VAL C 38 39.17 -24.35 14.25
CA VAL C 38 38.26 -24.92 15.23
C VAL C 38 37.38 -23.86 15.85
N PRO C 39 36.10 -23.83 15.47
CA PRO C 39 35.17 -22.90 16.07
C PRO C 39 34.57 -23.48 17.35
N LEU C 40 34.83 -22.84 18.49
CA LEU C 40 34.29 -23.26 19.77
C LEU C 40 33.15 -22.37 20.22
N LEU C 41 32.12 -23.00 20.78
CA LEU C 41 31.08 -22.31 21.50
C LEU C 41 31.23 -22.73 22.95
N ILE C 42 31.19 -21.74 23.86
CA ILE C 42 31.19 -21.96 25.31
C ILE C 42 29.96 -21.33 25.95
N LEU C 43 29.13 -22.13 26.60
CA LEU C 43 27.94 -21.63 27.27
C LEU C 43 28.16 -21.56 28.80
N HIS C 44 27.78 -20.44 29.41
CA HIS C 44 27.98 -20.20 30.85
C HIS C 44 26.63 -20.15 31.57
N GLY C 45 26.49 -20.98 32.59
CA GLY C 45 25.28 -21.04 33.38
C GLY C 45 25.49 -21.82 34.66
N GLU C 46 24.90 -21.31 35.75
CA GLU C 46 24.79 -22.04 37.01
C GLU C 46 26.15 -22.40 37.55
N GLY C 47 27.13 -21.51 37.36
CA GLY C 47 28.49 -21.73 37.85
C GLY C 47 29.36 -22.73 37.09
N VAL C 48 28.85 -23.30 36.01
CA VAL C 48 29.64 -24.24 35.22
C VAL C 48 29.65 -23.76 33.77
N GLN C 49 30.29 -24.51 32.88
CA GLN C 49 30.21 -24.17 31.47
C GLN C 49 30.07 -25.38 30.57
N GLY C 50 29.54 -25.17 29.38
CA GLY C 50 29.46 -26.20 28.37
C GLY C 50 30.25 -25.79 27.15
N VAL C 51 31.01 -26.73 26.58
CA VAL C 51 31.84 -26.44 25.42
C VAL C 51 31.57 -27.38 24.28
N ALA C 52 31.45 -26.83 23.07
CA ALA C 52 31.29 -27.64 21.86
C ALA C 52 32.05 -27.03 20.67
N GLU C 53 32.32 -27.87 19.69
CA GLU C 53 33.20 -27.52 18.60
C GLU C 53 32.42 -27.65 17.32
N GLY C 54 32.53 -26.66 16.44
CA GLY C 54 31.87 -26.72 15.15
C GLY C 54 32.63 -27.63 14.20
N THR C 55 31.91 -28.32 13.33
CA THR C 55 32.52 -29.20 12.36
C THR C 55 32.38 -28.65 10.93
N MET C 56 31.79 -27.45 10.78
CA MET C 56 31.73 -26.83 9.45
C MET C 56 33.07 -26.20 9.10
N GLU C 57 33.40 -26.23 7.80
CA GLU C 57 34.66 -25.70 7.28
C GLU C 57 34.54 -24.26 6.77
N ALA C 58 35.66 -23.65 6.46
CA ALA C 58 35.68 -22.30 5.85
C ALA C 58 34.89 -22.31 4.55
N ARG C 59 35.06 -23.38 3.80
CA ARG C 59 34.34 -23.64 2.56
C ARG C 59 33.47 -24.90 2.62
N PRO C 60 32.49 -25.03 1.72
CA PRO C 60 31.59 -26.20 1.68
C PRO C 60 32.13 -27.39 0.90
N MET C 61 33.04 -28.15 1.52
CA MET C 61 33.71 -29.27 0.84
C MET C 61 33.15 -30.61 1.32
N TYR C 62 32.98 -30.76 2.63
CA TYR C 62 32.37 -31.98 3.14
C TYR C 62 30.84 -31.87 3.06
N ARG C 63 30.33 -30.67 3.29
CA ARG C 63 28.89 -30.44 3.13
C ARG C 63 28.58 -28.97 2.91
N GLU C 64 27.34 -28.61 3.13
CA GLU C 64 26.84 -27.35 2.65
C GLU C 64 27.12 -26.16 3.58
N GLU C 65 27.41 -26.40 4.85
CA GLU C 65 27.57 -25.28 5.80
C GLU C 65 28.96 -24.67 5.72
N THR C 66 29.09 -23.40 6.11
CA THR C 66 30.37 -22.71 6.15
C THR C 66 30.56 -22.02 7.49
N ILE C 67 31.82 -21.75 7.87
CA ILE C 67 32.09 -21.01 9.11
C ILE C 67 31.41 -19.65 9.10
N ALA C 68 31.58 -18.88 8.03
CA ALA C 68 30.95 -17.59 7.94
C ALA C 68 29.45 -17.63 8.26
N GLY C 69 28.74 -18.55 7.62
CA GLY C 69 27.29 -18.64 7.78
C GLY C 69 26.85 -19.16 9.14
N ALA C 70 27.58 -20.16 9.64
CA ALA C 70 27.26 -20.71 10.93
C ALA C 70 27.48 -19.69 12.06
N LEU C 71 28.60 -18.96 12.01
CA LEU C 71 28.84 -18.00 13.08
C LEU C 71 27.80 -16.87 13.05
N ASP C 72 27.45 -16.45 11.86
CA ASP C 72 26.48 -15.40 11.70
C ASP C 72 25.12 -15.83 12.25
N LEU C 73 24.82 -17.10 12.07
CA LEU C 73 23.57 -17.65 12.52
C LEU C 73 23.58 -17.82 14.05
N LEU C 74 24.72 -18.21 14.62
CA LEU C 74 24.85 -18.22 16.08
C LEU C 74 24.66 -16.82 16.71
N ARG C 75 25.42 -15.82 16.26
CA ARG C 75 25.36 -14.53 16.93
C ARG C 75 24.09 -13.76 16.58
N GLY C 76 23.60 -13.90 15.37
CA GLY C 76 22.44 -13.14 14.95
C GLY C 76 21.08 -13.76 15.18
N THR C 77 21.03 -15.05 15.48
CA THR C 77 19.73 -15.72 15.69
C THR C 77 19.67 -16.68 16.91
N PHE C 78 20.53 -17.70 16.94
CA PHE C 78 20.46 -18.74 17.99
C PHE C 78 20.83 -18.25 19.39
N LEU C 79 21.96 -17.55 19.52
CA LEU C 79 22.32 -17.02 20.84
C LEU C 79 21.26 -16.05 21.39
N PRO C 80 20.84 -15.06 20.61
CA PRO C 80 19.79 -14.18 21.12
C PRO C 80 18.56 -14.92 21.61
N ALA C 81 18.22 -16.04 20.97
CA ALA C 81 17.07 -16.85 21.34
C ALA C 81 17.23 -17.54 22.69
N ILE C 82 18.47 -17.69 23.16
CA ILE C 82 18.72 -18.45 24.40
C ILE C 82 19.29 -17.65 25.58
N LEU C 83 20.09 -16.63 25.29
CA LEU C 83 20.70 -15.83 26.35
C LEU C 83 19.67 -15.23 27.32
N GLY C 84 19.90 -15.43 28.61
CA GLY C 84 18.98 -14.95 29.64
C GLY C 84 17.81 -15.90 29.92
N GLN C 85 17.63 -16.90 29.07
CA GLN C 85 16.53 -17.86 29.23
C GLN C 85 16.84 -19.07 30.14
N THR C 86 15.77 -19.68 30.65
CA THR C 86 15.88 -20.82 31.56
C THR C 86 15.29 -22.11 30.96
N PHE C 87 15.98 -23.22 31.16
CA PHE C 87 15.65 -24.43 30.43
C PHE C 87 15.68 -25.64 31.35
N ALA C 88 14.79 -26.60 31.09
CA ALA C 88 14.79 -27.90 31.81
C ALA C 88 15.83 -28.90 31.26
N ASN C 89 16.01 -28.89 29.94
CA ASN C 89 16.98 -29.80 29.35
C ASN C 89 17.53 -29.35 28.00
N PRO C 90 18.60 -30.01 27.49
CA PRO C 90 19.05 -29.68 26.13
C PRO C 90 17.91 -29.73 25.13
N GLU C 91 16.99 -30.67 25.29
CA GLU C 91 15.83 -30.66 24.38
C GLU C 91 15.08 -29.33 24.35
N ALA C 92 14.88 -28.69 25.51
CA ALA C 92 14.19 -27.40 25.53
C ALA C 92 15.02 -26.36 24.80
N VAL C 93 16.32 -26.42 24.95
CA VAL C 93 17.21 -25.52 24.25
C VAL C 93 16.97 -25.61 22.75
N SER C 94 17.04 -26.84 22.20
CA SER C 94 16.89 -26.98 20.76
C SER C 94 15.54 -26.47 20.35
N ASP C 95 14.55 -26.87 21.12
CA ASP C 95 13.19 -26.45 20.82
C ASP C 95 13.12 -24.91 20.69
N ALA C 96 13.91 -24.20 21.50
CA ALA C 96 13.86 -22.74 21.57
C ALA C 96 14.49 -22.01 20.39
N LEU C 97 15.14 -22.75 19.50
CA LEU C 97 15.88 -22.14 18.40
C LEU C 97 15.03 -21.78 17.19
N GLY C 98 13.76 -22.19 17.20
CA GLY C 98 12.86 -21.87 16.09
C GLY C 98 12.88 -22.86 14.93
N SER C 99 12.16 -22.51 13.87
CA SER C 99 11.95 -23.44 12.78
C SER C 99 12.86 -23.26 11.58
N TYR C 100 14.02 -22.65 11.79
CA TYR C 100 14.94 -22.41 10.70
C TYR C 100 15.27 -23.70 9.94
N ARG C 101 15.67 -23.54 8.68
CA ARG C 101 15.88 -24.70 7.83
C ARG C 101 17.37 -25.10 7.70
N GLY C 102 17.63 -26.38 7.82
CA GLY C 102 18.98 -26.84 7.63
C GLY C 102 19.85 -26.33 8.74
N ASN C 103 21.10 -26.05 8.39
CA ASN C 103 22.07 -25.51 9.28
C ASN C 103 22.23 -26.35 10.53
N ARG C 104 22.40 -27.64 10.30
CA ARG C 104 22.35 -28.59 11.38
C ARG C 104 23.62 -28.59 12.22
N MET C 105 24.77 -28.34 11.59
CA MET C 105 26.01 -28.21 12.35
C MET C 105 26.05 -26.97 13.22
N ALA C 106 25.50 -25.86 12.71
CA ALA C 106 25.33 -24.67 13.53
C ALA C 106 24.49 -25.05 14.76
N ARG C 107 23.30 -25.59 14.56
CA ARG C 107 22.44 -26.00 15.67
C ARG C 107 23.18 -26.91 16.63
N ALA C 108 24.00 -27.80 16.08
CA ALA C 108 24.70 -28.75 16.90
C ALA C 108 25.65 -28.10 17.90
N MET C 109 26.31 -27.00 17.51
CA MET C 109 27.19 -26.27 18.45
C MET C 109 26.45 -25.88 19.74
N VAL C 110 25.22 -25.41 19.58
CA VAL C 110 24.45 -24.94 20.72
C VAL C 110 23.93 -26.16 21.47
N GLU C 111 23.26 -27.05 20.74
CA GLU C 111 22.74 -28.28 21.29
C GLU C 111 23.78 -29.04 22.12
N MET C 112 24.94 -29.26 21.51
CA MET C 112 25.98 -30.05 22.16
C MET C 112 26.62 -29.34 23.35
N ALA C 113 26.87 -28.04 23.20
CA ALA C 113 27.27 -27.25 24.39
C ALA C 113 26.26 -27.31 25.51
N ALA C 114 24.96 -27.30 25.17
CA ALA C 114 23.91 -27.36 26.19
C ALA C 114 23.93 -28.68 26.93
N TRP C 115 24.10 -29.79 26.20
CA TRP C 115 24.26 -31.12 26.82
C TRP C 115 25.37 -31.14 27.85
N ASP C 116 26.52 -30.57 27.45
CA ASP C 116 27.71 -30.52 28.29
C ASP C 116 27.41 -29.71 29.55
N LEU C 117 26.76 -28.58 29.35
CA LEU C 117 26.44 -27.67 30.44
C LEU C 117 25.48 -28.38 31.36
N TRP C 118 24.46 -28.97 30.76
CA TRP C 118 23.41 -29.61 31.51
C TRP C 118 24.04 -30.67 32.43
N ALA C 119 24.91 -31.47 31.84
CA ALA C 119 25.41 -32.65 32.50
C ALA C 119 26.35 -32.23 33.61
N ARG C 120 26.98 -31.07 33.45
CA ARG C 120 27.88 -30.60 34.48
C ARG C 120 27.11 -29.98 35.64
N THR C 121 25.90 -29.46 35.39
CA THR C 121 25.05 -28.99 36.50
C THR C 121 24.65 -30.17 37.39
N LEU C 122 24.65 -31.37 36.81
CA LEU C 122 24.24 -32.59 37.50
C LEU C 122 25.43 -33.42 37.97
N GLY C 123 26.62 -33.08 37.51
CA GLY C 123 27.80 -33.86 37.85
C GLY C 123 27.81 -35.26 37.25
N VAL C 124 27.05 -35.51 36.19
CA VAL C 124 27.05 -36.81 35.55
C VAL C 124 27.81 -36.75 34.23
N PRO C 125 28.54 -37.82 33.87
CA PRO C 125 29.11 -37.94 32.50
C PRO C 125 28.03 -37.89 31.43
N LEU C 126 28.36 -37.24 30.31
CA LEU C 126 27.43 -37.05 29.20
C LEU C 126 26.86 -38.37 28.66
N GLY C 127 27.75 -39.29 28.31
CA GLY C 127 27.34 -40.59 27.82
C GLY C 127 26.30 -41.20 28.72
N THR C 128 26.51 -41.13 30.03
CA THR C 128 25.61 -41.74 30.97
C THR C 128 24.21 -41.21 30.77
N LEU C 129 24.09 -39.91 30.57
CA LEU C 129 22.79 -39.27 30.39
C LEU C 129 22.17 -39.60 29.03
N LEU C 130 22.99 -40.01 28.06
CA LEU C 130 22.44 -40.39 26.77
C LEU C 130 22.02 -41.87 26.72
N GLY C 131 22.29 -42.62 27.79
CA GLY C 131 21.91 -44.03 27.89
C GLY C 131 23.03 -45.06 27.68
N GLY C 132 24.23 -44.58 27.37
CA GLY C 132 25.37 -45.45 27.17
C GLY C 132 25.92 -45.99 28.48
N HIS C 133 26.44 -47.21 28.49
CA HIS C 133 27.08 -47.67 29.73
C HIS C 133 28.42 -48.36 29.50
N LYS C 134 28.95 -48.25 28.27
CA LYS C 134 30.31 -48.77 27.93
C LYS C 134 31.41 -47.96 28.57
N GLU C 135 32.45 -48.64 29.04
CA GLU C 135 33.56 -47.94 29.68
C GLU C 135 34.68 -47.62 28.69
N GLN C 136 34.58 -48.23 27.50
CA GLN C 136 35.49 -47.93 26.40
C GLN C 136 34.85 -48.31 25.06
N VAL C 137 35.34 -47.70 23.98
CA VAL C 137 34.74 -47.85 22.67
C VAL C 137 35.79 -48.31 21.66
N GLU C 138 35.37 -49.02 20.62
CA GLU C 138 36.33 -49.57 19.64
C GLU C 138 36.57 -48.55 18.52
N VAL C 139 37.82 -48.42 18.08
CA VAL C 139 38.14 -47.43 17.03
C VAL C 139 38.95 -48.01 15.87
N GLY C 140 38.73 -47.49 14.68
CA GLY C 140 39.55 -47.83 13.51
C GLY C 140 40.18 -46.55 12.99
N VAL C 141 40.73 -46.57 11.77
CA VAL C 141 41.38 -45.41 11.19
C VAL C 141 41.03 -45.35 9.72
N SER C 142 41.16 -44.17 9.10
CA SER C 142 40.98 -44.03 7.66
C SER C 142 42.29 -43.65 7.01
N LEU C 143 42.74 -44.48 6.08
CA LEU C 143 43.91 -44.16 5.26
C LEU C 143 43.49 -43.52 3.95
N GLY C 144 44.25 -42.50 3.52
CA GLY C 144 44.12 -41.94 2.16
C GLY C 144 44.65 -42.86 1.07
N ILE C 145 44.76 -42.33 -0.15
CA ILE C 145 45.23 -43.13 -1.28
C ILE C 145 46.75 -43.31 -1.29
N GLN C 146 47.18 -44.56 -1.44
CA GLN C 146 48.60 -44.84 -1.46
C GLN C 146 49.09 -44.90 -2.92
N ALA C 147 50.39 -44.71 -3.13
CA ALA C 147 50.92 -44.69 -4.47
C ALA C 147 50.72 -46.05 -5.17
N ASP C 148 50.75 -47.15 -4.40
CA ASP C 148 50.64 -48.49 -4.99
C ASP C 148 50.15 -49.55 -4.01
N GLU C 149 49.96 -50.77 -4.51
CA GLU C 149 49.54 -51.88 -3.66
C GLU C 149 50.46 -52.07 -2.45
N GLN C 150 51.77 -52.19 -2.67
CA GLN C 150 52.68 -52.42 -1.56
C GLN C 150 52.71 -51.26 -0.54
N ALA C 151 52.69 -50.01 -1.01
CA ALA C 151 52.67 -48.88 -0.10
C ALA C 151 51.37 -48.92 0.70
N THR C 152 50.27 -49.22 0.01
CA THR C 152 49.01 -49.46 0.69
C THR C 152 49.18 -50.50 1.81
N VAL C 153 49.54 -51.73 1.47
CA VAL C 153 49.72 -52.74 2.49
C VAL C 153 50.63 -52.27 3.64
N ASP C 154 51.74 -51.63 3.30
CA ASP C 154 52.66 -51.12 4.31
C ASP C 154 51.92 -50.26 5.33
N LEU C 155 51.19 -49.25 4.83
CA LEU C 155 50.52 -48.30 5.68
C LEU C 155 49.43 -48.95 6.52
N VAL C 156 48.75 -49.91 5.92
CA VAL C 156 47.78 -50.72 6.62
C VAL C 156 48.47 -51.52 7.72
N ARG C 157 49.60 -52.12 7.39
CA ARG C 157 50.36 -52.88 8.37
C ARG C 157 50.71 -52.10 9.63
N ARG C 158 51.11 -50.83 9.51
CA ARG C 158 51.51 -50.08 10.70
C ARG C 158 50.32 -49.97 11.62
N HIS C 159 49.15 -49.72 11.04
CA HIS C 159 47.93 -49.59 11.84
C HIS C 159 47.38 -50.89 12.44
N VAL C 160 47.36 -51.96 11.64
CA VAL C 160 46.97 -53.26 12.17
C VAL C 160 47.88 -53.64 13.34
N GLU C 161 49.12 -53.19 13.29
CA GLU C 161 50.05 -53.46 14.37
C GLU C 161 49.84 -52.54 15.57
N GLN C 162 49.09 -51.45 15.37
CA GLN C 162 48.62 -50.63 16.48
C GLN C 162 47.35 -51.20 17.16
N GLY C 163 46.79 -52.27 16.57
CA GLY C 163 45.57 -52.88 17.09
C GLY C 163 44.23 -52.22 16.71
N TYR C 164 44.23 -51.26 15.79
CA TYR C 164 42.98 -50.66 15.33
C TYR C 164 42.02 -51.72 14.82
N ARG C 165 40.74 -51.56 15.10
CA ARG C 165 39.82 -52.65 14.84
C ARG C 165 39.09 -52.62 13.50
N ARG C 166 39.30 -51.54 12.75
CA ARG C 166 38.81 -51.44 11.39
C ARG C 166 39.75 -50.59 10.58
N ILE C 167 39.97 -50.97 9.33
CA ILE C 167 40.76 -50.16 8.44
C ILE C 167 39.86 -49.65 7.33
N LYS C 168 39.78 -48.32 7.18
CA LYS C 168 39.05 -47.71 6.05
C LYS C 168 40.03 -47.17 5.02
N LEU C 169 39.98 -47.75 3.81
CA LEU C 169 40.74 -47.24 2.65
C LEU C 169 39.92 -46.32 1.77
N LYS C 170 40.40 -45.10 1.53
CA LYS C 170 39.85 -44.23 0.48
C LYS C 170 39.98 -44.89 -0.89
N ILE C 171 39.00 -44.75 -1.76
CA ILE C 171 39.16 -45.26 -3.13
C ILE C 171 38.69 -44.29 -4.21
N LYS C 172 39.00 -44.60 -5.46
CA LYS C 172 38.51 -43.82 -6.60
C LYS C 172 38.53 -44.75 -7.82
N PRO C 173 37.85 -44.38 -8.90
CA PRO C 173 38.20 -45.06 -10.18
C PRO C 173 39.52 -44.48 -10.66
N GLY C 174 40.42 -45.29 -11.20
CA GLY C 174 40.37 -46.74 -11.17
C GLY C 174 41.48 -47.16 -10.21
N TRP C 175 41.31 -46.72 -8.95
CA TRP C 175 42.12 -47.21 -7.84
C TRP C 175 41.18 -47.70 -6.75
N ASP C 176 40.70 -48.93 -6.93
CA ASP C 176 39.82 -49.53 -5.93
C ASP C 176 40.09 -51.02 -5.70
N VAL C 177 39.80 -51.87 -6.68
CA VAL C 177 40.08 -53.30 -6.54
C VAL C 177 41.55 -53.60 -6.14
N GLN C 178 42.49 -52.78 -6.59
CA GLN C 178 43.89 -53.11 -6.32
C GLN C 178 44.21 -53.03 -4.82
N PRO C 179 44.06 -51.82 -4.24
CA PRO C 179 44.37 -51.66 -2.82
C PRO C 179 43.52 -52.55 -1.92
N VAL C 180 42.34 -52.93 -2.39
CA VAL C 180 41.49 -53.77 -1.60
C VAL C 180 42.05 -55.19 -1.68
N ARG C 181 42.30 -55.69 -2.89
CA ARG C 181 42.85 -57.04 -3.08
C ARG C 181 44.23 -57.17 -2.42
N ALA C 182 45.07 -56.16 -2.59
CA ALA C 182 46.40 -56.21 -1.96
C ALA C 182 46.20 -56.34 -0.46
N THR C 183 45.48 -55.37 0.12
CA THR C 183 45.20 -55.38 1.54
C THR C 183 44.56 -56.71 1.96
N ARG C 184 43.50 -57.12 1.27
CA ARG C 184 42.80 -58.33 1.72
C ARG C 184 43.72 -59.54 1.69
N GLU C 185 44.56 -59.64 0.66
CA GLU C 185 45.54 -60.75 0.59
C GLU C 185 46.52 -60.81 1.77
N ALA C 186 47.18 -59.69 2.08
CA ALA C 186 47.96 -59.55 3.33
C ALA C 186 47.15 -59.76 4.64
N PHE C 187 45.94 -59.20 4.72
CA PHE C 187 45.16 -59.31 5.96
C PHE C 187 43.75 -59.84 5.72
N PRO C 188 43.60 -61.17 5.71
CA PRO C 188 42.36 -61.83 5.33
C PRO C 188 41.31 -61.82 6.43
N ASP C 189 41.71 -61.40 7.64
CA ASP C 189 40.83 -61.45 8.80
C ASP C 189 40.35 -60.06 9.28
N ILE C 190 41.12 -59.02 8.97
CA ILE C 190 40.84 -57.70 9.54
C ILE C 190 39.51 -57.14 9.04
N ARG C 191 38.86 -56.32 9.87
CA ARG C 191 37.66 -55.63 9.39
C ARG C 191 38.06 -54.48 8.45
N LEU C 192 37.56 -54.56 7.23
CA LEU C 192 38.00 -53.66 6.18
C LEU C 192 36.83 -52.98 5.48
N THR C 193 36.79 -51.64 5.53
CA THR C 193 35.80 -50.88 4.75
C THR C 193 36.52 -50.03 3.70
N VAL C 194 35.79 -49.54 2.71
CA VAL C 194 36.31 -48.45 1.88
C VAL C 194 35.46 -47.19 1.96
N ASP C 195 36.12 -46.08 1.67
CA ASP C 195 35.44 -44.80 1.53
C ASP C 195 35.49 -44.45 0.04
N ALA C 196 34.33 -44.51 -0.63
CA ALA C 196 34.27 -44.30 -2.09
C ALA C 196 34.07 -42.84 -2.44
N ASN C 197 34.03 -41.99 -1.41
CA ASN C 197 34.14 -40.56 -1.61
C ASN C 197 33.20 -39.96 -2.67
N SER C 198 31.99 -40.49 -2.82
CA SER C 198 31.06 -39.93 -3.83
C SER C 198 31.69 -39.76 -5.21
N ALA C 199 32.51 -40.70 -5.63
CA ALA C 199 33.28 -40.53 -6.86
C ALA C 199 32.86 -41.53 -7.96
N TYR C 200 31.64 -42.04 -7.85
CA TYR C 200 31.19 -43.09 -8.73
C TYR C 200 29.78 -42.80 -9.18
N THR C 201 29.31 -43.60 -10.12
CA THR C 201 27.92 -43.53 -10.51
C THR C 201 27.43 -44.93 -10.69
N LEU C 202 26.14 -45.02 -11.02
CA LEU C 202 25.49 -46.27 -11.28
C LEU C 202 26.23 -47.04 -12.38
N ALA C 203 26.85 -46.32 -13.30
CA ALA C 203 27.69 -46.94 -14.33
C ALA C 203 28.83 -47.80 -13.78
N ASP C 204 29.35 -47.43 -12.61
CA ASP C 204 30.48 -48.17 -12.06
C ASP C 204 30.09 -49.42 -11.25
N ALA C 205 28.80 -49.72 -11.17
CA ALA C 205 28.33 -50.82 -10.33
C ALA C 205 29.08 -52.11 -10.57
N GLY C 206 29.41 -52.37 -11.84
CA GLY C 206 30.10 -53.60 -12.20
C GLY C 206 31.47 -53.58 -11.58
N ARG C 207 32.11 -52.41 -11.65
CA ARG C 207 33.44 -52.26 -11.10
C ARG C 207 33.35 -52.48 -9.61
N LEU C 208 32.33 -51.91 -8.97
CA LEU C 208 32.24 -52.00 -7.52
C LEU C 208 31.93 -53.43 -7.14
N ARG C 209 31.08 -54.09 -7.92
CA ARG C 209 30.73 -55.48 -7.60
C ARG C 209 31.98 -56.34 -7.43
N GLN C 210 33.05 -55.95 -8.11
CA GLN C 210 34.28 -56.74 -8.04
C GLN C 210 34.90 -56.68 -6.65
N LEU C 211 34.53 -55.68 -5.86
CA LEU C 211 34.92 -55.64 -4.45
C LEU C 211 34.25 -56.74 -3.63
N ASP C 212 33.10 -57.26 -4.09
CA ASP C 212 32.31 -58.16 -3.26
C ASP C 212 33.11 -59.31 -2.68
N GLU C 213 34.01 -59.90 -3.47
CA GLU C 213 34.64 -61.14 -3.03
C GLU C 213 35.65 -60.92 -1.91
N TYR C 214 35.98 -59.65 -1.64
CA TYR C 214 36.98 -59.30 -0.62
C TYR C 214 36.42 -58.98 0.78
N ASP C 215 35.20 -59.45 1.03
CA ASP C 215 34.51 -59.30 2.32
C ASP C 215 34.71 -57.98 3.03
N LEU C 216 34.50 -56.87 2.32
CA LEU C 216 34.39 -55.60 3.00
C LEU C 216 33.12 -55.54 3.85
N THR C 217 33.24 -54.95 5.03
CA THR C 217 32.09 -54.66 5.88
C THR C 217 31.14 -53.69 5.19
N CYS C 218 31.68 -52.77 4.38
CA CYS C 218 30.85 -51.88 3.58
C CYS C 218 31.65 -50.99 2.66
N ILE C 219 30.92 -50.38 1.74
CA ILE C 219 31.39 -49.35 0.84
C ILE C 219 30.65 -48.08 1.28
N GLU C 220 31.38 -47.04 1.64
CA GLU C 220 30.78 -45.82 2.20
C GLU C 220 30.49 -44.76 1.15
N GLN C 221 29.22 -44.38 1.03
CA GLN C 221 28.78 -43.26 0.18
C GLN C 221 29.43 -43.20 -1.20
N PRO C 222 29.21 -44.22 -2.05
CA PRO C 222 29.86 -44.14 -3.37
C PRO C 222 29.22 -43.14 -4.37
N LEU C 223 27.92 -42.85 -4.22
CA LEU C 223 27.26 -41.89 -5.12
C LEU C 223 27.11 -40.48 -4.50
N ALA C 224 26.32 -39.62 -5.14
CA ALA C 224 26.16 -38.21 -4.72
C ALA C 224 26.02 -38.15 -3.20
N TRP C 225 26.56 -37.08 -2.62
CA TRP C 225 26.59 -36.90 -1.17
C TRP C 225 25.21 -36.71 -0.56
N ASP C 226 24.26 -36.30 -1.38
CA ASP C 226 22.92 -35.99 -0.88
C ASP C 226 21.88 -36.97 -1.36
N ASP C 227 22.33 -38.12 -1.85
CA ASP C 227 21.43 -39.08 -2.46
C ASP C 227 21.03 -40.26 -1.57
N LEU C 228 19.75 -40.61 -1.62
CA LEU C 228 19.31 -41.92 -1.12
C LEU C 228 18.87 -42.89 -2.22
N VAL C 229 18.07 -42.41 -3.17
CA VAL C 229 17.45 -43.29 -4.16
C VAL C 229 18.43 -44.08 -5.07
N ASP C 230 19.49 -43.42 -5.58
CA ASP C 230 20.44 -44.11 -6.47
C ASP C 230 21.20 -45.16 -5.68
N HIS C 231 21.54 -44.81 -4.43
CA HIS C 231 22.21 -45.72 -3.54
C HIS C 231 21.42 -47.00 -3.37
N ALA C 232 20.12 -46.87 -3.18
CA ALA C 232 19.20 -48.02 -3.06
C ALA C 232 19.25 -48.92 -4.30
N GLU C 233 19.16 -48.30 -5.47
CA GLU C 233 19.37 -48.98 -6.73
C GLU C 233 20.75 -49.69 -6.79
N LEU C 234 21.83 -48.99 -6.43
CA LEU C 234 23.15 -49.60 -6.42
C LEU C 234 23.22 -50.79 -5.46
N ALA C 235 22.63 -50.64 -4.27
CA ALA C 235 22.62 -51.73 -3.25
C ALA C 235 22.00 -53.01 -3.76
N ARG C 236 21.09 -52.90 -4.73
CA ARG C 236 20.45 -54.10 -5.29
C ARG C 236 21.38 -54.78 -6.30
N ARG C 237 22.40 -54.05 -6.78
CA ARG C 237 23.29 -54.58 -7.82
C ARG C 237 24.59 -55.23 -7.30
N ILE C 238 24.96 -54.93 -6.05
CA ILE C 238 26.18 -55.49 -5.47
C ILE C 238 25.93 -56.07 -4.08
N ARG C 239 26.73 -57.05 -3.66
CA ARG C 239 26.48 -57.74 -2.37
C ARG C 239 27.10 -57.06 -1.15
N THR C 240 28.17 -56.28 -1.34
CA THR C 240 28.77 -55.53 -0.24
C THR C 240 27.75 -54.50 0.29
N PRO C 241 27.47 -54.54 1.60
CA PRO C 241 26.62 -53.50 2.17
C PRO C 241 27.17 -52.13 1.79
N LEU C 242 26.25 -51.15 1.71
CA LEU C 242 26.62 -49.76 1.58
C LEU C 242 26.44 -49.08 2.93
N CYS C 243 27.25 -48.06 3.17
CA CYS C 243 27.19 -47.31 4.40
C CYS C 243 26.97 -45.87 4.07
N LEU C 244 26.00 -45.24 4.72
CA LEU C 244 25.67 -43.85 4.40
C LEU C 244 26.30 -42.88 5.39
N ASP C 245 26.70 -41.72 4.85
CA ASP C 245 27.39 -40.69 5.60
C ASP C 245 26.70 -39.35 5.37
N GLU C 246 27.16 -38.61 4.36
CA GLU C 246 26.61 -37.29 4.05
C GLU C 246 25.09 -37.24 3.87
N SER C 247 24.53 -38.35 3.38
CA SER C 247 23.11 -38.50 3.04
C SER C 247 22.16 -38.54 4.25
N VAL C 248 22.68 -38.86 5.44
CA VAL C 248 21.80 -38.94 6.59
C VAL C 248 22.10 -37.84 7.57
N ALA C 249 21.29 -36.80 7.52
CA ALA C 249 21.44 -35.64 8.38
C ALA C 249 20.33 -35.55 9.43
N SER C 250 19.52 -36.59 9.58
CA SER C 250 18.52 -36.63 10.65
C SER C 250 17.93 -38.01 10.88
N ALA C 251 17.13 -38.13 11.93
CA ALA C 251 16.47 -39.41 12.20
C ALA C 251 15.48 -39.81 11.07
N SER C 252 14.75 -38.87 10.51
CA SER C 252 13.88 -39.27 9.40
C SER C 252 14.61 -39.60 8.11
N ASP C 253 15.73 -38.92 7.82
CA ASP C 253 16.61 -39.34 6.69
C ASP C 253 17.03 -40.77 6.91
N ALA C 254 17.40 -41.10 8.13
CA ALA C 254 17.79 -42.45 8.47
C ALA C 254 16.65 -43.42 8.22
N ARG C 255 15.47 -43.09 8.72
CA ARG C 255 14.27 -43.89 8.44
C ARG C 255 14.12 -44.12 6.95
N LYS C 256 14.19 -43.05 6.17
CA LYS C 256 13.97 -43.12 4.73
C LYS C 256 15.04 -43.95 4.01
N ALA C 257 16.30 -43.70 4.33
CA ALA C 257 17.43 -44.48 3.82
C ALA C 257 17.21 -45.97 3.99
N LEU C 258 16.82 -46.37 5.21
CA LEU C 258 16.74 -47.78 5.59
C LEU C 258 15.47 -48.45 5.05
N ALA C 259 14.37 -47.70 5.01
CA ALA C 259 13.14 -48.22 4.42
C ALA C 259 13.37 -48.44 2.91
N LEU C 260 14.11 -47.52 2.29
CA LEU C 260 14.42 -47.62 0.85
C LEU C 260 15.37 -48.75 0.55
N GLY C 261 16.23 -49.09 1.51
CA GLY C 261 17.31 -50.04 1.23
C GLY C 261 18.55 -49.34 0.65
N ALA C 262 18.69 -48.06 0.97
CA ALA C 262 19.81 -47.25 0.53
C ALA C 262 21.13 -47.62 1.22
N GLY C 263 21.06 -48.24 2.40
CA GLY C 263 22.25 -48.66 3.13
C GLY C 263 21.96 -49.67 4.24
N GLY C 264 22.99 -50.41 4.67
CA GLY C 264 22.82 -51.35 5.77
C GLY C 264 23.57 -50.90 7.01
N VAL C 265 24.17 -49.72 6.90
CA VAL C 265 25.08 -49.21 7.90
C VAL C 265 25.04 -47.70 7.77
N ILE C 266 25.07 -46.99 8.88
CA ILE C 266 25.16 -45.53 8.78
C ILE C 266 26.40 -45.06 9.50
N ASN C 267 27.13 -44.14 8.88
CA ASN C 267 28.22 -43.47 9.58
C ASN C 267 27.63 -42.23 10.24
N LEU C 268 27.46 -42.31 11.55
CA LEU C 268 26.80 -41.25 12.31
C LEU C 268 27.72 -40.15 12.85
N LYS C 269 27.59 -38.93 12.34
CA LYS C 269 28.38 -37.80 12.80
C LYS C 269 27.50 -36.85 13.57
N VAL C 270 27.72 -36.79 14.88
CA VAL C 270 26.83 -36.08 15.80
C VAL C 270 26.45 -34.66 15.32
N ALA C 271 27.40 -33.95 14.73
CA ALA C 271 27.14 -32.57 14.42
C ALA C 271 26.39 -32.47 13.07
N ARG C 272 26.80 -33.29 12.10
CA ARG C 272 26.03 -33.42 10.86
C ARG C 272 24.51 -33.60 11.08
N VAL C 273 24.09 -34.33 12.13
CA VAL C 273 22.65 -34.56 12.37
C VAL C 273 22.02 -33.56 13.34
N GLY C 274 22.78 -32.61 13.83
CA GLY C 274 22.18 -31.61 14.67
C GLY C 274 22.44 -31.84 16.15
N GLY C 275 23.19 -32.89 16.49
CA GLY C 275 23.65 -33.03 17.90
C GLY C 275 23.32 -34.34 18.60
N HIS C 276 23.36 -34.37 19.93
CA HIS C 276 23.35 -35.64 20.64
C HIS C 276 21.96 -36.24 20.68
N ALA C 277 20.97 -35.46 21.11
CA ALA C 277 19.64 -35.97 21.10
C ALA C 277 19.31 -36.55 19.71
N GLU C 278 19.46 -35.77 18.65
CA GLU C 278 19.09 -36.30 17.33
C GLU C 278 19.96 -37.50 16.94
N SER C 279 21.22 -37.50 17.39
CA SER C 279 22.10 -38.63 17.21
C SER C 279 21.52 -39.85 17.94
N ARG C 280 21.21 -39.70 19.22
CA ARG C 280 20.54 -40.79 19.92
C ARG C 280 19.43 -41.31 19.02
N ARG C 281 18.59 -40.42 18.49
CA ARG C 281 17.43 -40.88 17.72
C ARG C 281 17.86 -41.62 16.44
N VAL C 282 18.85 -41.07 15.74
CA VAL C 282 19.32 -41.70 14.52
C VAL C 282 19.75 -43.12 14.86
N HIS C 283 20.50 -43.24 15.95
CA HIS C 283 21.07 -44.48 16.44
C HIS C 283 19.95 -45.46 16.81
N ASP C 284 18.90 -44.92 17.41
CA ASP C 284 17.74 -45.72 17.75
C ASP C 284 16.94 -46.17 16.52
N VAL C 285 16.93 -45.35 15.46
CA VAL C 285 16.13 -45.67 14.27
C VAL C 285 16.82 -46.76 13.48
N ALA C 286 18.14 -46.64 13.39
CA ALA C 286 19.00 -47.68 12.83
C ALA C 286 18.76 -49.01 13.55
N GLN C 287 18.95 -49.00 14.86
CA GLN C 287 18.85 -50.21 15.63
C GLN C 287 17.49 -50.89 15.45
N SER C 288 16.45 -50.09 15.30
CA SER C 288 15.10 -50.62 15.06
C SER C 288 14.95 -51.30 13.68
N PHE C 289 15.87 -51.04 12.75
CA PHE C 289 15.90 -51.70 11.44
C PHE C 289 16.95 -52.82 11.44
N GLY C 290 17.58 -53.05 12.60
CA GLY C 290 18.72 -53.96 12.67
C GLY C 290 19.91 -53.49 11.86
N ALA C 291 20.07 -52.18 11.72
CA ALA C 291 21.25 -51.61 11.08
C ALA C 291 22.23 -51.06 12.12
N PRO C 292 23.52 -51.41 12.01
CA PRO C 292 24.43 -50.85 13.02
C PRO C 292 24.82 -49.41 12.66
N VAL C 293 25.32 -48.64 13.62
CA VAL C 293 26.00 -47.39 13.27
C VAL C 293 27.44 -47.42 13.74
N TRP C 294 28.24 -46.52 13.19
CA TRP C 294 29.45 -46.16 13.90
C TRP C 294 29.69 -44.67 14.00
N CYS C 295 30.56 -44.27 14.91
CA CYS C 295 30.81 -42.84 15.16
C CYS C 295 31.83 -42.28 14.22
N GLY C 296 31.44 -41.43 13.27
CA GLY C 296 32.44 -40.87 12.35
C GLY C 296 33.24 -39.71 12.93
N GLY C 297 34.26 -39.24 12.21
CA GLY C 297 35.10 -38.17 12.72
C GLY C 297 35.22 -37.04 11.72
N MET C 298 35.65 -35.87 12.21
CA MET C 298 35.84 -34.71 11.35
C MET C 298 37.08 -33.96 11.81
N LEU C 299 38.16 -34.67 12.06
CA LEU C 299 39.40 -34.06 12.53
C LEU C 299 39.17 -33.15 13.72
N GLU C 300 38.45 -33.59 14.72
CA GLU C 300 38.13 -32.70 15.81
C GLU C 300 39.29 -32.50 16.77
N SER C 301 39.26 -31.38 17.49
CA SER C 301 40.15 -31.19 18.62
C SER C 301 39.53 -32.02 19.74
N GLY C 302 40.11 -31.94 20.92
CA GLY C 302 39.68 -32.85 21.98
C GLY C 302 38.27 -32.58 22.43
N ILE C 303 37.77 -31.36 22.21
CA ILE C 303 36.38 -31.04 22.55
C ILE C 303 35.41 -31.91 21.72
N GLY C 304 35.42 -31.68 20.41
CA GLY C 304 34.62 -32.49 19.50
C GLY C 304 34.85 -33.97 19.73
N ARG C 305 36.11 -34.37 19.89
CA ARG C 305 36.45 -35.78 20.04
C ARG C 305 35.87 -36.39 21.32
N ALA C 306 35.94 -35.66 22.43
CA ALA C 306 35.34 -36.11 23.69
C ALA C 306 33.81 -36.27 23.52
N HIS C 307 33.18 -35.30 22.84
CA HIS C 307 31.76 -35.39 22.56
C HIS C 307 31.44 -36.71 21.83
N ASN C 308 32.28 -37.04 20.86
CA ASN C 308 32.04 -38.17 20.01
C ASN C 308 32.17 -39.43 20.87
N ILE C 309 33.21 -39.47 21.72
CA ILE C 309 33.49 -40.69 22.46
C ILE C 309 32.30 -41.01 23.36
N HIS C 310 31.81 -39.99 24.07
CA HIS C 310 30.64 -40.16 24.90
C HIS C 310 29.42 -40.75 24.16
N LEU C 311 29.12 -40.16 23.02
CA LEU C 311 28.02 -40.61 22.21
C LEU C 311 28.23 -42.08 21.82
N SER C 312 29.48 -42.46 21.57
CA SER C 312 29.84 -43.79 21.08
C SER C 312 29.61 -44.88 22.09
N THR C 313 29.16 -44.52 23.28
CA THR C 313 28.92 -45.52 24.32
C THR C 313 27.54 -46.18 24.17
N LEU C 314 26.70 -45.65 23.28
CA LEU C 314 25.37 -46.20 23.14
C LEU C 314 25.54 -47.53 22.45
N SER C 315 24.59 -48.44 22.65
CA SER C 315 24.83 -49.85 22.36
C SER C 315 24.78 -50.26 20.88
N ASN C 316 24.14 -49.43 20.03
CA ASN C 316 24.11 -49.72 18.59
C ASN C 316 25.33 -49.19 17.80
N PHE C 317 26.34 -48.67 18.51
CA PHE C 317 27.59 -48.33 17.85
C PHE C 317 28.41 -49.62 17.84
N ARG C 318 28.07 -50.52 16.92
CA ARG C 318 28.51 -51.90 16.97
C ARG C 318 29.62 -52.11 16.00
N LEU C 319 29.97 -51.05 15.31
CA LEU C 319 31.12 -51.07 14.41
C LEU C 319 32.05 -49.97 14.88
N PRO C 320 33.37 -50.17 14.72
CA PRO C 320 34.37 -49.25 15.30
C PRO C 320 34.32 -47.85 14.71
N GLY C 321 34.52 -46.84 15.54
CA GLY C 321 34.42 -45.42 15.15
C GLY C 321 35.69 -44.76 14.60
N ASP C 322 35.52 -43.75 13.75
CA ASP C 322 36.64 -43.01 13.15
C ASP C 322 37.25 -42.12 14.20
N THR C 323 37.42 -42.67 15.39
CA THR C 323 37.71 -41.86 16.56
C THR C 323 39.07 -42.14 17.21
N SER C 324 40.13 -42.12 16.41
CA SER C 324 41.42 -42.49 16.97
C SER C 324 42.12 -41.35 17.73
N SER C 325 43.44 -41.51 17.90
CA SER C 325 44.22 -40.73 18.87
C SER C 325 44.45 -39.27 18.55
N ALA C 326 44.24 -38.43 19.56
CA ALA C 326 44.52 -37.02 19.46
C ALA C 326 45.90 -36.82 18.84
N SER C 327 46.91 -37.51 19.36
CA SER C 327 48.28 -37.33 18.90
C SER C 327 48.53 -37.78 17.48
N ARG C 328 47.55 -38.37 16.80
CA ARG C 328 47.70 -38.66 15.38
C ARG C 328 47.56 -37.37 14.58
N TYR C 329 46.85 -36.40 15.12
CA TYR C 329 46.52 -35.22 14.35
C TYR C 329 47.23 -33.94 14.81
N TRP C 330 47.50 -33.84 16.11
CA TRP C 330 47.98 -32.59 16.71
C TRP C 330 49.19 -32.82 17.59
N GLU C 331 50.19 -31.94 17.45
CA GLU C 331 51.30 -31.91 18.41
C GLU C 331 50.78 -31.45 19.77
N ARG C 332 49.84 -30.51 19.75
CA ARG C 332 49.26 -30.09 21.00
C ARG C 332 47.77 -29.86 20.82
N ASP C 333 46.97 -30.58 21.62
CA ASP C 333 45.52 -30.50 21.54
C ASP C 333 45.07 -29.33 22.40
N LEU C 334 43.82 -28.90 22.26
CA LEU C 334 43.25 -27.79 23.04
C LEU C 334 42.76 -28.13 24.45
N ILE C 335 42.91 -29.38 24.88
CA ILE C 335 42.42 -29.81 26.19
C ILE C 335 43.56 -30.34 27.03
N GLN C 336 43.38 -30.42 28.33
CA GLN C 336 44.47 -30.91 29.17
C GLN C 336 44.59 -32.43 29.04
N GLU C 337 43.45 -33.09 28.95
CA GLU C 337 43.42 -34.54 28.94
C GLU C 337 43.91 -35.12 27.61
N PRO C 338 44.65 -36.23 27.69
CA PRO C 338 45.04 -37.03 26.56
C PRO C 338 43.89 -37.94 26.12
N LEU C 339 43.65 -38.02 24.84
CA LEU C 339 42.65 -38.94 24.36
C LEU C 339 43.40 -39.92 23.47
N GLU C 340 43.95 -40.98 24.06
CA GLU C 340 44.70 -41.94 23.28
C GLU C 340 44.06 -43.31 23.35
N ALA C 341 44.03 -43.96 22.19
CA ALA C 341 43.49 -45.32 22.09
C ALA C 341 44.62 -46.33 22.17
N VAL C 342 44.39 -47.42 22.88
CA VAL C 342 45.32 -48.54 22.89
C VAL C 342 44.65 -49.79 22.36
N ASP C 343 45.28 -50.40 21.37
CA ASP C 343 44.78 -51.67 20.85
C ASP C 343 43.34 -51.53 20.32
N GLY C 344 43.04 -50.38 19.74
CA GLY C 344 41.73 -50.20 19.12
C GLY C 344 40.62 -49.89 20.11
N LEU C 345 41.00 -49.63 21.36
CA LEU C 345 40.03 -49.24 22.38
C LEU C 345 40.27 -47.82 22.91
N MET C 346 39.26 -46.96 22.76
CA MET C 346 39.31 -45.60 23.29
C MET C 346 38.61 -45.50 24.66
N PRO C 347 39.33 -45.12 25.71
CA PRO C 347 38.63 -45.12 26.99
C PRO C 347 37.74 -43.88 27.10
N VAL C 348 36.61 -44.00 27.77
CA VAL C 348 35.78 -42.84 28.04
C VAL C 348 36.44 -41.90 29.07
N PRO C 349 36.72 -40.65 28.68
CA PRO C 349 37.35 -39.70 29.59
C PRO C 349 36.44 -39.40 30.78
N GLN C 350 37.01 -39.54 31.98
CA GLN C 350 36.26 -39.41 33.23
C GLN C 350 35.96 -37.96 33.62
N GLY C 351 34.95 -37.80 34.48
CA GLY C 351 34.48 -36.49 34.91
C GLY C 351 33.09 -36.16 34.39
N PRO C 352 32.56 -34.99 34.80
CA PRO C 352 31.19 -34.66 34.40
C PRO C 352 31.12 -34.12 32.96
N GLY C 353 29.95 -34.19 32.35
CA GLY C 353 29.78 -33.84 30.95
C GLY C 353 30.77 -34.63 30.11
N THR C 354 31.49 -33.90 29.24
CA THR C 354 32.44 -34.48 28.29
C THR C 354 33.71 -35.05 28.94
N GLY C 355 33.97 -34.70 30.19
CA GLY C 355 35.15 -35.21 30.91
C GLY C 355 36.49 -34.57 30.51
N VAL C 356 36.45 -33.52 29.72
CA VAL C 356 37.67 -32.86 29.27
C VAL C 356 37.53 -31.37 29.56
N THR C 357 38.68 -30.69 29.56
CA THR C 357 38.78 -29.34 30.07
C THR C 357 39.66 -28.53 29.13
N LEU C 358 39.20 -27.35 28.75
CA LEU C 358 40.01 -26.53 27.87
C LEU C 358 41.30 -26.14 28.53
N ASP C 359 42.38 -26.23 27.76
CA ASP C 359 43.65 -25.66 28.14
C ASP C 359 43.62 -24.20 27.70
N ARG C 360 43.16 -23.32 28.59
CA ARG C 360 42.94 -21.90 28.26
C ARG C 360 44.21 -21.19 27.80
N GLU C 361 45.31 -21.39 28.53
CA GLU C 361 46.56 -20.70 28.18
C GLU C 361 46.91 -21.08 26.75
N PHE C 362 46.99 -22.38 26.47
CA PHE C 362 47.39 -22.82 25.14
C PHE C 362 46.42 -22.37 24.06
N LEU C 363 45.12 -22.39 24.37
CA LEU C 363 44.08 -21.99 23.43
C LEU C 363 44.30 -20.53 22.99
N ALA C 364 44.65 -19.68 23.94
CA ALA C 364 44.90 -18.25 23.67
C ALA C 364 46.00 -18.06 22.65
N THR C 365 47.05 -18.89 22.71
CA THR C 365 48.14 -18.76 21.76
C THR C 365 47.70 -19.10 20.33
N VAL C 366 46.59 -19.81 20.17
CA VAL C 366 46.12 -20.19 18.81
C VAL C 366 44.76 -19.62 18.41
N THR C 367 44.29 -18.63 19.19
CA THR C 367 43.01 -18.01 18.95
C THR C 367 43.12 -16.95 17.84
N GLU C 368 42.27 -17.04 16.82
CA GLU C 368 42.22 -15.98 15.80
C GLU C 368 40.99 -15.04 15.93
N ALA C 369 39.99 -15.43 16.73
CA ALA C 369 38.86 -14.53 17.00
C ALA C 369 38.11 -14.94 18.26
N GLN C 370 37.48 -13.98 18.91
CA GLN C 370 36.62 -14.27 20.04
C GLN C 370 35.67 -13.12 20.32
N GLU C 371 34.47 -13.48 20.75
CA GLU C 371 33.48 -12.50 21.09
C GLU C 371 32.73 -13.04 22.29
N GLU C 372 32.12 -12.16 23.07
CA GLU C 372 31.22 -12.61 24.12
C GLU C 372 29.80 -12.06 23.97
N HIS C 373 28.80 -12.92 24.11
CA HIS C 373 27.41 -12.46 24.03
C HIS C 373 26.69 -12.61 25.38
N ARG C 374 25.94 -11.59 25.77
CA ARG C 374 25.13 -11.65 26.98
C ARG C 374 23.68 -11.30 26.68
N ALA C 375 22.82 -11.47 27.67
CA ALA C 375 21.43 -11.06 27.59
C ALA C 375 21.34 -9.53 27.55
N ARG D 6 -1.53 46.84 22.23
CA ARG D 6 -0.97 45.46 22.41
C ARG D 6 -1.85 44.39 21.75
N MET D 7 -1.37 43.15 21.77
CA MET D 7 -2.03 42.03 21.10
C MET D 7 -3.15 41.43 21.96
N PHE D 8 -3.99 40.59 21.37
CA PHE D 8 -5.06 39.99 22.19
C PHE D 8 -5.14 38.47 22.13
N LYS D 9 -5.48 37.88 23.27
CA LYS D 9 -5.51 36.44 23.42
C LYS D 9 -6.95 35.96 23.50
N ILE D 10 -7.34 35.10 22.57
CA ILE D 10 -8.68 34.54 22.63
C ILE D 10 -8.71 33.27 23.48
N GLU D 11 -9.28 33.39 24.68
CA GLU D 11 -9.30 32.34 25.70
C GLU D 11 -10.47 31.38 25.59
N ALA D 12 -11.68 31.93 25.46
CA ALA D 12 -12.88 31.11 25.37
C ALA D 12 -13.80 31.58 24.27
N ALA D 13 -14.70 30.69 23.84
CA ALA D 13 -15.76 31.09 22.91
C ALA D 13 -17.10 30.44 23.28
N GLU D 14 -18.19 31.20 23.19
CA GLU D 14 -19.50 30.62 23.46
C GLU D 14 -20.26 30.67 22.16
N ILE D 15 -20.99 29.59 21.88
CA ILE D 15 -21.98 29.62 20.83
C ILE D 15 -23.32 29.52 21.54
N VAL D 16 -24.17 30.51 21.30
CA VAL D 16 -25.46 30.56 21.96
C VAL D 16 -26.51 30.79 20.90
N VAL D 17 -27.48 29.89 20.80
CA VAL D 17 -28.47 29.95 19.74
C VAL D 17 -29.80 30.35 20.34
N ALA D 18 -30.35 31.45 19.86
CA ALA D 18 -31.57 31.97 20.43
C ALA D 18 -32.74 31.82 19.47
N ARG D 19 -33.96 31.76 20.02
CA ARG D 19 -35.13 31.75 19.18
C ARG D 19 -35.99 32.97 19.49
N LEU D 20 -35.99 33.93 18.58
CA LEU D 20 -36.65 35.20 18.82
C LEU D 20 -38.00 35.19 18.13
N PRO D 21 -39.06 35.51 18.89
CA PRO D 21 -40.39 35.54 18.25
C PRO D 21 -40.52 36.81 17.41
N LEU D 22 -40.96 36.66 16.16
CA LEU D 22 -41.32 37.82 15.37
C LEU D 22 -42.55 38.51 16.02
N LYS D 23 -42.50 39.83 16.12
CA LYS D 23 -43.64 40.63 16.59
C LYS D 23 -44.89 40.39 15.74
N THR D 34 -42.95 32.78 11.47
CA THR D 34 -43.37 32.75 12.88
C THR D 34 -42.29 33.16 13.89
N HIS D 35 -41.20 32.39 13.96
CA HIS D 35 -40.02 32.73 14.78
C HIS D 35 -38.78 33.00 13.93
N LYS D 36 -37.66 33.31 14.57
CA LYS D 36 -36.38 33.47 13.88
C LYS D 36 -35.21 33.09 14.80
N VAL D 37 -34.32 32.25 14.28
CA VAL D 37 -33.21 31.65 15.04
C VAL D 37 -32.05 32.60 14.91
N VAL D 38 -31.45 32.99 16.03
CA VAL D 38 -30.29 33.87 16.02
C VAL D 38 -29.07 33.15 16.58
N PRO D 39 -28.16 32.71 15.70
CA PRO D 39 -26.95 32.14 16.25
C PRO D 39 -25.96 33.25 16.62
N LEU D 40 -25.45 33.19 17.85
CA LEU D 40 -24.52 34.16 18.37
C LEU D 40 -23.20 33.50 18.72
N LEU D 41 -22.10 34.17 18.36
CA LEU D 41 -20.79 33.77 18.81
C LEU D 41 -20.31 34.87 19.74
N ILE D 42 -19.78 34.46 20.89
CA ILE D 42 -19.18 35.34 21.87
C ILE D 42 -17.72 34.95 22.07
N LEU D 43 -16.78 35.84 21.72
CA LEU D 43 -15.35 35.60 21.95
C LEU D 43 -14.92 36.35 23.21
N HIS D 44 -14.01 35.74 23.98
CA HIS D 44 -13.58 36.25 25.29
C HIS D 44 -12.09 36.46 25.23
N GLY D 45 -11.64 37.61 25.71
CA GLY D 45 -10.22 37.92 25.69
C GLY D 45 -9.92 39.21 26.43
N GLU D 46 -8.79 39.18 27.15
CA GLU D 46 -8.23 40.40 27.70
C GLU D 46 -9.27 41.11 28.51
N GLY D 47 -10.09 40.33 29.22
CA GLY D 47 -11.14 40.87 30.10
C GLY D 47 -12.30 41.60 29.43
N VAL D 48 -12.43 41.50 28.12
CA VAL D 48 -13.60 42.04 27.44
C VAL D 48 -14.21 40.90 26.63
N GLN D 49 -15.31 41.18 25.93
CA GLN D 49 -15.83 40.18 25.01
C GLN D 49 -16.24 40.79 23.68
N GLY D 50 -16.32 39.95 22.65
CA GLY D 50 -16.87 40.35 21.36
C GLY D 50 -18.02 39.44 20.98
N VAL D 51 -19.06 40.00 20.34
CA VAL D 51 -20.25 39.25 19.97
C VAL D 51 -20.66 39.47 18.52
N ALA D 52 -20.87 38.38 17.79
CA ALA D 52 -21.40 38.48 16.44
C ALA D 52 -22.59 37.55 16.25
N GLU D 53 -23.40 37.86 15.24
CA GLU D 53 -24.62 37.13 14.98
C GLU D 53 -24.50 36.45 13.64
N GLY D 54 -24.77 35.15 13.59
CA GLY D 54 -24.81 34.43 12.33
C GLY D 54 -25.99 34.83 11.47
N THR D 55 -25.77 34.94 10.16
CA THR D 55 -26.89 35.25 9.25
C THR D 55 -27.34 34.08 8.36
N MET D 56 -26.77 32.89 8.57
CA MET D 56 -27.26 31.71 7.88
C MET D 56 -28.58 31.25 8.50
N GLU D 57 -29.36 30.51 7.72
CA GLU D 57 -30.67 30.03 8.13
C GLU D 57 -30.63 28.52 8.34
N ALA D 58 -31.71 27.98 8.89
CA ALA D 58 -31.75 26.54 9.16
C ALA D 58 -31.65 25.79 7.84
N ARG D 59 -32.30 26.33 6.82
CA ARG D 59 -32.31 25.80 5.45
C ARG D 59 -31.73 26.84 4.49
N PRO D 60 -31.12 26.40 3.37
CA PRO D 60 -30.53 27.31 2.34
C PRO D 60 -31.55 27.98 1.43
N MET D 61 -32.16 29.07 1.92
CA MET D 61 -33.19 29.75 1.14
C MET D 61 -32.65 31.03 0.53
N TYR D 62 -32.00 31.87 1.34
CA TYR D 62 -31.41 33.08 0.80
C TYR D 62 -30.09 32.78 0.09
N ARG D 63 -29.28 31.93 0.71
CA ARG D 63 -28.04 31.48 0.08
C ARG D 63 -27.68 30.08 0.55
N GLU D 64 -26.42 29.69 0.37
CA GLU D 64 -26.04 28.29 0.45
C GLU D 64 -25.71 27.75 1.84
N GLU D 65 -25.45 28.61 2.81
CA GLU D 65 -25.04 28.11 4.13
C GLU D 65 -26.22 27.70 5.01
N THR D 66 -25.97 26.79 5.95
CA THR D 66 -26.98 26.38 6.94
C THR D 66 -26.44 26.48 8.36
N ILE D 67 -27.32 26.71 9.33
CA ILE D 67 -26.93 26.70 10.75
C ILE D 67 -26.14 25.44 11.05
N ALA D 68 -26.70 24.29 10.70
CA ALA D 68 -26.10 23.03 11.05
C ALA D 68 -24.64 23.05 10.61
N GLY D 69 -24.43 23.39 9.34
CA GLY D 69 -23.10 23.37 8.76
C GLY D 69 -22.14 24.43 9.32
N ALA D 70 -22.65 25.65 9.48
CA ALA D 70 -21.87 26.73 10.04
C ALA D 70 -21.42 26.44 11.49
N LEU D 71 -22.32 25.94 12.34
CA LEU D 71 -21.92 25.66 13.72
C LEU D 71 -20.94 24.48 13.78
N ASP D 72 -21.22 23.48 12.97
CA ASP D 72 -20.27 22.40 12.88
C ASP D 72 -18.87 22.87 12.41
N LEU D 73 -18.86 23.86 11.53
CA LEU D 73 -17.60 24.35 11.00
C LEU D 73 -16.88 25.20 12.08
N LEU D 74 -17.62 26.00 12.82
CA LEU D 74 -17.10 26.71 13.98
C LEU D 74 -16.51 25.82 15.08
N ARG D 75 -17.23 24.81 15.53
CA ARG D 75 -16.72 24.05 16.67
C ARG D 75 -15.62 23.10 16.28
N GLY D 76 -15.65 22.58 15.05
CA GLY D 76 -14.69 21.54 14.65
C GLY D 76 -13.47 22.08 13.93
N THR D 77 -13.55 23.32 13.44
CA THR D 77 -12.44 23.86 12.68
C THR D 77 -11.98 25.24 13.13
N PHE D 78 -12.81 26.26 12.88
CA PHE D 78 -12.44 27.64 13.18
C PHE D 78 -12.10 27.91 14.63
N LEU D 79 -13.01 27.58 15.57
CA LEU D 79 -12.69 27.81 16.99
C LEU D 79 -11.37 27.13 17.47
N PRO D 80 -11.18 25.83 17.21
CA PRO D 80 -9.86 25.23 17.53
C PRO D 80 -8.64 25.97 16.97
N ALA D 81 -8.79 26.61 15.82
CA ALA D 81 -7.69 27.28 15.15
C ALA D 81 -7.27 28.55 15.87
N ILE D 82 -8.13 29.04 16.77
CA ILE D 82 -7.92 30.36 17.38
C ILE D 82 -7.87 30.34 18.91
N LEU D 83 -8.59 29.40 19.53
CA LEU D 83 -8.64 29.33 20.97
C LEU D 83 -7.25 29.16 21.56
N GLY D 84 -6.95 29.96 22.59
CA GLY D 84 -5.62 29.98 23.20
C GLY D 84 -4.59 30.74 22.37
N GLN D 85 -4.97 31.27 21.21
CA GLN D 85 -4.01 32.00 20.34
C GLN D 85 -3.95 33.51 20.56
N THR D 86 -2.82 34.11 20.19
CA THR D 86 -2.63 35.53 20.34
C THR D 86 -2.56 36.25 19.00
N PHE D 87 -3.29 37.37 18.87
CA PHE D 87 -3.43 38.05 17.60
C PHE D 87 -3.20 39.55 17.68
N ALA D 88 -2.69 40.13 16.59
CA ALA D 88 -2.51 41.60 16.54
C ALA D 88 -3.78 42.33 16.16
N ASN D 89 -4.55 41.73 15.27
CA ASN D 89 -5.75 42.37 14.77
C ASN D 89 -6.75 41.37 14.19
N PRO D 90 -7.99 41.83 13.91
CA PRO D 90 -9.01 40.96 13.31
C PRO D 90 -8.48 40.27 12.07
N GLU D 91 -7.70 40.98 11.26
CA GLU D 91 -7.14 40.41 10.05
C GLU D 91 -6.36 39.16 10.35
N ALA D 92 -5.55 39.20 11.41
CA ALA D 92 -4.70 38.06 11.75
C ALA D 92 -5.60 36.90 12.11
N VAL D 93 -6.75 37.22 12.67
CA VAL D 93 -7.68 36.18 13.09
C VAL D 93 -8.23 35.46 11.88
N SER D 94 -8.79 36.22 10.93
CA SER D 94 -9.25 35.65 9.67
C SER D 94 -8.16 34.82 9.03
N ASP D 95 -6.98 35.42 8.92
CA ASP D 95 -5.86 34.74 8.32
C ASP D 95 -5.59 33.36 8.97
N ALA D 96 -5.92 33.21 10.25
CA ALA D 96 -5.60 31.96 10.97
C ALA D 96 -6.54 30.80 10.69
N LEU D 97 -7.64 31.07 10.02
CA LEU D 97 -8.71 30.08 9.84
C LEU D 97 -8.46 29.11 8.68
N GLY D 98 -7.29 29.18 8.06
CA GLY D 98 -6.99 28.27 6.96
C GLY D 98 -7.74 28.67 5.71
N SER D 99 -7.48 27.95 4.62
CA SER D 99 -8.02 28.36 3.35
C SER D 99 -9.23 27.50 2.92
N TYR D 100 -9.97 26.98 3.90
CA TYR D 100 -11.24 26.32 3.63
C TYR D 100 -12.08 27.19 2.73
N ARG D 101 -12.84 26.55 1.85
CA ARG D 101 -13.56 27.23 0.78
C ARG D 101 -15.01 27.64 1.10
N GLY D 102 -15.43 28.77 0.56
CA GLY D 102 -16.79 29.24 0.78
C GLY D 102 -17.04 29.47 2.25
N ASN D 103 -18.27 29.25 2.69
CA ASN D 103 -18.65 29.35 4.10
C ASN D 103 -18.34 30.73 4.71
N ARG D 104 -18.72 31.78 4.00
CA ARG D 104 -18.29 33.10 4.41
C ARG D 104 -19.05 33.65 5.58
N MET D 105 -20.31 33.26 5.73
CA MET D 105 -21.11 33.70 6.85
C MET D 105 -20.61 33.04 8.13
N ALA D 106 -20.15 31.79 7.99
CA ALA D 106 -19.46 31.13 9.11
C ALA D 106 -18.22 31.92 9.52
N ARG D 107 -17.33 32.17 8.57
CA ARG D 107 -16.08 32.88 8.83
C ARG D 107 -16.40 34.19 9.47
N ALA D 108 -17.48 34.78 8.99
CA ALA D 108 -17.84 36.12 9.37
C ALA D 108 -18.24 36.21 10.84
N MET D 109 -18.83 35.16 11.38
CA MET D 109 -19.15 35.11 12.81
C MET D 109 -17.87 35.27 13.64
N VAL D 110 -16.80 34.60 13.22
CA VAL D 110 -15.56 34.69 13.96
C VAL D 110 -14.96 36.08 13.71
N GLU D 111 -14.82 36.43 12.43
CA GLU D 111 -14.23 37.71 12.05
C GLU D 111 -14.89 38.94 12.72
N MET D 112 -16.22 39.00 12.70
CA MET D 112 -16.90 40.16 13.24
C MET D 112 -16.84 40.15 14.78
N ALA D 113 -16.99 38.98 15.38
CA ALA D 113 -16.77 38.87 16.83
C ALA D 113 -15.38 39.38 17.17
N ALA D 114 -14.40 38.99 16.35
CA ALA D 114 -13.03 39.45 16.55
C ALA D 114 -12.96 40.97 16.51
N TRP D 115 -13.58 41.58 15.50
CA TRP D 115 -13.58 43.05 15.39
C TRP D 115 -14.10 43.72 16.65
N ASP D 116 -15.21 43.20 17.14
CA ASP D 116 -15.87 43.76 18.32
C ASP D 116 -14.94 43.63 19.54
N LEU D 117 -14.23 42.52 19.65
CA LEU D 117 -13.36 42.27 20.80
C LEU D 117 -12.17 43.19 20.70
N TRP D 118 -11.56 43.21 19.52
CA TRP D 118 -10.42 44.08 19.24
C TRP D 118 -10.75 45.49 19.66
N ALA D 119 -11.85 46.00 19.11
CA ALA D 119 -12.18 47.38 19.28
C ALA D 119 -12.44 47.66 20.75
N ARG D 120 -12.97 46.67 21.45
CA ARG D 120 -13.27 46.86 22.84
C ARG D 120 -11.99 46.86 23.67
N THR D 121 -10.95 46.11 23.25
CA THR D 121 -9.66 46.19 23.94
C THR D 121 -9.01 47.56 23.83
N LEU D 122 -9.34 48.32 22.78
CA LEU D 122 -8.84 49.68 22.60
C LEU D 122 -9.84 50.74 23.08
N GLY D 123 -11.02 50.30 23.52
CA GLY D 123 -12.07 51.26 23.89
C GLY D 123 -12.50 52.19 22.74
N VAL D 124 -12.43 51.72 21.50
CA VAL D 124 -12.81 52.54 20.37
C VAL D 124 -14.04 51.96 19.68
N PRO D 125 -14.99 52.82 19.26
CA PRO D 125 -16.12 52.42 18.43
C PRO D 125 -15.67 51.68 17.14
N LEU D 126 -16.41 50.65 16.78
CA LEU D 126 -16.05 49.79 15.65
C LEU D 126 -15.94 50.51 14.29
N GLY D 127 -16.97 51.28 13.92
CA GLY D 127 -16.90 52.07 12.69
C GLY D 127 -15.66 52.95 12.66
N THR D 128 -15.33 53.56 13.79
CA THR D 128 -14.17 54.41 13.83
C THR D 128 -12.91 53.67 13.35
N LEU D 129 -12.77 52.41 13.76
CA LEU D 129 -11.61 51.62 13.39
C LEU D 129 -11.61 51.20 11.93
N LEU D 130 -12.79 51.08 11.34
CA LEU D 130 -12.92 50.72 9.95
C LEU D 130 -12.80 51.93 9.02
N GLY D 131 -12.71 53.12 9.62
CA GLY D 131 -12.46 54.34 8.87
C GLY D 131 -13.66 55.25 8.64
N GLY D 132 -14.82 54.92 9.19
CA GLY D 132 -16.03 55.73 8.99
C GLY D 132 -16.11 56.87 9.98
N HIS D 133 -16.78 57.97 9.63
CA HIS D 133 -16.89 59.02 10.62
C HIS D 133 -18.25 59.74 10.68
N LYS D 134 -19.28 59.17 10.04
CA LYS D 134 -20.67 59.65 10.24
C LYS D 134 -21.16 59.32 11.64
N GLU D 135 -22.14 60.08 12.10
CA GLU D 135 -22.64 59.90 13.46
C GLU D 135 -24.06 59.38 13.39
N GLN D 136 -24.58 59.33 12.17
CA GLN D 136 -25.85 58.69 11.88
C GLN D 136 -25.90 58.31 10.40
N VAL D 137 -26.76 57.35 10.06
CA VAL D 137 -26.78 56.77 8.73
C VAL D 137 -28.19 56.74 8.17
N GLU D 138 -28.30 56.82 6.84
CA GLU D 138 -29.61 56.92 6.22
C GLU D 138 -30.21 55.53 6.06
N VAL D 139 -31.51 55.40 6.34
CA VAL D 139 -32.18 54.09 6.30
C VAL D 139 -33.46 54.10 5.47
N GLY D 140 -33.78 52.95 4.90
CA GLY D 140 -34.97 52.82 4.08
C GLY D 140 -35.64 51.53 4.51
N VAL D 141 -36.63 51.09 3.75
CA VAL D 141 -37.48 50.07 4.25
C VAL D 141 -37.89 49.15 3.13
N SER D 142 -38.23 47.92 3.49
CA SER D 142 -38.45 46.88 2.51
C SER D 142 -39.86 46.31 2.63
N LEU D 143 -40.66 46.43 1.59
CA LEU D 143 -42.05 46.00 1.65
C LEU D 143 -42.30 44.84 0.70
N GLY D 144 -43.04 43.82 1.18
CA GLY D 144 -43.46 42.67 0.37
C GLY D 144 -44.52 42.99 -0.68
N ILE D 145 -45.05 41.93 -1.30
CA ILE D 145 -46.12 42.08 -2.30
C ILE D 145 -47.46 42.43 -1.63
N GLN D 146 -48.19 43.37 -2.22
CA GLN D 146 -49.47 43.78 -1.68
C GLN D 146 -50.65 43.19 -2.48
N ALA D 147 -51.83 43.21 -1.88
CA ALA D 147 -53.02 42.72 -2.54
C ALA D 147 -53.20 43.42 -3.91
N ASP D 148 -52.98 44.73 -3.95
CA ASP D 148 -53.19 45.50 -5.19
C ASP D 148 -52.50 46.86 -5.16
N GLU D 149 -52.78 47.68 -6.18
CA GLU D 149 -52.20 49.01 -6.27
C GLU D 149 -52.54 49.95 -5.10
N GLN D 150 -53.80 50.03 -4.70
CA GLN D 150 -54.11 50.90 -3.56
C GLN D 150 -53.39 50.44 -2.28
N ALA D 151 -53.49 49.15 -1.96
CA ALA D 151 -52.86 48.70 -0.73
C ALA D 151 -51.35 49.00 -0.82
N THR D 152 -50.73 48.71 -1.96
CA THR D 152 -49.32 49.07 -2.13
C THR D 152 -49.12 50.53 -1.71
N VAL D 153 -49.70 51.46 -2.48
CA VAL D 153 -49.57 52.88 -2.21
C VAL D 153 -49.86 53.25 -0.74
N ASP D 154 -50.86 52.61 -0.14
CA ASP D 154 -51.17 52.86 1.28
C ASP D 154 -50.02 52.50 2.23
N LEU D 155 -49.42 51.35 2.01
CA LEU D 155 -48.36 50.87 2.88
C LEU D 155 -47.06 51.66 2.68
N VAL D 156 -46.88 52.20 1.47
CA VAL D 156 -45.78 53.09 1.20
C VAL D 156 -45.99 54.43 1.90
N ARG D 157 -47.18 55.00 1.75
CA ARG D 157 -47.52 56.22 2.49
C ARG D 157 -47.15 56.10 3.97
N ARG D 158 -47.57 55.00 4.60
CA ARG D 158 -47.27 54.77 6.01
C ARG D 158 -45.80 55.00 6.27
N HIS D 159 -44.96 54.48 5.38
CA HIS D 159 -43.52 54.57 5.58
C HIS D 159 -42.90 55.91 5.16
N VAL D 160 -43.38 56.46 4.05
CA VAL D 160 -42.93 57.78 3.62
C VAL D 160 -43.21 58.80 4.73
N GLU D 161 -44.34 58.62 5.41
CA GLU D 161 -44.71 59.49 6.52
C GLU D 161 -43.87 59.28 7.76
N GLN D 162 -43.15 58.16 7.80
CA GLN D 162 -42.15 57.92 8.82
C GLN D 162 -40.82 58.58 8.46
N GLY D 163 -40.72 59.14 7.25
CA GLY D 163 -39.47 59.73 6.79
C GLY D 163 -38.37 58.79 6.26
N TYR D 164 -38.66 57.50 6.08
CA TYR D 164 -37.64 56.58 5.57
C TYR D 164 -37.09 57.11 4.24
N ARG D 165 -35.82 56.87 3.97
CA ARG D 165 -35.25 57.58 2.83
C ARG D 165 -35.23 56.84 1.49
N ARG D 166 -35.72 55.61 1.50
CA ARG D 166 -35.85 54.79 0.31
C ARG D 166 -36.91 53.74 0.59
N ILE D 167 -37.75 53.49 -0.40
CA ILE D 167 -38.75 52.45 -0.32
C ILE D 167 -38.36 51.36 -1.32
N LYS D 168 -38.21 50.12 -0.84
CA LYS D 168 -37.97 49.01 -1.76
C LYS D 168 -39.21 48.14 -1.89
N LEU D 169 -39.82 48.08 -3.08
CA LEU D 169 -40.95 47.16 -3.32
C LEU D 169 -40.50 45.82 -3.88
N LYS D 170 -40.89 44.74 -3.21
CA LYS D 170 -40.76 43.41 -3.79
C LYS D 170 -41.61 43.32 -5.05
N ILE D 171 -41.13 42.61 -6.06
CA ILE D 171 -41.93 42.36 -7.26
C ILE D 171 -41.77 40.93 -7.74
N LYS D 172 -42.70 40.47 -8.57
CA LYS D 172 -42.55 39.16 -9.23
C LYS D 172 -43.13 39.25 -10.64
N PRO D 173 -42.76 38.30 -11.51
CA PRO D 173 -43.35 38.24 -12.86
C PRO D 173 -44.87 38.38 -12.77
N GLY D 174 -45.47 39.27 -13.56
CA GLY D 174 -46.92 39.50 -13.51
C GLY D 174 -47.36 40.60 -12.54
N TRP D 175 -46.52 40.90 -11.55
CA TRP D 175 -46.80 41.99 -10.61
C TRP D 175 -45.54 42.84 -10.41
N ASP D 176 -45.35 43.82 -11.27
CA ASP D 176 -44.19 44.67 -11.14
C ASP D 176 -44.47 46.09 -11.59
N VAL D 177 -44.77 46.25 -12.88
CA VAL D 177 -45.12 47.56 -13.41
C VAL D 177 -46.30 48.19 -12.64
N GLN D 178 -47.24 47.36 -12.20
CA GLN D 178 -48.43 47.94 -11.57
C GLN D 178 -48.11 48.60 -10.22
N PRO D 179 -47.50 47.84 -9.30
CA PRO D 179 -47.12 48.39 -7.99
C PRO D 179 -46.16 49.57 -8.14
N VAL D 180 -45.33 49.54 -9.18
CA VAL D 180 -44.32 50.56 -9.33
C VAL D 180 -44.99 51.79 -9.90
N ARG D 181 -45.75 51.61 -10.98
CA ARG D 181 -46.47 52.74 -11.59
C ARG D 181 -47.39 53.45 -10.57
N ALA D 182 -48.15 52.67 -9.81
CA ALA D 182 -49.06 53.24 -8.81
C ALA D 182 -48.31 54.03 -7.73
N THR D 183 -47.27 53.42 -7.16
CA THR D 183 -46.47 54.05 -6.13
C THR D 183 -45.86 55.35 -6.66
N ARG D 184 -45.27 55.28 -7.85
CA ARG D 184 -44.59 56.45 -8.40
C ARG D 184 -45.55 57.60 -8.68
N GLU D 185 -46.79 57.26 -9.04
CA GLU D 185 -47.84 58.29 -9.20
C GLU D 185 -48.14 59.06 -7.92
N ALA D 186 -48.38 58.33 -6.82
CA ALA D 186 -48.53 58.97 -5.49
C ALA D 186 -47.25 59.71 -5.02
N PHE D 187 -46.08 59.14 -5.29
CA PHE D 187 -44.84 59.72 -4.78
C PHE D 187 -43.84 59.84 -5.89
N PRO D 188 -43.89 60.98 -6.60
CA PRO D 188 -43.06 61.26 -7.78
C PRO D 188 -41.62 61.52 -7.41
N ASP D 189 -41.34 61.78 -6.14
CA ASP D 189 -40.01 62.21 -5.75
C ASP D 189 -39.21 61.25 -4.83
N ILE D 190 -39.89 60.31 -4.17
CA ILE D 190 -39.18 59.43 -3.25
C ILE D 190 -38.13 58.56 -3.98
N ARG D 191 -37.09 58.16 -3.28
CA ARG D 191 -36.21 57.15 -3.83
C ARG D 191 -36.88 55.78 -3.72
N LEU D 192 -37.08 55.15 -4.87
CA LEU D 192 -37.77 53.88 -4.94
C LEU D 192 -36.89 52.83 -5.63
N THR D 193 -36.73 51.67 -4.99
CA THR D 193 -36.09 50.51 -5.66
C THR D 193 -37.06 49.36 -5.75
N VAL D 194 -36.77 48.38 -6.59
CA VAL D 194 -37.44 47.09 -6.46
C VAL D 194 -36.48 45.94 -6.20
N ASP D 195 -37.05 44.90 -5.61
CA ASP D 195 -36.35 43.68 -5.30
C ASP D 195 -37.01 42.70 -6.24
N ALA D 196 -36.28 42.27 -7.26
CA ALA D 196 -36.85 41.32 -8.22
C ALA D 196 -36.69 39.87 -7.77
N ASN D 197 -35.99 39.63 -6.65
CA ASN D 197 -35.98 38.33 -6.01
C ASN D 197 -35.63 37.18 -6.96
N SER D 198 -34.60 37.35 -7.80
CA SER D 198 -34.21 36.31 -8.77
C SER D 198 -35.41 35.61 -9.47
N ALA D 199 -36.45 36.37 -9.79
CA ALA D 199 -37.67 35.78 -10.32
C ALA D 199 -37.82 35.99 -11.84
N TYR D 200 -36.74 36.39 -12.49
CA TYR D 200 -36.84 36.73 -13.88
C TYR D 200 -35.78 36.00 -14.70
N THR D 201 -35.95 36.04 -16.00
CA THR D 201 -34.91 35.53 -16.89
C THR D 201 -34.76 36.56 -17.98
N LEU D 202 -33.81 36.34 -18.89
CA LEU D 202 -33.53 37.31 -19.94
C LEU D 202 -34.72 37.55 -20.88
N ALA D 203 -35.66 36.59 -20.93
CA ALA D 203 -36.89 36.76 -21.70
C ALA D 203 -37.78 37.89 -21.13
N ASP D 204 -37.52 38.26 -19.88
CA ASP D 204 -38.28 39.33 -19.24
C ASP D 204 -37.75 40.73 -19.48
N ALA D 205 -36.64 40.87 -20.21
CA ALA D 205 -36.01 42.17 -20.41
C ALA D 205 -36.99 43.26 -20.78
N GLY D 206 -37.88 42.98 -21.72
CA GLY D 206 -38.84 43.96 -22.19
C GLY D 206 -39.79 44.32 -21.07
N ARG D 207 -40.31 43.29 -20.40
CA ARG D 207 -41.17 43.51 -19.26
C ARG D 207 -40.43 44.40 -18.22
N LEU D 208 -39.16 44.14 -17.94
CA LEU D 208 -38.45 44.94 -16.93
C LEU D 208 -38.12 46.32 -17.46
N ARG D 209 -37.87 46.41 -18.76
CA ARG D 209 -37.61 47.69 -19.38
C ARG D 209 -38.78 48.68 -19.15
N GLN D 210 -39.98 48.14 -19.00
CA GLN D 210 -41.14 48.99 -18.75
C GLN D 210 -41.05 49.72 -17.43
N LEU D 211 -40.19 49.25 -16.51
CA LEU D 211 -39.95 49.99 -15.27
C LEU D 211 -39.17 51.28 -15.56
N ASP D 212 -38.36 51.29 -16.62
CA ASP D 212 -37.45 52.43 -16.86
C ASP D 212 -38.08 53.80 -16.57
N GLU D 213 -39.29 54.01 -17.09
CA GLU D 213 -39.87 55.36 -17.11
C GLU D 213 -40.24 55.85 -15.71
N TYR D 214 -40.07 54.99 -14.72
CA TYR D 214 -40.45 55.32 -13.34
C TYR D 214 -39.29 55.73 -12.44
N ASP D 215 -38.14 56.01 -13.05
CA ASP D 215 -36.98 56.50 -12.31
C ASP D 215 -36.66 55.78 -10.99
N LEU D 216 -36.73 54.44 -11.00
CA LEU D 216 -36.23 53.64 -9.89
C LEU D 216 -34.72 53.83 -9.76
N THR D 217 -34.22 53.84 -8.54
CA THR D 217 -32.79 53.91 -8.32
C THR D 217 -32.12 52.63 -8.84
N CYS D 218 -32.81 51.50 -8.71
CA CYS D 218 -32.31 50.26 -9.27
C CYS D 218 -33.27 49.09 -9.19
N ILE D 219 -32.91 48.02 -9.91
CA ILE D 219 -33.63 46.77 -9.87
C ILE D 219 -32.68 45.78 -9.24
N GLU D 220 -33.10 45.13 -8.16
CA GLU D 220 -32.15 44.32 -7.39
C GLU D 220 -32.25 42.84 -7.67
N GLN D 221 -31.11 42.25 -8.05
CA GLN D 221 -30.95 40.83 -8.43
C GLN D 221 -32.13 40.25 -9.20
N PRO D 222 -32.40 40.77 -10.39
CA PRO D 222 -33.52 40.19 -11.18
C PRO D 222 -33.27 38.74 -11.65
N LEU D 223 -32.02 38.37 -11.94
CA LEU D 223 -31.74 37.00 -12.45
C LEU D 223 -31.13 36.10 -11.38
N ALA D 224 -30.62 34.95 -11.79
CA ALA D 224 -30.17 33.92 -10.83
C ALA D 224 -29.34 34.51 -9.67
N TRP D 225 -29.54 33.98 -8.47
CA TRP D 225 -28.82 34.45 -7.28
C TRP D 225 -27.31 34.41 -7.43
N ASP D 226 -26.78 33.49 -8.23
CA ASP D 226 -25.32 33.38 -8.29
C ASP D 226 -24.71 33.88 -9.59
N ASP D 227 -25.44 34.69 -10.33
CA ASP D 227 -25.01 35.10 -11.65
C ASP D 227 -24.38 36.49 -11.76
N LEU D 228 -23.41 36.62 -12.65
CA LEU D 228 -22.93 37.94 -13.05
C LEU D 228 -23.09 38.17 -14.55
N VAL D 229 -22.88 37.11 -15.33
CA VAL D 229 -22.85 37.25 -16.79
C VAL D 229 -24.19 37.65 -17.40
N ASP D 230 -25.30 37.10 -16.92
CA ASP D 230 -26.60 37.44 -17.52
C ASP D 230 -27.06 38.80 -17.04
N HIS D 231 -26.63 39.17 -15.84
CA HIS D 231 -26.98 40.47 -15.32
C HIS D 231 -26.34 41.55 -16.22
N ALA D 232 -25.07 41.37 -16.57
CA ALA D 232 -24.40 42.26 -17.52
C ALA D 232 -25.17 42.38 -18.83
N GLU D 233 -25.58 41.25 -19.39
CA GLU D 233 -26.40 41.26 -20.59
C GLU D 233 -27.72 42.01 -20.34
N LEU D 234 -28.49 41.60 -19.34
CA LEU D 234 -29.74 42.31 -19.02
C LEU D 234 -29.52 43.82 -18.88
N ALA D 235 -28.48 44.21 -18.15
CA ALA D 235 -28.17 45.62 -17.93
C ALA D 235 -27.94 46.35 -19.24
N ARG D 236 -27.52 45.63 -20.28
CA ARG D 236 -27.32 46.30 -21.56
C ARG D 236 -28.66 46.61 -22.20
N ARG D 237 -29.71 45.88 -21.81
CA ARG D 237 -31.00 45.98 -22.49
C ARG D 237 -32.00 46.93 -21.83
N ILE D 238 -31.64 47.48 -20.67
CA ILE D 238 -32.57 48.34 -19.93
C ILE D 238 -31.81 49.52 -19.35
N ARG D 239 -32.51 50.62 -19.07
CA ARG D 239 -31.85 51.86 -18.64
C ARG D 239 -31.77 51.97 -17.12
N THR D 240 -32.69 51.33 -16.42
CA THR D 240 -32.61 51.26 -14.97
C THR D 240 -31.33 50.51 -14.50
N PRO D 241 -30.59 51.11 -13.59
CA PRO D 241 -29.45 50.42 -13.03
C PRO D 241 -29.85 49.14 -12.35
N LEU D 242 -28.98 48.12 -12.44
CA LEU D 242 -29.14 46.89 -11.65
C LEU D 242 -28.36 46.98 -10.33
N CYS D 243 -28.91 46.34 -9.30
CA CYS D 243 -28.19 46.25 -8.04
C CYS D 243 -27.92 44.79 -7.75
N LEU D 244 -26.70 44.47 -7.31
CA LEU D 244 -26.33 43.10 -7.02
C LEU D 244 -26.28 42.83 -5.53
N ASP D 245 -26.83 41.68 -5.13
CA ASP D 245 -26.91 41.27 -3.75
C ASP D 245 -26.22 39.91 -3.57
N GLU D 246 -26.96 38.83 -3.85
CA GLU D 246 -26.45 37.47 -3.63
C GLU D 246 -25.17 37.11 -4.40
N SER D 247 -24.94 37.75 -5.54
CA SER D 247 -23.81 37.32 -6.38
C SER D 247 -22.46 37.95 -6.08
N VAL D 248 -22.43 38.90 -5.15
CA VAL D 248 -21.20 39.50 -4.69
C VAL D 248 -20.89 39.06 -3.27
N ALA D 249 -20.10 38.01 -3.16
CA ALA D 249 -19.71 37.46 -1.86
C ALA D 249 -18.25 37.78 -1.51
N SER D 250 -17.60 38.64 -2.29
CA SER D 250 -16.25 39.05 -1.95
C SER D 250 -15.85 40.30 -2.72
N ALA D 251 -14.70 40.87 -2.37
CA ALA D 251 -14.17 42.03 -3.10
C ALA D 251 -13.85 41.70 -4.56
N SER D 252 -13.28 40.54 -4.83
CA SER D 252 -13.03 40.16 -6.21
C SER D 252 -14.31 39.85 -7.02
N ASP D 253 -15.36 39.37 -6.36
CA ASP D 253 -16.67 39.24 -7.04
C ASP D 253 -17.13 40.64 -7.43
N ALA D 254 -16.87 41.60 -6.54
CA ALA D 254 -17.38 42.93 -6.75
C ALA D 254 -16.66 43.50 -7.94
N ARG D 255 -15.35 43.30 -7.97
CA ARG D 255 -14.55 43.74 -9.08
C ARG D 255 -15.09 43.15 -10.38
N LYS D 256 -15.32 41.84 -10.40
CA LYS D 256 -15.71 41.15 -11.62
C LYS D 256 -17.05 41.67 -12.09
N ALA D 257 -17.96 41.80 -11.13
CA ALA D 257 -19.30 42.30 -11.39
C ALA D 257 -19.25 43.66 -12.05
N LEU D 258 -18.42 44.55 -11.51
CA LEU D 258 -18.41 45.94 -12.00
C LEU D 258 -17.69 46.04 -13.33
N ALA D 259 -16.61 45.28 -13.50
CA ALA D 259 -15.85 45.29 -14.73
C ALA D 259 -16.73 44.74 -15.87
N LEU D 260 -17.56 43.75 -15.55
CA LEU D 260 -18.48 43.18 -16.53
C LEU D 260 -19.62 44.10 -16.84
N GLY D 261 -19.89 45.05 -15.96
CA GLY D 261 -21.09 45.86 -16.10
C GLY D 261 -22.36 45.11 -15.70
N ALA D 262 -22.22 44.20 -14.72
CA ALA D 262 -23.35 43.41 -14.19
C ALA D 262 -24.27 44.21 -13.26
N GLY D 263 -23.74 45.29 -12.67
CA GLY D 263 -24.56 46.18 -11.85
C GLY D 263 -23.89 47.54 -11.69
N GLY D 264 -24.66 48.52 -11.20
CA GLY D 264 -24.14 49.85 -10.94
C GLY D 264 -24.23 50.15 -9.45
N VAL D 265 -24.84 49.21 -8.72
CA VAL D 265 -25.08 49.33 -7.30
C VAL D 265 -24.90 47.97 -6.61
N ILE D 266 -24.27 47.94 -5.46
CA ILE D 266 -24.15 46.66 -4.78
C ILE D 266 -24.85 46.78 -3.43
N ASN D 267 -25.69 45.80 -3.14
CA ASN D 267 -26.27 45.69 -1.82
C ASN D 267 -25.31 44.86 -0.97
N LEU D 268 -24.50 45.55 -0.20
CA LEU D 268 -23.45 44.92 0.58
C LEU D 268 -23.94 44.39 1.94
N LYS D 269 -23.86 43.07 2.17
CA LYS D 269 -24.24 42.47 3.46
C LYS D 269 -23.00 41.93 4.13
N VAL D 270 -22.64 42.53 5.26
CA VAL D 270 -21.36 42.27 5.89
C VAL D 270 -21.05 40.77 6.05
N ALA D 271 -22.03 40.00 6.46
CA ALA D 271 -21.76 38.62 6.78
C ALA D 271 -21.67 37.80 5.50
N ARG D 272 -22.52 38.10 4.53
CA ARG D 272 -22.45 37.39 3.25
C ARG D 272 -21.07 37.45 2.65
N VAL D 273 -20.35 38.56 2.83
CA VAL D 273 -19.05 38.69 2.14
C VAL D 273 -17.90 38.29 3.02
N GLY D 274 -18.21 37.84 4.23
CA GLY D 274 -17.16 37.37 5.11
C GLY D 274 -16.74 38.30 6.24
N GLY D 275 -17.49 39.36 6.52
CA GLY D 275 -17.12 40.22 7.66
C GLY D 275 -16.69 41.63 7.30
N HIS D 276 -16.16 42.37 8.29
CA HIS D 276 -15.96 43.80 8.14
C HIS D 276 -14.79 44.17 7.23
N ALA D 277 -13.64 43.58 7.49
CA ALA D 277 -12.51 43.88 6.67
C ALA D 277 -12.92 43.62 5.25
N GLU D 278 -13.54 42.48 4.97
CA GLU D 278 -13.82 42.18 3.56
C GLU D 278 -14.88 43.13 3.01
N SER D 279 -15.89 43.43 3.83
CA SER D 279 -16.86 44.44 3.49
C SER D 279 -16.18 45.80 3.23
N ARG D 280 -15.22 46.20 4.05
CA ARG D 280 -14.54 47.46 3.74
C ARG D 280 -13.94 47.39 2.32
N ARG D 281 -13.26 46.29 2.00
CA ARG D 281 -12.75 46.08 0.64
C ARG D 281 -13.84 46.11 -0.44
N VAL D 282 -14.98 45.46 -0.20
CA VAL D 282 -16.06 45.51 -1.23
C VAL D 282 -16.49 46.96 -1.48
N HIS D 283 -16.70 47.66 -0.36
CA HIS D 283 -17.03 49.06 -0.32
C HIS D 283 -16.02 49.89 -1.14
N ASP D 284 -14.73 49.67 -0.87
CA ASP D 284 -13.68 50.39 -1.57
C ASP D 284 -13.59 50.04 -3.07
N VAL D 285 -13.67 48.76 -3.41
CA VAL D 285 -13.69 48.40 -4.84
C VAL D 285 -14.85 49.09 -5.54
N ALA D 286 -16.03 49.05 -4.91
CA ALA D 286 -17.18 49.72 -5.49
C ALA D 286 -16.88 51.17 -5.76
N GLN D 287 -16.35 51.86 -4.76
CA GLN D 287 -16.06 53.27 -4.86
C GLN D 287 -15.05 53.55 -5.98
N SER D 288 -14.07 52.67 -6.14
CA SER D 288 -13.06 52.85 -7.16
C SER D 288 -13.63 52.74 -8.59
N PHE D 289 -14.86 52.23 -8.74
CA PHE D 289 -15.55 52.20 -10.04
C PHE D 289 -16.60 53.31 -10.14
N GLY D 290 -16.86 54.03 -9.03
CA GLY D 290 -17.94 55.00 -8.99
C GLY D 290 -19.30 54.39 -8.71
N ALA D 291 -19.30 53.19 -8.12
CA ALA D 291 -20.53 52.54 -7.76
C ALA D 291 -20.81 52.70 -6.29
N PRO D 292 -21.99 53.16 -5.93
CA PRO D 292 -22.24 53.24 -4.51
C PRO D 292 -22.58 51.84 -3.96
N VAL D 293 -22.56 51.68 -2.65
CA VAL D 293 -23.15 50.51 -2.02
C VAL D 293 -24.20 50.94 -1.00
N TRP D 294 -25.03 49.99 -0.58
CA TRP D 294 -25.72 50.18 0.67
C TRP D 294 -25.68 48.97 1.53
N CYS D 295 -25.99 49.19 2.81
CA CYS D 295 -25.91 48.16 3.81
C CYS D 295 -27.19 47.40 3.86
N GLY D 296 -27.19 46.12 3.49
CA GLY D 296 -28.42 45.33 3.56
C GLY D 296 -28.70 44.79 4.96
N GLY D 297 -29.91 44.31 5.18
CA GLY D 297 -30.28 43.75 6.48
C GLY D 297 -30.64 42.31 6.28
N MET D 298 -30.63 41.51 7.35
CA MET D 298 -31.00 40.09 7.29
C MET D 298 -31.86 39.72 8.48
N LEU D 299 -32.83 40.59 8.78
CA LEU D 299 -33.70 40.45 9.94
C LEU D 299 -32.91 40.29 11.22
N GLU D 300 -31.88 41.07 11.44
CA GLU D 300 -31.00 40.76 12.55
C GLU D 300 -31.53 41.23 13.89
N SER D 301 -31.18 40.49 14.95
CA SER D 301 -31.33 41.00 16.28
C SER D 301 -30.37 42.18 16.37
N GLY D 302 -30.40 42.89 17.48
CA GLY D 302 -29.63 44.13 17.59
C GLY D 302 -28.11 44.02 17.58
N ILE D 303 -27.61 42.81 17.78
CA ILE D 303 -26.18 42.56 17.68
C ILE D 303 -25.78 42.74 16.21
N GLY D 304 -26.44 41.96 15.36
CA GLY D 304 -26.17 42.05 13.94
C GLY D 304 -26.49 43.43 13.43
N ARG D 305 -27.60 43.99 13.89
CA ARG D 305 -28.01 45.33 13.45
C ARG D 305 -26.93 46.39 13.81
N ALA D 306 -26.44 46.35 15.04
CA ALA D 306 -25.39 47.24 15.48
C ALA D 306 -24.13 47.11 14.59
N HIS D 307 -23.72 45.89 14.30
CA HIS D 307 -22.58 45.66 13.41
C HIS D 307 -22.82 46.40 12.07
N ASN D 308 -24.03 46.25 11.55
CA ASN D 308 -24.36 46.77 10.24
C ASN D 308 -24.24 48.30 10.29
N ILE D 309 -24.74 48.87 11.38
CA ILE D 309 -24.77 50.32 11.51
C ILE D 309 -23.36 50.91 11.56
N HIS D 310 -22.46 50.29 12.31
CA HIS D 310 -21.11 50.75 12.31
C HIS D 310 -20.42 50.72 10.95
N LEU D 311 -20.63 49.62 10.24
CA LEU D 311 -20.03 49.47 8.93
C LEU D 311 -20.61 50.57 8.00
N SER D 312 -21.87 50.94 8.25
CA SER D 312 -22.64 51.80 7.36
C SER D 312 -22.16 53.22 7.38
N THR D 313 -21.22 53.51 8.27
CA THR D 313 -20.70 54.86 8.43
C THR D 313 -19.59 55.17 7.41
N LEU D 314 -19.17 54.17 6.65
CA LEU D 314 -18.07 54.40 5.72
C LEU D 314 -18.67 55.20 4.60
N SER D 315 -17.85 56.01 3.95
CA SER D 315 -18.41 57.08 3.10
C SER D 315 -19.00 56.67 1.76
N ASN D 316 -18.77 55.45 1.29
CA ASN D 316 -19.40 55.03 0.03
C ASN D 316 -20.72 54.31 0.24
N PHE D 317 -21.19 54.24 1.49
CA PHE D 317 -22.58 53.84 1.74
C PHE D 317 -23.42 55.04 1.42
N ARG D 318 -23.66 55.24 0.13
CA ARG D 318 -24.24 56.47 -0.39
C ARG D 318 -25.71 56.34 -0.65
N LEU D 319 -26.21 55.12 -0.52
CA LEU D 319 -27.63 54.86 -0.64
C LEU D 319 -28.11 54.30 0.68
N PRO D 320 -29.37 54.60 1.05
CA PRO D 320 -29.94 54.26 2.34
C PRO D 320 -29.97 52.75 2.53
N GLY D 321 -29.62 52.33 3.74
CA GLY D 321 -29.50 50.90 4.05
C GLY D 321 -30.77 50.24 4.56
N ASP D 322 -30.79 48.92 4.52
CA ASP D 322 -31.97 48.15 4.91
C ASP D 322 -32.03 47.98 6.39
N THR D 323 -31.53 48.97 7.11
CA THR D 323 -31.40 48.91 8.56
C THR D 323 -32.53 49.64 9.31
N SER D 324 -33.72 49.06 9.32
CA SER D 324 -34.76 49.76 10.07
C SER D 324 -34.69 49.49 11.58
N SER D 325 -35.81 49.72 12.26
CA SER D 325 -35.85 49.74 13.71
C SER D 325 -36.03 48.38 14.35
N ALA D 326 -35.28 48.15 15.42
CA ALA D 326 -35.53 47.02 16.31
C ALA D 326 -37.03 46.74 16.44
N SER D 327 -37.79 47.72 16.91
CA SER D 327 -39.20 47.53 17.21
C SER D 327 -40.10 47.16 16.01
N ARG D 328 -39.59 47.20 14.79
CA ARG D 328 -40.36 46.79 13.63
C ARG D 328 -40.43 45.29 13.53
N TYR D 329 -39.51 44.59 14.20
CA TYR D 329 -39.44 43.15 14.01
C TYR D 329 -39.56 42.37 15.31
N TRP D 330 -39.12 42.97 16.42
CA TRP D 330 -39.14 42.25 17.68
C TRP D 330 -39.91 43.02 18.73
N GLU D 331 -40.72 42.30 19.49
CA GLU D 331 -41.34 42.88 20.67
C GLU D 331 -40.27 43.18 21.74
N ARG D 332 -39.24 42.33 21.81
CA ARG D 332 -38.10 42.58 22.68
C ARG D 332 -36.85 42.07 21.99
N ASP D 333 -35.84 42.94 21.90
CA ASP D 333 -34.61 42.61 21.20
C ASP D 333 -33.72 42.00 22.27
N LEU D 334 -32.59 41.42 21.85
CA LEU D 334 -31.59 40.78 22.72
C LEU D 334 -30.54 41.74 23.35
N ILE D 335 -30.61 43.02 23.00
CA ILE D 335 -29.66 43.97 23.58
C ILE D 335 -30.40 44.99 24.46
N GLN D 336 -29.68 45.67 25.34
CA GLN D 336 -30.34 46.65 26.20
C GLN D 336 -30.71 47.92 25.42
N GLU D 337 -29.85 48.29 24.47
CA GLU D 337 -29.99 49.54 23.77
C GLU D 337 -31.11 49.49 22.71
N PRO D 338 -31.89 50.57 22.60
CA PRO D 338 -32.84 50.76 21.53
C PRO D 338 -32.12 51.10 20.25
N LEU D 339 -32.51 50.51 19.14
CA LEU D 339 -31.92 50.90 17.89
C LEU D 339 -33.06 51.36 17.00
N GLU D 340 -33.37 52.65 17.07
CA GLU D 340 -34.55 53.21 16.40
C GLU D 340 -34.18 54.37 15.49
N ALA D 341 -34.74 54.36 14.29
CA ALA D 341 -34.53 55.47 13.34
C ALA D 341 -35.65 56.49 13.48
N VAL D 342 -35.31 57.76 13.22
CA VAL D 342 -36.30 58.82 13.09
C VAL D 342 -36.04 59.57 11.79
N ASP D 343 -37.08 59.78 11.00
CA ASP D 343 -36.91 60.56 9.79
C ASP D 343 -35.82 59.94 8.89
N GLY D 344 -35.70 58.62 8.96
CA GLY D 344 -34.94 57.89 7.97
C GLY D 344 -33.47 57.93 8.32
N LEU D 345 -33.17 58.42 9.53
CA LEU D 345 -31.80 58.47 10.05
C LEU D 345 -31.58 57.60 11.32
N MET D 346 -30.70 56.62 11.20
CA MET D 346 -30.38 55.75 12.31
C MET D 346 -29.12 56.22 13.07
N PRO D 347 -29.25 56.50 14.38
CA PRO D 347 -28.05 56.99 15.07
C PRO D 347 -27.06 55.85 15.35
N VAL D 348 -25.77 56.12 15.31
CA VAL D 348 -24.75 55.14 15.64
C VAL D 348 -24.69 54.90 17.16
N PRO D 349 -25.05 53.67 17.63
CA PRO D 349 -25.06 53.41 19.08
C PRO D 349 -23.69 53.60 19.71
N GLN D 350 -23.63 54.45 20.73
CA GLN D 350 -22.37 54.85 21.36
C GLN D 350 -21.79 53.75 22.28
N GLY D 351 -20.47 53.83 22.48
CA GLY D 351 -19.74 52.81 23.22
C GLY D 351 -18.60 52.22 22.40
N PRO D 352 -17.72 51.46 23.05
CA PRO D 352 -16.65 50.85 22.27
C PRO D 352 -17.20 49.65 21.47
N GLY D 353 -16.46 49.21 20.47
CA GLY D 353 -16.92 48.13 19.62
C GLY D 353 -18.26 48.51 19.02
N THR D 354 -19.21 47.60 19.10
CA THR D 354 -20.53 47.78 18.50
C THR D 354 -21.40 48.78 19.26
N GLY D 355 -20.93 49.19 20.43
CA GLY D 355 -21.73 50.09 21.28
C GLY D 355 -23.03 49.50 21.85
N VAL D 356 -23.21 48.19 21.76
CA VAL D 356 -24.41 47.57 22.31
C VAL D 356 -24.02 46.42 23.21
N THR D 357 -24.97 45.98 24.01
CA THR D 357 -24.73 45.09 25.15
C THR D 357 -25.85 44.05 25.23
N LEU D 358 -25.48 42.78 25.28
CA LEU D 358 -26.49 41.73 25.38
C LEU D 358 -27.31 41.89 26.64
N ASP D 359 -28.59 41.60 26.53
CA ASP D 359 -29.46 41.51 27.71
C ASP D 359 -29.43 40.04 28.07
N ARG D 360 -28.55 39.67 28.98
CA ARG D 360 -28.27 38.25 29.22
C ARG D 360 -29.43 37.52 29.89
N GLU D 361 -30.13 38.23 30.78
CA GLU D 361 -31.29 37.64 31.43
C GLU D 361 -32.37 37.33 30.39
N PHE D 362 -32.72 38.32 29.57
CA PHE D 362 -33.70 38.08 28.51
C PHE D 362 -33.27 37.02 27.51
N LEU D 363 -32.01 37.10 27.06
CA LEU D 363 -31.42 36.08 26.18
C LEU D 363 -31.61 34.67 26.75
N ALA D 364 -31.30 34.50 28.03
CA ALA D 364 -31.53 33.23 28.72
C ALA D 364 -32.91 32.65 28.45
N THR D 365 -33.97 33.46 28.54
CA THR D 365 -35.33 32.93 28.35
C THR D 365 -35.60 32.40 26.91
N VAL D 366 -34.82 32.88 25.92
CA VAL D 366 -35.04 32.45 24.53
C VAL D 366 -33.90 31.61 23.92
N THR D 367 -32.98 31.17 24.77
CA THR D 367 -31.87 30.35 24.35
C THR D 367 -32.39 28.94 24.17
N GLU D 368 -32.05 28.31 23.06
CA GLU D 368 -32.41 26.93 22.83
C GLU D 368 -31.17 26.00 22.80
N ALA D 369 -29.98 26.59 22.67
CA ALA D 369 -28.72 25.84 22.81
C ALA D 369 -27.54 26.74 23.19
N GLN D 370 -26.65 26.23 24.03
CA GLN D 370 -25.40 26.89 24.30
C GLN D 370 -24.28 25.90 24.54
N GLU D 371 -23.06 26.29 24.24
CA GLU D 371 -21.91 25.46 24.49
C GLU D 371 -20.77 26.43 24.71
N GLU D 372 -19.72 25.98 25.38
CA GLU D 372 -18.56 26.84 25.54
C GLU D 372 -17.29 26.11 25.13
N HIS D 373 -16.41 26.80 24.40
CA HIS D 373 -15.18 26.19 23.95
C HIS D 373 -13.98 26.90 24.53
N ARG D 374 -13.05 26.11 25.06
CA ARG D 374 -11.84 26.66 25.67
C ARG D 374 -10.56 26.16 25.02
N ALA D 375 -9.49 26.88 25.29
CA ALA D 375 -8.14 26.47 24.96
C ALA D 375 -7.90 25.05 25.46
#